data_2MJA
#
_entry.id   2MJA
#
_entity_poly.entity_id   1
_entity_poly.type   'polypeptide(L)'
_entity_poly.pdbx_seq_one_letter_code
;MLMITSFANPRVAQAFVDYMATQGVILTIQQHNQSDVWLADESQAERVRAELARFLENPADLEHHHHHH
;
_entity_poly.pdbx_strand_id   A,B
#
# COMPACT_ATOMS: atom_id res chain seq x y z
N MET A 1 -19.20 3.43 10.92
CA MET A 1 -18.39 3.42 9.71
C MET A 1 -18.61 2.14 8.92
N LEU A 2 -19.07 2.29 7.68
CA LEU A 2 -19.32 1.14 6.82
C LEU A 2 -18.47 1.20 5.55
N MET A 3 -17.62 0.20 5.36
CA MET A 3 -16.76 0.16 4.19
C MET A 3 -17.58 0.18 2.90
N ILE A 4 -17.41 1.24 2.11
CA ILE A 4 -18.14 1.38 0.86
C ILE A 4 -17.59 0.42 -0.21
N THR A 5 -16.27 0.41 -0.36
CA THR A 5 -15.62 -0.46 -1.33
C THR A 5 -14.11 -0.40 -1.21
N SER A 6 -13.41 -1.16 -2.06
CA SER A 6 -11.96 -1.19 -2.04
C SER A 6 -11.39 -0.99 -3.44
N PHE A 7 -10.43 -0.09 -3.56
CA PHE A 7 -9.81 0.19 -4.85
C PHE A 7 -8.31 -0.07 -4.79
N ALA A 8 -7.67 -0.09 -5.95
CA ALA A 8 -6.23 -0.32 -6.04
C ALA A 8 -5.53 0.79 -6.81
N ASN A 9 -6.03 2.02 -6.64
CA ASN A 9 -5.44 3.17 -7.32
C ASN A 9 -5.90 4.47 -6.67
N PRO A 10 -4.99 5.45 -6.60
CA PRO A 10 -5.28 6.77 -6.01
C PRO A 10 -6.26 7.58 -6.86
N ARG A 11 -6.01 7.63 -8.16
CA ARG A 11 -6.87 8.38 -9.07
C ARG A 11 -8.33 8.00 -8.87
N VAL A 12 -8.61 6.69 -8.91
CA VAL A 12 -9.97 6.20 -8.74
C VAL A 12 -10.52 6.58 -7.37
N ALA A 13 -9.81 6.18 -6.32
CA ALA A 13 -10.23 6.48 -4.96
C ALA A 13 -10.60 7.94 -4.81
N GLN A 14 -9.66 8.83 -5.09
CA GLN A 14 -9.90 10.26 -4.99
C GLN A 14 -11.09 10.68 -5.84
N ALA A 15 -11.05 10.32 -7.12
CA ALA A 15 -12.14 10.65 -8.04
C ALA A 15 -13.49 10.25 -7.47
N PHE A 16 -13.57 9.03 -6.94
CA PHE A 16 -14.82 8.54 -6.36
C PHE A 16 -15.29 9.45 -5.24
N VAL A 17 -14.49 9.55 -4.18
CA VAL A 17 -14.82 10.39 -3.04
C VAL A 17 -15.06 11.84 -3.46
N ASP A 18 -14.49 12.20 -4.61
CA ASP A 18 -14.64 13.56 -5.13
C ASP A 18 -16.07 13.81 -5.60
N TYR A 19 -16.53 13.01 -6.55
CA TYR A 19 -17.88 13.15 -7.08
C TYR A 19 -18.92 12.86 -6.01
N MET A 20 -18.52 12.12 -4.98
CA MET A 20 -19.42 11.77 -3.88
C MET A 20 -19.52 12.92 -2.90
N ALA A 21 -18.41 13.60 -2.65
CA ALA A 21 -18.38 14.72 -1.72
C ALA A 21 -19.14 15.91 -2.28
N THR A 22 -18.95 16.18 -3.57
CA THR A 22 -19.61 17.30 -4.23
C THR A 22 -21.11 17.03 -4.38
N GLN A 23 -21.51 15.79 -4.15
CA GLN A 23 -22.91 15.41 -4.27
C GLN A 23 -23.60 15.46 -2.91
N GLY A 24 -22.83 15.75 -1.87
CA GLY A 24 -23.39 15.84 -0.53
C GLY A 24 -23.09 14.60 0.29
N VAL A 25 -22.14 13.79 -0.17
CA VAL A 25 -21.77 12.56 0.53
C VAL A 25 -20.26 12.52 0.78
N ILE A 26 -19.88 12.63 2.04
CA ILE A 26 -18.47 12.60 2.42
C ILE A 26 -17.95 11.16 2.50
N LEU A 27 -16.80 10.93 1.90
CA LEU A 27 -16.19 9.60 1.90
C LEU A 27 -14.75 9.66 2.38
N THR A 28 -14.20 8.51 2.77
CA THR A 28 -12.83 8.43 3.24
C THR A 28 -12.04 7.37 2.49
N ILE A 29 -10.76 7.62 2.29
CA ILE A 29 -9.89 6.69 1.58
C ILE A 29 -8.69 6.30 2.43
N GLN A 30 -8.29 5.03 2.33
CA GLN A 30 -7.15 4.52 3.09
C GLN A 30 -6.09 3.97 2.15
N GLN A 31 -5.01 4.73 1.96
CA GLN A 31 -3.93 4.30 1.09
C GLN A 31 -2.91 3.45 1.86
N HIS A 32 -3.00 2.14 1.68
CA HIS A 32 -2.09 1.21 2.36
C HIS A 32 -0.63 1.56 2.05
N ASN A 33 0.25 1.32 3.02
CA ASN A 33 1.67 1.60 2.86
C ASN A 33 2.52 0.62 3.64
N GLN A 34 3.20 -0.27 2.93
CA GLN A 34 4.05 -1.28 3.57
C GLN A 34 5.20 -1.67 2.65
N SER A 35 6.42 -1.58 3.17
CA SER A 35 7.61 -1.92 2.39
C SER A 35 8.24 -3.20 2.91
N ASP A 36 8.01 -4.30 2.19
CA ASP A 36 8.56 -5.59 2.58
C ASP A 36 9.95 -5.81 1.98
N VAL A 37 10.91 -6.12 2.83
CA VAL A 37 12.28 -6.34 2.37
C VAL A 37 12.58 -7.83 2.25
N TRP A 38 12.90 -8.26 1.04
CA TRP A 38 13.21 -9.66 0.78
C TRP A 38 14.56 -9.81 0.08
N LEU A 39 15.30 -10.86 0.43
CA LEU A 39 16.60 -11.11 -0.17
C LEU A 39 16.60 -12.41 -0.96
N ALA A 40 17.46 -12.49 -1.97
CA ALA A 40 17.55 -13.68 -2.81
C ALA A 40 18.77 -14.51 -2.42
N ASP A 41 19.81 -13.85 -1.91
CA ASP A 41 21.02 -14.53 -1.50
C ASP A 41 20.92 -15.02 -0.06
N GLU A 42 20.40 -16.23 0.12
CA GLU A 42 20.24 -16.80 1.45
C GLU A 42 21.53 -16.69 2.24
N SER A 43 22.65 -17.00 1.61
CA SER A 43 23.95 -16.94 2.25
C SER A 43 24.19 -15.56 2.86
N GLN A 44 23.68 -14.53 2.19
CA GLN A 44 23.83 -13.16 2.66
C GLN A 44 22.72 -12.79 3.62
N ALA A 45 21.68 -13.61 3.66
CA ALA A 45 20.55 -13.37 4.55
C ALA A 45 21.01 -13.23 6.00
N GLU A 46 22.16 -13.82 6.32
CA GLU A 46 22.70 -13.76 7.66
C GLU A 46 23.38 -12.41 7.92
N ARG A 47 24.37 -12.09 7.10
CA ARG A 47 25.10 -10.84 7.24
C ARG A 47 24.14 -9.65 7.22
N VAL A 48 23.09 -9.76 6.41
CA VAL A 48 22.10 -8.69 6.29
C VAL A 48 21.22 -8.62 7.54
N ARG A 49 20.83 -9.79 8.05
CA ARG A 49 19.99 -9.87 9.23
C ARG A 49 20.65 -9.17 10.41
N ALA A 50 21.95 -9.39 10.58
CA ALA A 50 22.70 -8.78 11.67
C ALA A 50 22.84 -7.28 11.46
N GLU A 51 23.42 -6.90 10.32
CA GLU A 51 23.62 -5.49 10.00
C GLU A 51 22.31 -4.71 10.07
N LEU A 52 21.26 -5.31 9.51
CA LEU A 52 19.94 -4.67 9.51
C LEU A 52 19.44 -4.44 10.94
N ALA A 53 19.47 -5.49 11.75
CA ALA A 53 19.03 -5.41 13.13
C ALA A 53 19.81 -4.33 13.89
N ARG A 54 21.08 -4.15 13.51
CA ARG A 54 21.92 -3.15 14.16
C ARG A 54 21.61 -1.75 13.63
N PHE A 55 21.12 -1.68 12.40
CA PHE A 55 20.78 -0.41 11.78
C PHE A 55 19.41 0.07 12.24
N LEU A 56 18.48 -0.86 12.38
CA LEU A 56 17.12 -0.53 12.81
C LEU A 56 17.14 0.20 14.14
N GLU A 57 18.00 -0.24 15.05
CA GLU A 57 18.12 0.37 16.36
C GLU A 57 18.92 1.67 16.28
N ASN A 58 19.39 2.00 15.09
CA ASN A 58 20.17 3.21 14.88
C ASN A 58 19.42 4.20 13.99
N PRO A 59 18.37 4.81 14.55
CA PRO A 59 17.55 5.79 13.83
C PRO A 59 18.29 7.09 13.55
N ALA A 60 18.87 7.20 12.35
CA ALA A 60 19.60 8.39 11.96
C ALA A 60 19.53 8.61 10.46
N ASP A 61 19.81 7.56 9.70
CA ASP A 61 19.77 7.64 8.24
C ASP A 61 18.49 7.02 7.69
N LEU A 62 18.25 5.77 8.05
CA LEU A 62 17.05 5.06 7.60
C LEU A 62 15.80 5.89 7.83
N GLU A 63 15.83 6.71 8.87
CA GLU A 63 14.69 7.57 9.20
C GLU A 63 14.68 8.81 8.32
N MET B 1 14.39 -17.18 -2.03
CA MET B 1 14.07 -15.84 -1.53
C MET B 1 13.68 -15.90 -0.07
N LEU B 2 14.42 -15.17 0.76
CA LEU B 2 14.14 -15.13 2.20
C LEU B 2 13.85 -13.70 2.65
N MET B 3 12.66 -13.49 3.22
CA MET B 3 12.26 -12.18 3.70
C MET B 3 13.25 -11.66 4.75
N ILE B 4 13.93 -10.57 4.43
CA ILE B 4 14.89 -9.98 5.35
C ILE B 4 14.19 -9.29 6.52
N THR B 5 13.20 -8.47 6.20
CA THR B 5 12.45 -7.75 7.23
C THR B 5 11.31 -6.95 6.62
N SER B 6 10.39 -6.49 7.47
CA SER B 6 9.24 -5.72 7.00
C SER B 6 9.29 -4.30 7.56
N PHE B 7 9.07 -3.32 6.68
CA PHE B 7 9.09 -1.93 7.08
C PHE B 7 7.78 -1.23 6.71
N ALA B 8 7.57 -0.04 7.26
CA ALA B 8 6.36 0.72 6.98
C ALA B 8 6.69 2.14 6.54
N ASN B 9 7.71 2.27 5.70
CA ASN B 9 8.14 3.58 5.21
C ASN B 9 9.11 3.43 4.05
N PRO B 10 8.98 4.31 3.04
CA PRO B 10 9.84 4.31 1.86
C PRO B 10 11.27 4.74 2.18
N ARG B 11 11.41 5.83 2.92
CA ARG B 11 12.71 6.34 3.30
C ARG B 11 13.57 5.24 3.92
N VAL B 12 12.98 4.51 4.87
CA VAL B 12 13.69 3.43 5.55
C VAL B 12 13.98 2.28 4.60
N ALA B 13 12.94 1.76 3.98
CA ALA B 13 13.08 0.65 3.03
C ALA B 13 14.19 0.93 2.02
N GLN B 14 14.03 2.03 1.28
CA GLN B 14 15.02 2.42 0.28
C GLN B 14 16.40 2.58 0.90
N ALA B 15 16.46 3.34 2.00
CA ALA B 15 17.73 3.57 2.68
C ALA B 15 18.43 2.26 3.01
N PHE B 16 17.66 1.29 3.53
CA PHE B 16 18.20 -0.01 3.88
C PHE B 16 18.83 -0.69 2.67
N VAL B 17 18.00 -0.97 1.66
CA VAL B 17 18.46 -1.62 0.44
C VAL B 17 19.56 -0.80 -0.23
N ASP B 18 19.60 0.49 0.07
CA ASP B 18 20.60 1.38 -0.50
C ASP B 18 21.98 1.08 0.07
N TYR B 19 22.11 1.22 1.39
CA TYR B 19 23.38 0.97 2.06
C TYR B 19 23.80 -0.48 1.90
N MET B 20 22.83 -1.35 1.68
CA MET B 20 23.10 -2.78 1.51
C MET B 20 23.64 -3.07 0.12
N ALA B 21 23.04 -2.45 -0.89
CA ALA B 21 23.47 -2.64 -2.27
C ALA B 21 24.88 -2.10 -2.49
N THR B 22 25.14 -0.93 -1.92
CA THR B 22 26.46 -0.30 -2.05
C THR B 22 27.51 -1.05 -1.23
N GLN B 23 27.05 -1.94 -0.35
CA GLN B 23 27.95 -2.72 0.49
C GLN B 23 28.25 -4.08 -0.14
N GLY B 24 27.60 -4.36 -1.26
CA GLY B 24 27.80 -5.62 -1.95
C GLY B 24 26.67 -6.61 -1.69
N VAL B 25 25.54 -6.10 -1.20
CA VAL B 25 24.38 -6.93 -0.92
C VAL B 25 23.13 -6.38 -1.57
N ILE B 26 22.61 -7.11 -2.55
CA ILE B 26 21.41 -6.69 -3.27
C ILE B 26 20.15 -7.06 -2.48
N LEU B 27 19.24 -6.11 -2.36
CA LEU B 27 17.98 -6.34 -1.65
C LEU B 27 16.79 -5.89 -2.48
N THR B 28 15.60 -6.36 -2.10
CA THR B 28 14.38 -6.01 -2.82
C THR B 28 13.33 -5.46 -1.86
N ILE B 29 12.53 -4.52 -2.35
CA ILE B 29 11.48 -3.92 -1.53
C ILE B 29 10.13 -4.03 -2.22
N GLN B 30 9.08 -4.24 -1.41
CA GLN B 30 7.73 -4.37 -1.95
C GLN B 30 6.80 -3.34 -1.31
N GLN B 31 6.48 -2.30 -2.07
CA GLN B 31 5.61 -1.23 -1.59
C GLN B 31 4.15 -1.53 -1.93
N HIS B 32 3.35 -1.81 -0.91
CA HIS B 32 1.94 -2.12 -1.10
C HIS B 32 1.18 -0.89 -1.55
N ASN B 33 0.04 -1.10 -2.22
CA ASN B 33 -0.78 -0.01 -2.71
C ASN B 33 -2.25 -0.42 -2.77
N GLN B 34 -3.07 0.18 -1.92
CA GLN B 34 -4.49 -0.12 -1.88
C GLN B 34 -5.28 1.04 -1.26
N SER B 35 -6.34 1.45 -1.93
CA SER B 35 -7.17 2.54 -1.45
C SER B 35 -8.55 2.03 -1.00
N ASP B 36 -8.72 1.89 0.31
CA ASP B 36 -9.98 1.41 0.86
C ASP B 36 -10.95 2.57 1.08
N VAL B 37 -12.16 2.42 0.54
CA VAL B 37 -13.18 3.45 0.67
C VAL B 37 -14.18 3.10 1.77
N TRP B 38 -14.25 3.96 2.78
CA TRP B 38 -15.17 3.75 3.89
C TRP B 38 -16.04 4.98 4.13
N LEU B 39 -17.31 4.74 4.46
CA LEU B 39 -18.25 5.83 4.71
C LEU B 39 -18.66 5.86 6.18
N ALA B 40 -19.03 7.05 6.66
CA ALA B 40 -19.46 7.21 8.03
C ALA B 40 -20.98 7.33 8.14
N ASP B 41 -21.59 7.84 7.08
CA ASP B 41 -23.05 8.00 7.05
C ASP B 41 -23.72 6.75 6.48
N GLU B 42 -24.04 5.80 7.35
CA GLU B 42 -24.68 4.56 6.93
C GLU B 42 -25.89 4.85 6.04
N SER B 43 -26.69 5.84 6.44
CA SER B 43 -27.87 6.21 5.69
C SER B 43 -27.52 6.52 4.24
N GLN B 44 -26.33 7.08 4.04
CA GLN B 44 -25.88 7.44 2.69
C GLN B 44 -25.15 6.26 2.04
N ALA B 45 -24.81 5.27 2.85
CA ALA B 45 -24.12 4.08 2.35
C ALA B 45 -24.86 3.48 1.15
N GLU B 46 -26.18 3.56 1.18
CA GLU B 46 -27.00 3.02 0.10
C GLU B 46 -26.81 3.83 -1.18
N ARG B 47 -26.89 5.14 -1.06
CA ARG B 47 -26.73 6.03 -2.21
C ARG B 47 -25.37 5.82 -2.87
N VAL B 48 -24.31 5.88 -2.07
CA VAL B 48 -22.96 5.70 -2.57
C VAL B 48 -22.78 4.32 -3.21
N ARG B 49 -23.39 3.31 -2.59
CA ARG B 49 -23.30 1.94 -3.09
C ARG B 49 -23.83 1.86 -4.52
N ALA B 50 -25.04 2.38 -4.73
CA ALA B 50 -25.66 2.36 -6.05
C ALA B 50 -24.84 3.16 -7.05
N GLU B 51 -24.65 4.45 -6.76
CA GLU B 51 -23.88 5.32 -7.64
C GLU B 51 -22.52 4.71 -7.97
N LEU B 52 -21.85 4.20 -6.94
CA LEU B 52 -20.53 3.59 -7.12
C LEU B 52 -20.59 2.48 -8.16
N ALA B 53 -21.47 1.50 -7.93
CA ALA B 53 -21.62 0.38 -8.85
C ALA B 53 -21.91 0.86 -10.26
N ARG B 54 -22.65 1.96 -10.37
CA ARG B 54 -22.99 2.52 -11.66
C ARG B 54 -21.80 3.26 -12.27
N PHE B 55 -20.89 3.71 -11.41
CA PHE B 55 -19.71 4.42 -11.86
C PHE B 55 -18.58 3.46 -12.25
N LEU B 56 -18.48 2.37 -11.50
CA LEU B 56 -17.45 1.36 -11.76
C LEU B 56 -17.57 0.83 -13.19
N GLU B 57 -18.79 0.68 -13.66
CA GLU B 57 -19.04 0.19 -15.01
C GLU B 57 -18.82 1.29 -16.04
N ASN B 58 -18.51 2.48 -15.56
CA ASN B 58 -18.27 3.63 -16.45
C ASN B 58 -16.82 4.09 -16.37
N PRO B 59 -15.92 3.28 -16.95
CA PRO B 59 -14.48 3.57 -16.96
C PRO B 59 -14.15 4.76 -17.86
N ALA B 60 -14.05 5.95 -17.27
CA ALA B 60 -13.74 7.16 -18.02
C ALA B 60 -13.14 8.23 -17.10
N ASP B 61 -13.80 8.48 -15.99
CA ASP B 61 -13.33 9.48 -15.03
C ASP B 61 -12.52 8.82 -13.92
N LEU B 62 -13.14 7.90 -13.20
CA LEU B 62 -12.48 7.20 -12.10
C LEU B 62 -11.11 6.69 -12.54
N GLU B 63 -11.02 6.24 -13.79
CA GLU B 63 -9.77 5.73 -14.32
C GLU B 63 -8.87 6.86 -14.79
N MET A 1 -19.22 3.52 10.93
CA MET A 1 -18.42 3.51 9.70
C MET A 1 -18.65 2.21 8.93
N LEU A 2 -19.10 2.34 7.69
CA LEU A 2 -19.34 1.18 6.84
C LEU A 2 -18.49 1.23 5.57
N MET A 3 -17.63 0.24 5.40
CA MET A 3 -16.77 0.17 4.23
C MET A 3 -17.59 0.17 2.94
N ILE A 4 -17.43 1.21 2.14
CA ILE A 4 -18.15 1.33 0.88
C ILE A 4 -17.61 0.37 -0.17
N THR A 5 -16.28 0.35 -0.30
CA THR A 5 -15.63 -0.53 -1.27
C THR A 5 -14.11 -0.45 -1.14
N SER A 6 -13.41 -1.18 -2.00
CA SER A 6 -11.95 -1.18 -1.99
C SER A 6 -11.40 -1.03 -3.41
N PHE A 7 -10.52 -0.05 -3.58
CA PHE A 7 -9.92 0.20 -4.88
C PHE A 7 -8.40 0.00 -4.83
N ALA A 8 -7.78 -0.08 -6.00
CA ALA A 8 -6.33 -0.27 -6.09
C ALA A 8 -5.68 0.82 -6.93
N ASN A 9 -6.00 2.08 -6.61
CA ASN A 9 -5.45 3.20 -7.35
C ASN A 9 -5.88 4.53 -6.71
N PRO A 10 -4.97 5.51 -6.71
CA PRO A 10 -5.24 6.83 -6.13
C PRO A 10 -6.24 7.63 -6.96
N ARG A 11 -6.01 7.68 -8.28
CA ARG A 11 -6.89 8.40 -9.17
C ARG A 11 -8.35 8.01 -8.96
N VAL A 12 -8.60 6.70 -8.92
CA VAL A 12 -9.95 6.17 -8.72
C VAL A 12 -10.48 6.56 -7.34
N ALA A 13 -9.73 6.20 -6.31
CA ALA A 13 -10.13 6.51 -4.94
C ALA A 13 -10.53 7.97 -4.80
N GLN A 14 -9.60 8.88 -5.09
CA GLN A 14 -9.85 10.30 -4.99
C GLN A 14 -11.05 10.69 -5.85
N ALA A 15 -11.02 10.30 -7.13
CA ALA A 15 -12.10 10.62 -8.05
C ALA A 15 -13.44 10.23 -7.47
N PHE A 16 -13.53 9.01 -6.93
CA PHE A 16 -14.77 8.53 -6.34
C PHE A 16 -15.24 9.44 -5.21
N VAL A 17 -14.43 9.56 -4.18
CA VAL A 17 -14.76 10.40 -3.04
C VAL A 17 -15.01 11.84 -3.47
N ASP A 18 -14.47 12.20 -4.63
CA ASP A 18 -14.64 13.55 -5.16
C ASP A 18 -16.08 13.78 -5.61
N TYR A 19 -16.54 12.97 -6.55
CA TYR A 19 -17.90 13.08 -7.07
C TYR A 19 -18.93 12.80 -5.98
N MET A 20 -18.50 12.06 -4.95
CA MET A 20 -19.38 11.73 -3.83
C MET A 20 -19.51 12.90 -2.86
N ALA A 21 -18.39 13.56 -2.60
CA ALA A 21 -18.37 14.70 -1.69
C ALA A 21 -19.14 15.88 -2.27
N THR A 22 -18.94 16.14 -3.56
CA THR A 22 -19.61 17.23 -4.23
C THR A 22 -21.11 16.98 -4.35
N GLN A 23 -21.52 15.74 -4.09
CA GLN A 23 -22.92 15.36 -4.17
C GLN A 23 -23.58 15.44 -2.79
N GLY A 24 -22.79 15.77 -1.78
CA GLY A 24 -23.31 15.88 -0.44
C GLY A 24 -22.99 14.67 0.42
N VAL A 25 -22.18 13.77 -0.13
CA VAL A 25 -21.79 12.57 0.59
C VAL A 25 -20.28 12.51 0.82
N ILE A 26 -19.87 12.64 2.07
CA ILE A 26 -18.46 12.61 2.42
C ILE A 26 -17.94 11.17 2.50
N LEU A 27 -16.80 10.93 1.87
CA LEU A 27 -16.20 9.60 1.87
C LEU A 27 -14.75 9.66 2.35
N THR A 28 -14.21 8.50 2.74
CA THR A 28 -12.84 8.42 3.23
C THR A 28 -12.05 7.36 2.47
N ILE A 29 -10.77 7.61 2.26
CA ILE A 29 -9.91 6.67 1.55
C ILE A 29 -8.71 6.28 2.40
N GLN A 30 -8.31 5.02 2.30
CA GLN A 30 -7.17 4.51 3.06
C GLN A 30 -6.10 3.95 2.12
N GLN A 31 -5.04 4.72 1.93
CA GLN A 31 -3.94 4.30 1.06
C GLN A 31 -2.82 3.67 1.86
N HIS A 32 -2.44 2.45 1.50
CA HIS A 32 -1.37 1.72 2.18
C HIS A 32 -0.42 1.07 1.19
N ASN A 33 0.59 1.82 0.78
CA ASN A 33 1.57 1.31 -0.18
C ASN A 33 2.56 0.37 0.51
N GLN A 34 3.11 -0.56 -0.26
CA GLN A 34 4.07 -1.53 0.27
C GLN A 34 5.26 -1.68 -0.67
N SER A 35 6.16 -2.59 -0.32
CA SER A 35 7.35 -2.83 -1.13
C SER A 35 7.96 -4.19 -0.80
N ASP A 36 7.63 -5.18 -1.62
CA ASP A 36 8.15 -6.53 -1.42
C ASP A 36 9.52 -6.70 -2.06
N VAL A 37 10.50 -7.09 -1.25
CA VAL A 37 11.86 -7.28 -1.74
C VAL A 37 12.15 -8.75 -2.02
N TRP A 38 12.42 -9.08 -3.27
CA TRP A 38 12.72 -10.46 -3.66
C TRP A 38 14.05 -10.54 -4.40
N LEU A 39 14.80 -11.61 -4.15
CA LEU A 39 16.08 -11.81 -4.80
C LEU A 39 16.06 -13.02 -5.72
N ALA A 40 16.91 -13.01 -6.74
CA ALA A 40 16.98 -14.11 -7.69
C ALA A 40 18.19 -15.00 -7.41
N ASP A 41 19.23 -14.40 -6.85
CA ASP A 41 20.46 -15.14 -6.52
C ASP A 41 20.37 -15.75 -5.13
N GLU A 42 19.79 -16.95 -5.04
CA GLU A 42 19.65 -17.64 -3.77
C GLU A 42 20.97 -17.66 -3.01
N SER A 43 22.06 -17.96 -3.71
CA SER A 43 23.38 -18.01 -3.11
C SER A 43 23.71 -16.70 -2.41
N GLN A 44 23.22 -15.60 -2.96
CA GLN A 44 23.46 -14.29 -2.38
C GLN A 44 22.39 -13.94 -1.35
N ALA A 45 21.31 -14.71 -1.34
CA ALA A 45 20.22 -14.49 -0.39
C ALA A 45 20.75 -14.42 1.04
N GLU A 46 21.77 -15.21 1.34
CA GLU A 46 22.36 -15.22 2.67
C GLU A 46 23.03 -13.90 2.99
N ARG A 47 23.86 -13.42 2.06
CA ARG A 47 24.57 -12.16 2.24
C ARG A 47 23.59 -11.02 2.46
N VAL A 48 22.66 -10.85 1.53
CA VAL A 48 21.66 -9.80 1.62
C VAL A 48 20.89 -9.87 2.94
N ARG A 49 20.57 -11.08 3.35
CA ARG A 49 19.84 -11.30 4.60
C ARG A 49 20.59 -10.70 5.78
N ALA A 50 21.86 -11.08 5.92
CA ALA A 50 22.69 -10.58 7.01
C ALA A 50 22.80 -9.06 6.97
N GLU A 51 23.33 -8.54 5.86
CA GLU A 51 23.49 -7.10 5.70
C GLU A 51 22.16 -6.38 5.97
N LEU A 52 21.09 -6.89 5.37
CA LEU A 52 19.78 -6.28 5.55
C LEU A 52 19.44 -6.10 7.02
N ALA A 53 19.47 -7.21 7.77
CA ALA A 53 19.17 -7.17 9.20
C ALA A 53 20.05 -6.16 9.91
N ARG A 54 21.30 -6.06 9.48
CA ARG A 54 22.25 -5.13 10.08
C ARG A 54 21.93 -3.70 9.67
N PHE A 55 21.25 -3.54 8.54
CA PHE A 55 20.89 -2.23 8.03
C PHE A 55 19.58 -1.75 8.64
N LEU A 56 18.65 -2.68 8.82
CA LEU A 56 17.34 -2.35 9.40
C LEU A 56 17.50 -1.71 10.77
N GLU A 57 18.47 -2.19 11.54
CA GLU A 57 18.73 -1.66 12.87
C GLU A 57 19.50 -0.35 12.79
N ASN A 58 19.84 0.07 11.58
CA ASN A 58 20.58 1.31 11.37
C ASN A 58 19.73 2.32 10.60
N PRO A 59 18.69 2.85 11.27
CA PRO A 59 17.78 3.84 10.66
C PRO A 59 18.47 5.18 10.44
N ALA A 60 19.07 5.34 9.26
CA ALA A 60 19.76 6.58 8.91
C ALA A 60 19.61 6.89 7.43
N ASP A 61 19.98 5.94 6.59
CA ASP A 61 19.90 6.11 5.14
C ASP A 61 18.59 5.53 4.60
N LEU A 62 18.34 4.26 4.90
CA LEU A 62 17.14 3.59 4.46
C LEU A 62 15.89 4.43 4.77
N GLU A 63 15.96 5.18 5.87
CA GLU A 63 14.85 6.02 6.29
C GLU A 63 14.88 7.37 5.56
N MET B 1 13.81 -17.61 -7.27
CA MET B 1 13.50 -16.34 -6.63
C MET B 1 13.12 -16.55 -5.16
N LEU B 2 13.87 -15.91 -4.27
CA LEU B 2 13.61 -16.02 -2.83
C LEU B 2 13.32 -14.66 -2.22
N MET B 3 12.13 -14.50 -1.66
CA MET B 3 11.73 -13.24 -1.04
C MET B 3 12.70 -12.86 0.08
N ILE B 4 13.42 -11.76 -0.12
CA ILE B 4 14.38 -11.30 0.88
C ILE B 4 13.67 -10.72 2.10
N THR B 5 12.70 -9.85 1.87
CA THR B 5 11.94 -9.24 2.95
C THR B 5 10.83 -8.35 2.40
N SER B 6 10.04 -7.78 3.31
CA SER B 6 8.93 -6.91 2.91
C SER B 6 9.01 -5.56 3.65
N PHE B 7 9.01 -4.49 2.88
CA PHE B 7 9.09 -3.14 3.46
C PHE B 7 7.81 -2.36 3.18
N ALA B 8 7.58 -1.31 3.95
CA ALA B 8 6.40 -0.47 3.78
C ALA B 8 6.77 0.97 3.51
N ASN B 9 7.63 1.18 2.51
CA ASN B 9 8.07 2.52 2.14
C ASN B 9 9.00 2.47 0.94
N PRO B 10 8.85 3.45 0.04
CA PRO B 10 9.67 3.56 -1.17
C PRO B 10 11.12 3.92 -0.87
N ARG B 11 11.31 4.94 -0.05
CA ARG B 11 12.65 5.38 0.32
C ARG B 11 13.49 4.21 0.83
N VAL B 12 12.91 3.42 1.73
CA VAL B 12 13.60 2.26 2.29
C VAL B 12 13.84 1.19 1.23
N ALA B 13 12.76 0.75 0.59
CA ALA B 13 12.84 -0.27 -0.45
C ALA B 13 13.93 0.07 -1.46
N GLN B 14 13.79 1.23 -2.10
CA GLN B 14 14.77 1.67 -3.10
C GLN B 14 16.16 1.73 -2.50
N ALA B 15 16.29 2.41 -1.36
CA ALA B 15 17.58 2.54 -0.69
C ALA B 15 18.24 1.18 -0.49
N PHE B 16 17.46 0.22 -0.02
CA PHE B 16 17.97 -1.13 0.21
C PHE B 16 18.53 -1.73 -1.07
N VAL B 17 17.66 -1.90 -2.07
CA VAL B 17 18.06 -2.45 -3.36
C VAL B 17 19.18 -1.63 -3.99
N ASP B 18 19.28 -0.36 -3.59
CA ASP B 18 20.30 0.53 -4.11
C ASP B 18 21.68 0.13 -3.61
N TYR B 19 21.86 0.14 -2.30
CA TYR B 19 23.14 -0.22 -1.69
C TYR B 19 23.48 -1.68 -1.97
N MET B 20 22.46 -2.46 -2.26
CA MET B 20 22.65 -3.88 -2.55
C MET B 20 23.12 -4.09 -3.99
N ALA B 21 22.55 -3.32 -4.91
CA ALA B 21 22.90 -3.41 -6.32
C ALA B 21 24.34 -2.94 -6.55
N THR B 22 24.72 -1.85 -5.88
CA THR B 22 26.05 -1.29 -6.03
C THR B 22 27.08 -2.16 -5.32
N GLN B 23 26.61 -3.09 -4.50
CA GLN B 23 27.49 -3.98 -3.75
C GLN B 23 27.73 -5.28 -4.53
N GLY B 24 27.05 -5.41 -5.67
CA GLY B 24 27.21 -6.60 -6.49
C GLY B 24 26.04 -7.56 -6.32
N VAL B 25 24.97 -7.10 -5.69
CA VAL B 25 23.79 -7.92 -5.47
C VAL B 25 22.54 -7.24 -6.01
N ILE B 26 21.97 -7.83 -7.06
CA ILE B 26 20.76 -7.27 -7.66
C ILE B 26 19.51 -7.68 -6.88
N LEU B 27 18.65 -6.70 -6.63
CA LEU B 27 17.41 -6.95 -5.88
C LEU B 27 16.20 -6.40 -6.64
N THR B 28 15.03 -6.89 -6.28
CA THR B 28 13.79 -6.46 -6.92
C THR B 28 12.77 -6.00 -5.89
N ILE B 29 12.00 -4.97 -6.25
CA ILE B 29 10.99 -4.44 -5.35
C ILE B 29 9.59 -4.49 -6.00
N GLN B 30 8.58 -4.76 -5.18
CA GLN B 30 7.22 -4.84 -5.67
C GLN B 30 6.30 -3.90 -4.89
N GLN B 31 5.86 -2.83 -5.54
CA GLN B 31 4.98 -1.85 -4.91
C GLN B 31 3.53 -2.33 -4.93
N HIS B 32 2.85 -2.19 -3.80
CA HIS B 32 1.46 -2.61 -3.69
C HIS B 32 0.57 -1.42 -3.33
N ASN B 33 -0.02 -0.79 -4.34
CA ASN B 33 -0.90 0.35 -4.13
C ASN B 33 -2.32 -0.10 -3.84
N GLN B 34 -2.97 0.59 -2.91
CA GLN B 34 -4.35 0.26 -2.53
C GLN B 34 -5.09 1.49 -2.03
N SER B 35 -6.41 1.38 -1.92
CA SER B 35 -7.23 2.50 -1.45
C SER B 35 -8.59 2.00 -0.97
N ASP B 36 -8.73 1.87 0.34
CA ASP B 36 -9.98 1.39 0.92
C ASP B 36 -10.96 2.55 1.11
N VAL B 37 -12.16 2.39 0.57
CA VAL B 37 -13.19 3.42 0.68
C VAL B 37 -14.20 3.09 1.78
N TRP B 38 -14.27 3.96 2.78
CA TRP B 38 -15.19 3.76 3.89
C TRP B 38 -16.06 5.00 4.11
N LEU B 39 -17.33 4.77 4.43
CA LEU B 39 -18.26 5.87 4.67
C LEU B 39 -18.69 5.92 6.13
N ALA B 40 -19.06 7.10 6.60
CA ALA B 40 -19.49 7.28 7.98
C ALA B 40 -21.01 7.40 8.06
N ASP B 41 -21.63 7.90 7.00
CA ASP B 41 -23.07 8.05 6.96
C ASP B 41 -23.74 6.80 6.42
N GLU B 42 -24.03 5.86 7.32
CA GLU B 42 -24.68 4.61 6.93
C GLU B 42 -25.90 4.87 6.06
N SER B 43 -26.71 5.84 6.46
CA SER B 43 -27.92 6.20 5.72
C SER B 43 -27.59 6.50 4.26
N GLN B 44 -26.40 7.08 4.04
CA GLN B 44 -25.97 7.43 2.69
C GLN B 44 -25.24 6.27 2.04
N ALA B 45 -24.87 5.27 2.85
CA ALA B 45 -24.17 4.09 2.34
C ALA B 45 -24.89 3.50 1.14
N GLU B 46 -26.23 3.52 1.18
CA GLU B 46 -27.03 2.98 0.10
C GLU B 46 -26.85 3.78 -1.18
N ARG B 47 -26.89 5.10 -1.06
CA ARG B 47 -26.73 5.99 -2.21
C ARG B 47 -25.37 5.78 -2.85
N VAL B 48 -24.31 5.91 -2.05
CA VAL B 48 -22.95 5.75 -2.55
C VAL B 48 -22.76 4.37 -3.19
N ARG B 49 -23.37 3.35 -2.59
CA ARG B 49 -23.27 1.99 -3.10
C ARG B 49 -23.81 1.91 -4.53
N ALA B 50 -25.04 2.40 -4.72
CA ALA B 50 -25.67 2.38 -6.03
C ALA B 50 -24.84 3.15 -7.05
N GLU B 51 -24.61 4.43 -6.76
CA GLU B 51 -23.83 5.29 -7.65
C GLU B 51 -22.48 4.67 -7.96
N LEU B 52 -21.82 4.15 -6.92
CA LEU B 52 -20.51 3.52 -7.08
C LEU B 52 -20.56 2.42 -8.13
N ALA B 53 -21.45 1.46 -7.93
CA ALA B 53 -21.60 0.35 -8.88
C ALA B 53 -21.85 0.86 -10.29
N ARG B 54 -22.64 1.93 -10.40
CA ARG B 54 -22.97 2.51 -11.69
C ARG B 54 -21.77 3.26 -12.27
N PHE B 55 -20.86 3.68 -11.39
CA PHE B 55 -19.67 4.41 -11.81
C PHE B 55 -18.56 3.44 -12.20
N LEU B 56 -18.45 2.34 -11.49
CA LEU B 56 -17.42 1.34 -11.77
C LEU B 56 -17.51 0.85 -13.21
N GLU B 57 -18.74 0.69 -13.70
CA GLU B 57 -18.96 0.23 -15.07
C GLU B 57 -18.76 1.37 -16.07
N ASN B 58 -18.47 2.56 -15.54
CA ASN B 58 -18.26 3.73 -16.38
C ASN B 58 -16.81 4.22 -16.27
N PRO B 59 -15.88 3.45 -16.86
CA PRO B 59 -14.45 3.78 -16.85
C PRO B 59 -14.13 5.00 -17.71
N ALA B 60 -14.15 6.18 -17.09
CA ALA B 60 -13.85 7.41 -17.79
C ALA B 60 -13.15 8.42 -16.89
N ASP B 61 -13.82 8.82 -15.81
CA ASP B 61 -13.25 9.77 -14.86
C ASP B 61 -12.45 9.05 -13.78
N LEU B 62 -13.09 8.10 -13.11
CA LEU B 62 -12.44 7.34 -12.05
C LEU B 62 -11.08 6.80 -12.52
N GLU B 63 -10.99 6.50 -13.81
CA GLU B 63 -9.75 5.99 -14.39
C GLU B 63 -8.86 7.12 -14.85
N MET A 1 -19.00 3.85 10.94
CA MET A 1 -18.24 3.79 9.70
C MET A 1 -18.47 2.46 8.98
N LEU A 2 -18.98 2.53 7.76
CA LEU A 2 -19.25 1.34 6.97
C LEU A 2 -18.44 1.34 5.67
N MET A 3 -17.66 0.29 5.47
CA MET A 3 -16.83 0.17 4.27
C MET A 3 -17.69 0.22 3.01
N ILE A 4 -17.40 1.17 2.14
CA ILE A 4 -18.14 1.33 0.90
C ILE A 4 -17.60 0.41 -0.18
N THR A 5 -16.29 0.36 -0.31
CA THR A 5 -15.65 -0.49 -1.30
C THR A 5 -14.13 -0.46 -1.17
N SER A 6 -13.43 -1.12 -2.09
CA SER A 6 -11.98 -1.17 -2.07
C SER A 6 -11.41 -0.92 -3.46
N PHE A 7 -10.42 -0.04 -3.55
CA PHE A 7 -9.79 0.29 -4.82
C PHE A 7 -8.31 -0.06 -4.80
N ALA A 8 -7.68 -0.07 -5.98
CA ALA A 8 -6.26 -0.38 -6.09
C ALA A 8 -5.51 0.73 -6.80
N ASN A 9 -6.05 1.95 -6.73
CA ASN A 9 -5.43 3.10 -7.37
C ASN A 9 -5.85 4.40 -6.68
N PRO A 10 -4.94 5.38 -6.65
CA PRO A 10 -5.18 6.68 -6.04
C PRO A 10 -6.19 7.52 -6.82
N ARG A 11 -5.99 7.57 -8.14
CA ARG A 11 -6.88 8.34 -9.00
C ARG A 11 -8.35 7.96 -8.75
N VAL A 12 -8.63 6.66 -8.75
CA VAL A 12 -9.97 6.17 -8.53
C VAL A 12 -10.48 6.58 -7.15
N ALA A 13 -9.69 6.28 -6.12
CA ALA A 13 -10.06 6.61 -4.75
C ALA A 13 -10.49 8.08 -4.64
N GLN A 14 -9.55 8.98 -4.93
CA GLN A 14 -9.83 10.41 -4.85
C GLN A 14 -11.02 10.77 -5.74
N ALA A 15 -10.98 10.33 -6.99
CA ALA A 15 -12.05 10.61 -7.93
C ALA A 15 -13.42 10.26 -7.34
N PHE A 16 -13.58 8.99 -6.96
CA PHE A 16 -14.85 8.54 -6.38
C PHE A 16 -15.29 9.45 -5.25
N VAL A 17 -14.40 9.65 -4.28
CA VAL A 17 -14.70 10.51 -3.13
C VAL A 17 -14.98 11.94 -3.58
N ASP A 18 -14.49 12.30 -4.76
CA ASP A 18 -14.69 13.63 -5.30
C ASP A 18 -16.14 13.84 -5.71
N TYR A 19 -16.61 13.01 -6.64
CA TYR A 19 -17.99 13.10 -7.12
C TYR A 19 -18.97 12.78 -6.00
N MET A 20 -18.52 12.04 -5.01
CA MET A 20 -19.36 11.67 -3.88
C MET A 20 -19.51 12.84 -2.90
N ALA A 21 -18.41 13.53 -2.64
CA ALA A 21 -18.42 14.66 -1.72
C ALA A 21 -19.23 15.82 -2.29
N THR A 22 -19.06 16.07 -3.59
CA THR A 22 -19.76 17.15 -4.27
C THR A 22 -21.26 16.86 -4.35
N GLN A 23 -21.63 15.62 -4.06
CA GLN A 23 -23.03 15.20 -4.11
C GLN A 23 -23.67 15.29 -2.72
N GLY A 24 -22.87 15.69 -1.73
CA GLY A 24 -23.37 15.81 -0.37
C GLY A 24 -22.98 14.64 0.50
N VAL A 25 -22.31 13.65 -0.10
CA VAL A 25 -21.88 12.47 0.63
C VAL A 25 -20.37 12.47 0.82
N ILE A 26 -19.92 12.61 2.06
CA ILE A 26 -18.51 12.62 2.38
C ILE A 26 -17.95 11.21 2.45
N LEU A 27 -16.88 10.96 1.69
CA LEU A 27 -16.25 9.64 1.68
C LEU A 27 -14.79 9.73 2.11
N THR A 28 -14.22 8.59 2.49
CA THR A 28 -12.83 8.54 2.94
C THR A 28 -12.07 7.43 2.23
N ILE A 29 -10.75 7.59 2.12
CA ILE A 29 -9.91 6.60 1.46
C ILE A 29 -8.78 6.15 2.38
N GLN A 30 -8.40 4.87 2.27
CA GLN A 30 -7.34 4.32 3.08
C GLN A 30 -6.22 3.75 2.21
N GLN A 31 -5.11 4.48 2.13
CA GLN A 31 -3.98 4.05 1.33
C GLN A 31 -3.06 3.13 2.13
N HIS A 32 -3.24 1.82 1.96
CA HIS A 32 -2.43 0.84 2.66
C HIS A 32 -0.94 1.14 2.50
N ASN A 33 -0.13 0.52 3.35
CA ASN A 33 1.31 0.73 3.30
C ASN A 33 2.06 -0.46 3.92
N GLN A 34 1.96 -1.61 3.26
CA GLN A 34 2.61 -2.82 3.75
C GLN A 34 3.78 -3.19 2.86
N SER A 35 4.99 -2.80 3.26
CA SER A 35 6.19 -3.08 2.50
C SER A 35 6.61 -4.54 2.68
N ASP A 36 6.29 -5.37 1.70
CA ASP A 36 6.63 -6.79 1.75
C ASP A 36 8.07 -7.02 1.28
N VAL A 37 8.85 -7.69 2.11
CA VAL A 37 10.25 -7.99 1.79
C VAL A 37 10.42 -9.41 1.30
N TRP A 38 10.91 -9.56 0.08
CA TRP A 38 11.12 -10.87 -0.52
C TRP A 38 12.54 -11.01 -1.05
N LEU A 39 13.08 -12.22 -0.94
CA LEU A 39 14.45 -12.48 -1.42
C LEU A 39 14.44 -13.54 -2.52
N ALA A 40 15.43 -13.46 -3.39
CA ALA A 40 15.54 -14.40 -4.50
C ALA A 40 16.61 -15.46 -4.21
N ASP A 41 17.60 -15.09 -3.41
CA ASP A 41 18.68 -16.01 -3.05
C ASP A 41 18.31 -16.83 -1.82
N GLU A 42 17.61 -17.94 -2.04
CA GLU A 42 17.20 -18.80 -0.94
C GLU A 42 18.37 -19.12 -0.02
N SER A 43 19.52 -19.44 -0.62
CA SER A 43 20.72 -19.77 0.14
C SER A 43 21.04 -18.66 1.13
N GLN A 44 20.77 -17.42 0.74
CA GLN A 44 21.05 -16.26 1.58
C GLN A 44 19.86 -15.96 2.50
N ALA A 45 18.71 -16.57 2.20
CA ALA A 45 17.51 -16.38 3.00
C ALA A 45 17.79 -16.61 4.47
N GLU A 46 18.66 -17.56 4.77
CA GLU A 46 19.01 -17.88 6.15
C GLU A 46 19.76 -16.72 6.80
N ARG A 47 20.79 -16.22 6.12
CA ARG A 47 21.58 -15.12 6.64
C ARG A 47 20.71 -13.90 6.92
N VAL A 48 19.97 -13.47 5.90
CA VAL A 48 19.09 -12.31 6.05
C VAL A 48 18.10 -12.50 7.19
N ARG A 49 17.57 -13.72 7.30
CA ARG A 49 16.61 -14.03 8.36
C ARG A 49 17.20 -13.75 9.74
N ALA A 50 18.40 -14.26 9.98
CA ALA A 50 19.08 -14.06 11.25
C ALA A 50 19.34 -12.58 11.51
N GLU A 51 20.11 -11.96 10.62
CA GLU A 51 20.44 -10.54 10.75
C GLU A 51 19.17 -9.70 10.93
N LEU A 52 18.17 -9.98 10.10
CA LEU A 52 16.90 -9.26 10.17
C LEU A 52 16.30 -9.32 11.57
N ALA A 53 16.19 -10.53 12.10
CA ALA A 53 15.65 -10.74 13.44
C ALA A 53 16.45 -9.97 14.48
N ARG A 54 17.75 -9.84 14.24
CA ARG A 54 18.62 -9.12 15.17
C ARG A 54 18.50 -7.61 14.98
N PHE A 55 18.06 -7.21 13.80
CA PHE A 55 17.89 -5.78 13.50
C PHE A 55 16.52 -5.29 13.95
N LEU A 56 15.49 -6.11 13.72
CA LEU A 56 14.13 -5.75 14.09
C LEU A 56 14.03 -5.49 15.59
N GLU A 57 14.81 -6.25 16.38
CA GLU A 57 14.82 -6.09 17.82
C GLU A 57 15.62 -4.86 18.24
N ASN A 58 16.21 -4.19 17.25
CA ASN A 58 17.01 -3.00 17.52
C ASN A 58 16.39 -1.77 16.85
N PRO A 59 15.22 -1.35 17.36
CA PRO A 59 14.51 -0.19 16.83
C PRO A 59 15.22 1.12 17.14
N ALA A 60 16.14 1.52 16.26
CA ALA A 60 16.89 2.75 16.45
C ALA A 60 17.29 3.36 15.11
N ASP A 61 17.74 2.51 14.19
CA ASP A 61 18.16 2.96 12.87
C ASP A 61 17.06 2.70 11.84
N LEU A 62 16.67 1.44 11.71
CA LEU A 62 15.62 1.06 10.76
C LEU A 62 14.39 1.93 10.92
N GLU A 63 14.19 2.44 12.14
CA GLU A 63 13.05 3.29 12.42
C GLU A 63 12.93 4.43 11.40
N MET B 1 11.99 -17.47 -5.22
CA MET B 1 11.73 -16.29 -4.40
C MET B 1 11.10 -16.69 -3.07
N LEU B 2 11.77 -16.33 -1.98
CA LEU B 2 11.26 -16.65 -0.64
C LEU B 2 11.04 -15.38 0.17
N MET B 3 9.81 -15.17 0.61
CA MET B 3 9.46 -13.99 1.40
C MET B 3 10.31 -13.93 2.67
N ILE B 4 11.08 -12.85 2.79
CA ILE B 4 11.94 -12.66 3.95
C ILE B 4 11.15 -12.17 5.16
N THR B 5 10.27 -11.19 4.93
CA THR B 5 9.44 -10.64 6.00
C THR B 5 8.48 -9.59 5.45
N SER B 6 7.69 -9.01 6.35
CA SER B 6 6.72 -7.99 5.96
C SER B 6 6.78 -6.79 6.89
N PHE B 7 6.87 -5.60 6.32
CA PHE B 7 6.94 -4.37 7.11
C PHE B 7 5.78 -3.45 6.77
N ALA B 8 5.65 -2.36 7.52
CA ALA B 8 4.59 -1.39 7.30
C ALA B 8 5.13 0.03 7.29
N ASN B 9 6.39 0.18 6.94
CA ASN B 9 7.04 1.49 6.88
C ASN B 9 8.14 1.51 5.84
N PRO B 10 8.26 2.64 5.12
CA PRO B 10 9.28 2.83 4.08
C PRO B 10 10.68 2.94 4.66
N ARG B 11 10.81 3.71 5.74
CA ARG B 11 12.10 3.91 6.38
C ARG B 11 12.73 2.57 6.75
N VAL B 12 11.97 1.73 7.43
CA VAL B 12 12.46 0.41 7.84
C VAL B 12 12.71 -0.49 6.63
N ALA B 13 11.72 -0.60 5.77
CA ALA B 13 11.84 -1.42 4.56
C ALA B 13 13.09 -1.05 3.77
N GLN B 14 13.15 0.19 3.30
CA GLN B 14 14.28 0.67 2.53
C GLN B 14 15.58 0.45 3.30
N ALA B 15 15.63 0.94 4.53
CA ALA B 15 16.83 0.80 5.36
C ALA B 15 17.29 -0.65 5.41
N PHE B 16 16.33 -1.57 5.53
CA PHE B 16 16.65 -3.00 5.59
C PHE B 16 17.34 -3.45 4.32
N VAL B 17 16.64 -3.34 3.20
CA VAL B 17 17.18 -3.75 1.90
C VAL B 17 18.48 -3.00 1.60
N ASP B 18 18.63 -1.82 2.19
CA ASP B 18 19.83 -1.02 1.99
C ASP B 18 21.05 -1.67 2.63
N TYR B 19 20.98 -1.88 3.94
CA TYR B 19 22.09 -2.50 4.66
C TYR B 19 22.31 -3.94 4.19
N MET B 20 21.26 -4.54 3.63
CA MET B 20 21.34 -5.92 3.14
C MET B 20 22.07 -5.97 1.80
N ALA B 21 21.75 -5.04 0.92
CA ALA B 21 22.38 -4.98 -0.40
C ALA B 21 23.87 -4.67 -0.28
N THR B 22 24.20 -3.72 0.60
CA THR B 22 25.59 -3.32 0.80
C THR B 22 26.39 -4.45 1.44
N GLN B 23 25.70 -5.47 1.94
CA GLN B 23 26.35 -6.60 2.58
C GLN B 23 26.54 -7.74 1.59
N GLY B 24 26.07 -7.54 0.36
CA GLY B 24 26.19 -8.57 -0.65
C GLY B 24 24.90 -9.33 -0.87
N VAL B 25 23.89 -9.02 -0.08
CA VAL B 25 22.60 -9.68 -0.18
C VAL B 25 21.54 -8.74 -0.76
N ILE B 26 21.07 -9.04 -1.96
CA ILE B 26 20.06 -8.22 -2.61
C ILE B 26 18.66 -8.57 -2.10
N LEU B 27 17.89 -7.54 -1.79
CA LEU B 27 16.52 -7.73 -1.30
C LEU B 27 15.53 -6.92 -2.12
N THR B 28 14.25 -7.29 -2.03
CA THR B 28 13.20 -6.59 -2.76
C THR B 28 12.07 -6.17 -1.82
N ILE B 29 11.45 -5.03 -2.15
CA ILE B 29 10.36 -4.52 -1.34
C ILE B 29 9.11 -4.28 -2.18
N GLN B 30 7.94 -4.52 -1.59
CA GLN B 30 6.68 -4.34 -2.29
C GLN B 30 5.77 -3.39 -1.52
N GLN B 31 5.68 -2.15 -2.00
CA GLN B 31 4.84 -1.14 -1.36
C GLN B 31 3.40 -1.25 -1.83
N HIS B 32 2.59 -1.98 -1.07
CA HIS B 32 1.19 -2.16 -1.42
C HIS B 32 0.50 -0.81 -1.66
N ASN B 33 -0.69 -0.85 -2.26
CA ASN B 33 -1.43 0.36 -2.56
C ASN B 33 -2.91 0.05 -2.79
N GLN B 34 -3.64 -0.20 -1.71
CA GLN B 34 -5.05 -0.51 -1.79
C GLN B 34 -5.90 0.60 -1.18
N SER B 35 -6.40 1.49 -2.04
CA SER B 35 -7.22 2.60 -1.57
C SER B 35 -8.61 2.12 -1.17
N ASP B 36 -8.78 1.83 0.12
CA ASP B 36 -10.06 1.37 0.64
C ASP B 36 -11.00 2.54 0.88
N VAL B 37 -12.22 2.42 0.36
CA VAL B 37 -13.22 3.47 0.52
C VAL B 37 -14.18 3.15 1.67
N TRP B 38 -14.30 4.07 2.61
CA TRP B 38 -15.18 3.88 3.76
C TRP B 38 -16.06 5.11 3.97
N LEU B 39 -17.30 4.88 4.36
CA LEU B 39 -18.25 5.97 4.60
C LEU B 39 -18.63 6.04 6.07
N ALA B 40 -19.02 7.23 6.52
CA ALA B 40 -19.42 7.43 7.90
C ALA B 40 -20.95 7.51 8.03
N ASP B 41 -21.60 8.00 6.99
CA ASP B 41 -23.05 8.13 6.99
C ASP B 41 -23.70 6.87 6.46
N GLU B 42 -23.99 5.93 7.36
CA GLU B 42 -24.61 4.67 6.98
C GLU B 42 -25.84 4.91 6.11
N SER B 43 -26.66 5.88 6.50
CA SER B 43 -27.87 6.22 5.75
C SER B 43 -27.54 6.50 4.29
N GLN B 44 -26.35 7.08 4.06
CA GLN B 44 -25.92 7.40 2.70
C GLN B 44 -25.19 6.23 2.06
N ALA B 45 -24.82 5.26 2.88
CA ALA B 45 -24.10 4.08 2.40
C ALA B 45 -24.83 3.46 1.20
N GLU B 46 -26.16 3.48 1.24
CA GLU B 46 -26.96 2.92 0.17
C GLU B 46 -26.78 3.73 -1.12
N ARG B 47 -26.84 5.05 -1.00
CA ARG B 47 -26.68 5.92 -2.16
C ARG B 47 -25.31 5.74 -2.80
N VAL B 48 -24.27 5.87 -2.00
CA VAL B 48 -22.90 5.71 -2.48
C VAL B 48 -22.70 4.35 -3.14
N ARG B 49 -23.31 3.33 -2.54
CA ARG B 49 -23.19 1.97 -3.05
C ARG B 49 -23.74 1.88 -4.48
N ALA B 50 -24.97 2.33 -4.67
CA ALA B 50 -25.61 2.30 -5.97
C ALA B 50 -24.81 3.12 -6.99
N GLU B 51 -24.59 4.39 -6.69
CA GLU B 51 -23.84 5.26 -7.58
C GLU B 51 -22.47 4.66 -7.90
N LEU B 52 -21.77 4.21 -6.87
CA LEU B 52 -20.45 3.61 -7.05
C LEU B 52 -20.49 2.51 -8.10
N ALA B 53 -21.37 1.55 -7.91
CA ALA B 53 -21.51 0.44 -8.85
C ALA B 53 -21.82 0.94 -10.26
N ARG B 54 -22.62 1.99 -10.34
CA ARG B 54 -22.99 2.57 -11.62
C ARG B 54 -21.81 3.31 -12.24
N PHE B 55 -20.88 3.75 -11.40
CA PHE B 55 -19.70 4.47 -11.86
C PHE B 55 -18.59 3.51 -12.26
N LEU B 56 -18.49 2.40 -11.53
CA LEU B 56 -17.47 1.39 -11.80
C LEU B 56 -17.55 0.92 -13.24
N GLU B 57 -18.76 0.77 -13.75
CA GLU B 57 -18.97 0.32 -15.13
C GLU B 57 -18.71 1.46 -16.11
N ASN B 58 -18.41 2.64 -15.58
CA ASN B 58 -18.15 3.80 -16.42
C ASN B 58 -16.70 4.27 -16.27
N PRO B 59 -15.76 3.46 -16.80
CA PRO B 59 -14.34 3.78 -16.74
C PRO B 59 -13.96 4.96 -17.63
N ALA B 60 -13.97 6.16 -17.04
CA ALA B 60 -13.63 7.37 -17.77
C ALA B 60 -13.02 8.41 -16.84
N ASP B 61 -13.72 8.72 -15.76
CA ASP B 61 -13.24 9.70 -14.79
C ASP B 61 -12.48 9.03 -13.66
N LEU B 62 -13.12 8.05 -13.03
CA LEU B 62 -12.50 7.33 -11.92
C LEU B 62 -11.09 6.86 -12.29
N GLU B 63 -10.96 6.34 -13.51
CA GLU B 63 -9.67 5.85 -13.99
C GLU B 63 -8.58 6.91 -13.81
N MET A 1 -19.21 3.65 10.95
CA MET A 1 -18.44 3.61 9.72
C MET A 1 -18.67 2.30 8.97
N LEU A 2 -19.13 2.40 7.73
CA LEU A 2 -19.39 1.22 6.91
C LEU A 2 -18.55 1.25 5.64
N MET A 3 -17.71 0.23 5.47
CA MET A 3 -16.86 0.13 4.29
C MET A 3 -17.69 0.14 3.01
N ILE A 4 -17.43 1.11 2.14
CA ILE A 4 -18.15 1.21 0.88
C ILE A 4 -17.59 0.26 -0.17
N THR A 5 -16.27 0.31 -0.35
CA THR A 5 -15.60 -0.55 -1.31
C THR A 5 -14.09 -0.38 -1.26
N SER A 6 -13.38 -1.01 -2.19
CA SER A 6 -11.93 -0.93 -2.23
C SER A 6 -11.44 -0.69 -3.66
N PHE A 7 -10.28 -0.06 -3.78
CA PHE A 7 -9.71 0.23 -5.10
C PHE A 7 -8.22 -0.09 -5.12
N ALA A 8 -7.65 -0.14 -6.32
CA ALA A 8 -6.22 -0.43 -6.48
C ALA A 8 -5.50 0.72 -7.17
N ASN A 9 -6.06 1.92 -7.06
CA ASN A 9 -5.47 3.10 -7.67
C ASN A 9 -5.89 4.37 -6.93
N PRO A 10 -4.94 5.31 -6.79
CA PRO A 10 -5.19 6.58 -6.10
C PRO A 10 -6.12 7.49 -6.88
N ARG A 11 -5.82 7.67 -8.17
CA ARG A 11 -6.63 8.52 -9.03
C ARG A 11 -8.11 8.15 -8.93
N VAL A 12 -8.39 6.84 -8.98
CA VAL A 12 -9.77 6.36 -8.90
C VAL A 12 -10.38 6.68 -7.54
N ALA A 13 -9.70 6.27 -6.48
CA ALA A 13 -10.17 6.52 -5.12
C ALA A 13 -10.57 7.98 -4.94
N GLN A 14 -9.62 8.87 -5.22
CA GLN A 14 -9.87 10.31 -5.08
C GLN A 14 -11.06 10.74 -5.93
N ALA A 15 -11.06 10.33 -7.20
CA ALA A 15 -12.14 10.67 -8.10
C ALA A 15 -13.50 10.28 -7.53
N PHE A 16 -13.59 9.06 -7.02
CA PHE A 16 -14.82 8.55 -6.44
C PHE A 16 -15.29 9.46 -5.29
N VAL A 17 -14.44 9.61 -4.29
CA VAL A 17 -14.76 10.44 -3.14
C VAL A 17 -14.99 11.89 -3.55
N ASP A 18 -14.46 12.26 -4.71
CA ASP A 18 -14.61 13.61 -5.22
C ASP A 18 -16.05 13.88 -5.65
N TYR A 19 -16.54 13.09 -6.59
CA TYR A 19 -17.90 13.24 -7.08
C TYR A 19 -18.91 12.97 -5.98
N MET A 20 -18.55 12.10 -5.05
CA MET A 20 -19.43 11.75 -3.94
C MET A 20 -19.47 12.88 -2.91
N ALA A 21 -18.33 13.50 -2.69
CA ALA A 21 -18.23 14.59 -1.73
C ALA A 21 -19.02 15.82 -2.21
N THR A 22 -18.89 16.11 -3.50
CA THR A 22 -19.60 17.26 -4.08
C THR A 22 -21.10 17.00 -4.17
N GLN A 23 -21.49 15.75 -3.96
CA GLN A 23 -22.90 15.38 -4.01
C GLN A 23 -23.53 15.46 -2.63
N GLY A 24 -22.73 15.82 -1.63
CA GLY A 24 -23.24 15.93 -0.28
C GLY A 24 -22.87 14.73 0.58
N VAL A 25 -22.25 13.73 -0.04
CA VAL A 25 -21.84 12.53 0.67
C VAL A 25 -20.33 12.49 0.88
N ILE A 26 -19.91 12.62 2.13
CA ILE A 26 -18.48 12.60 2.47
C ILE A 26 -17.96 11.18 2.55
N LEU A 27 -16.84 10.93 1.88
CA LEU A 27 -16.23 9.60 1.89
C LEU A 27 -14.78 9.66 2.36
N THR A 28 -14.25 8.52 2.79
CA THR A 28 -12.88 8.45 3.27
C THR A 28 -12.10 7.37 2.54
N ILE A 29 -10.84 7.66 2.23
CA ILE A 29 -9.98 6.70 1.53
C ILE A 29 -8.80 6.29 2.40
N GLN A 30 -8.41 5.02 2.30
CA GLN A 30 -7.30 4.50 3.08
C GLN A 30 -6.22 3.92 2.16
N GLN A 31 -5.14 4.66 1.99
CA GLN A 31 -4.04 4.24 1.14
C GLN A 31 -3.06 3.36 1.91
N HIS A 32 -2.80 2.16 1.40
CA HIS A 32 -1.89 1.22 2.04
C HIS A 32 -0.44 1.56 1.70
N ASN A 33 0.47 0.69 2.11
CA ASN A 33 1.89 0.89 1.86
C ASN A 33 2.72 -0.27 2.40
N GLN A 34 3.20 -1.12 1.50
CA GLN A 34 4.00 -2.27 1.89
C GLN A 34 5.27 -2.36 1.05
N SER A 35 6.01 -3.46 1.22
CA SER A 35 7.25 -3.66 0.48
C SER A 35 7.69 -5.12 0.56
N ASP A 36 7.44 -5.87 -0.51
CA ASP A 36 7.82 -7.27 -0.56
C ASP A 36 9.25 -7.44 -1.04
N VAL A 37 10.05 -8.17 -0.27
CA VAL A 37 11.45 -8.40 -0.60
C VAL A 37 11.63 -9.76 -1.27
N TRP A 38 12.15 -9.76 -2.49
CA TRP A 38 12.37 -10.99 -3.23
C TRP A 38 13.80 -11.05 -3.76
N LEU A 39 14.41 -12.24 -3.71
CA LEU A 39 15.77 -12.43 -4.18
C LEU A 39 15.79 -13.28 -5.45
N ALA A 40 16.84 -13.11 -6.25
CA ALA A 40 16.98 -13.87 -7.48
C ALA A 40 17.99 -14.99 -7.32
N ASP A 41 18.99 -14.77 -6.48
CA ASP A 41 20.03 -15.76 -6.23
C ASP A 41 19.64 -16.69 -5.09
N GLU A 42 18.97 -17.78 -5.43
CA GLU A 42 18.53 -18.76 -4.43
C GLU A 42 19.69 -19.14 -3.50
N SER A 43 20.86 -19.36 -4.09
CA SER A 43 22.03 -19.74 -3.32
C SER A 43 22.31 -18.72 -2.22
N GLN A 44 22.02 -17.46 -2.51
CA GLN A 44 22.24 -16.38 -1.54
C GLN A 44 21.03 -16.21 -0.63
N ALA A 45 19.91 -16.82 -1.02
CA ALA A 45 18.69 -16.74 -0.24
C ALA A 45 18.93 -17.12 1.22
N GLU A 46 19.82 -18.09 1.42
CA GLU A 46 20.14 -18.55 2.77
C GLU A 46 20.86 -17.45 3.55
N ARG A 47 21.87 -16.84 2.94
CA ARG A 47 22.63 -15.78 3.59
C ARG A 47 21.71 -14.62 3.97
N VAL A 48 20.96 -14.11 3.00
CA VAL A 48 20.05 -13.00 3.25
C VAL A 48 19.04 -13.34 4.34
N ARG A 49 18.58 -14.59 4.33
CA ARG A 49 17.60 -15.05 5.32
C ARG A 49 18.16 -14.91 6.73
N ALA A 50 19.36 -15.44 6.96
CA ALA A 50 20.00 -15.37 8.27
C ALA A 50 20.23 -13.92 8.68
N GLU A 51 20.96 -13.18 7.86
CA GLU A 51 21.25 -11.78 8.16
C GLU A 51 19.96 -11.00 8.42
N LEU A 52 19.03 -11.06 7.46
CA LEU A 52 17.76 -10.37 7.59
C LEU A 52 17.12 -10.64 8.94
N ALA A 53 17.03 -11.92 9.30
CA ALA A 53 16.44 -12.32 10.57
C ALA A 53 17.16 -11.65 11.74
N ARG A 54 18.49 -11.60 11.66
CA ARG A 54 19.29 -11.01 12.71
C ARG A 54 19.07 -9.49 12.78
N PHE A 55 18.63 -8.91 11.66
CA PHE A 55 18.38 -7.49 11.60
C PHE A 55 16.96 -7.16 12.07
N LEU A 56 16.00 -7.94 11.60
CA LEU A 56 14.60 -7.74 11.99
C LEU A 56 14.43 -7.83 13.50
N GLU A 57 15.21 -8.69 14.13
CA GLU A 57 15.15 -8.86 15.58
C GLU A 57 15.87 -7.72 16.29
N ASN A 58 16.46 -6.82 15.52
CA ASN A 58 17.18 -5.67 16.07
C ASN A 58 16.46 -4.37 15.77
N PRO A 59 15.33 -4.13 16.45
CA PRO A 59 14.53 -2.92 16.26
C PRO A 59 15.23 -1.68 16.79
N ALA A 60 16.19 -1.16 16.02
CA ALA A 60 16.94 0.02 16.41
C ALA A 60 17.63 0.66 15.21
N ASP A 61 18.18 -0.18 14.33
CA ASP A 61 18.86 0.30 13.13
C ASP A 61 17.87 0.53 12.00
N LEU A 62 17.30 -0.54 11.49
CA LEU A 62 16.34 -0.46 10.40
C LEU A 62 15.23 0.54 10.72
N GLU A 63 15.33 1.72 10.12
CA GLU A 63 14.33 2.77 10.35
C GLU A 63 14.24 3.70 9.15
N MET B 1 13.49 -16.82 -8.73
CA MET B 1 13.19 -15.77 -7.76
C MET B 1 12.50 -16.35 -6.53
N LEU B 2 13.12 -16.13 -5.37
CA LEU B 2 12.58 -16.63 -4.11
C LEU B 2 12.30 -15.49 -3.13
N MET B 3 11.04 -15.37 -2.72
CA MET B 3 10.66 -14.31 -1.80
C MET B 3 11.46 -14.40 -0.50
N ILE B 4 12.22 -13.35 -0.21
CA ILE B 4 13.04 -13.30 0.99
C ILE B 4 12.19 -13.00 2.22
N THR B 5 11.38 -11.93 2.13
CA THR B 5 10.52 -11.54 3.24
C THR B 5 9.62 -10.37 2.85
N SER B 6 8.86 -9.86 3.81
CA SER B 6 7.95 -8.75 3.56
C SER B 6 8.07 -7.70 4.66
N PHE B 7 7.76 -6.45 4.31
CA PHE B 7 7.84 -5.35 5.27
C PHE B 7 6.62 -4.45 5.14
N ALA B 8 6.49 -3.50 6.07
CA ALA B 8 5.38 -2.56 6.05
C ALA B 8 5.86 -1.12 6.13
N ASN B 9 7.09 -0.89 5.66
CA ASN B 9 7.67 0.45 5.68
C ASN B 9 8.73 0.59 4.60
N PRO B 10 8.78 1.78 3.96
CA PRO B 10 9.74 2.07 2.89
C PRO B 10 11.16 2.18 3.42
N ARG B 11 11.33 2.96 4.48
CA ARG B 11 12.65 3.17 5.08
C ARG B 11 13.31 1.82 5.41
N VAL B 12 12.52 0.90 5.97
CA VAL B 12 13.02 -0.42 6.32
C VAL B 12 13.38 -1.23 5.08
N ALA B 13 12.41 -1.36 4.17
CA ALA B 13 12.62 -2.11 2.94
C ALA B 13 13.90 -1.68 2.24
N GLN B 14 14.00 -0.38 1.95
CA GLN B 14 15.18 0.16 1.28
C GLN B 14 16.44 -0.11 2.09
N ALA B 15 16.38 0.18 3.38
CA ALA B 15 17.51 -0.04 4.28
C ALA B 15 18.02 -1.48 4.19
N PHE B 16 17.09 -2.42 4.25
CA PHE B 16 17.44 -3.84 4.17
C PHE B 16 18.19 -4.15 2.88
N VAL B 17 17.56 -3.86 1.75
CA VAL B 17 18.16 -4.10 0.45
C VAL B 17 19.44 -3.28 0.27
N ASP B 18 19.56 -2.21 1.05
CA ASP B 18 20.73 -1.35 0.99
C ASP B 18 21.96 -2.06 1.55
N TYR B 19 21.89 -2.46 2.80
CA TYR B 19 22.99 -3.15 3.46
C TYR B 19 23.29 -4.48 2.78
N MET B 20 22.25 -5.10 2.24
CA MET B 20 22.38 -6.37 1.55
C MET B 20 23.03 -6.19 0.19
N ALA B 21 22.67 -5.11 -0.50
CA ALA B 21 23.23 -4.82 -1.82
C ALA B 21 24.71 -4.51 -1.74
N THR B 22 25.10 -3.75 -0.72
CA THR B 22 26.49 -3.38 -0.53
C THR B 22 27.31 -4.56 -0.04
N GLN B 23 26.63 -5.62 0.39
CA GLN B 23 27.29 -6.82 0.88
C GLN B 23 27.55 -7.80 -0.25
N GLY B 24 27.13 -7.44 -1.45
CA GLY B 24 27.32 -8.31 -2.60
C GLY B 24 26.06 -9.06 -2.98
N VAL B 25 25.01 -8.91 -2.18
CA VAL B 25 23.75 -9.58 -2.43
C VAL B 25 22.69 -8.59 -2.90
N ILE B 26 22.28 -8.72 -4.16
CA ILE B 26 21.27 -7.85 -4.73
C ILE B 26 19.87 -8.30 -4.35
N LEU B 27 19.05 -7.34 -3.89
CA LEU B 27 17.68 -7.64 -3.49
C LEU B 27 16.69 -6.76 -4.24
N THR B 28 15.43 -7.18 -4.25
CA THR B 28 14.38 -6.43 -4.94
C THR B 28 13.20 -6.16 -4.01
N ILE B 29 12.63 -4.97 -4.13
CA ILE B 29 11.49 -4.59 -3.30
C ILE B 29 10.27 -4.29 -4.15
N GLN B 30 9.10 -4.65 -3.64
CA GLN B 30 7.84 -4.42 -4.35
C GLN B 30 6.87 -3.60 -3.51
N GLN B 31 6.75 -2.31 -3.85
CA GLN B 31 5.86 -1.42 -3.12
C GLN B 31 4.43 -1.54 -3.64
N HIS B 32 3.49 -1.77 -2.73
CA HIS B 32 2.08 -1.90 -3.10
C HIS B 32 1.42 -0.53 -3.16
N ASN B 33 0.09 -0.53 -3.33
CA ASN B 33 -0.66 0.71 -3.41
C ASN B 33 -2.15 0.42 -3.59
N GLN B 34 -2.93 0.68 -2.54
CA GLN B 34 -4.37 0.45 -2.57
C GLN B 34 -5.12 1.66 -2.05
N SER B 35 -6.44 1.52 -1.95
CA SER B 35 -7.29 2.62 -1.47
C SER B 35 -8.66 2.10 -1.04
N ASP B 36 -8.85 1.95 0.26
CA ASP B 36 -10.12 1.46 0.79
C ASP B 36 -11.08 2.63 1.04
N VAL B 37 -12.29 2.50 0.49
CA VAL B 37 -13.31 3.54 0.64
C VAL B 37 -14.30 3.18 1.74
N TRP B 38 -14.41 4.03 2.74
CA TRP B 38 -15.32 3.80 3.86
C TRP B 38 -16.20 5.02 4.10
N LEU B 39 -17.47 4.78 4.39
CA LEU B 39 -18.42 5.86 4.65
C LEU B 39 -18.79 5.93 6.13
N ALA B 40 -19.21 7.10 6.58
CA ALA B 40 -19.59 7.29 7.97
C ALA B 40 -21.10 7.38 8.12
N ASP B 41 -21.77 7.87 7.08
CA ASP B 41 -23.22 8.01 7.10
C ASP B 41 -23.88 6.76 6.52
N GLU B 42 -24.21 5.81 7.39
CA GLU B 42 -24.84 4.57 6.96
C GLU B 42 -26.03 4.84 6.06
N SER B 43 -26.83 5.84 6.43
CA SER B 43 -28.01 6.21 5.64
C SER B 43 -27.63 6.51 4.21
N GLN B 44 -26.44 7.06 4.01
CA GLN B 44 -25.95 7.40 2.68
C GLN B 44 -25.24 6.21 2.04
N ALA B 45 -24.91 5.21 2.86
CA ALA B 45 -24.23 4.01 2.37
C ALA B 45 -24.94 3.43 1.16
N GLU B 46 -26.27 3.48 1.19
CA GLU B 46 -27.06 2.94 0.08
C GLU B 46 -26.86 3.76 -1.19
N ARG B 47 -26.91 5.08 -1.04
CA ARG B 47 -26.74 5.99 -2.18
C ARG B 47 -25.36 5.79 -2.81
N VAL B 48 -24.32 5.87 -2.00
CA VAL B 48 -22.95 5.70 -2.47
C VAL B 48 -22.76 4.34 -3.13
N ARG B 49 -23.39 3.31 -2.55
CA ARG B 49 -23.29 1.97 -3.09
C ARG B 49 -23.81 1.90 -4.53
N ALA B 50 -25.03 2.40 -4.73
CA ALA B 50 -25.63 2.41 -6.05
C ALA B 50 -24.79 3.20 -7.04
N GLU B 51 -24.56 4.47 -6.72
CA GLU B 51 -23.77 5.35 -7.59
C GLU B 51 -22.41 4.73 -7.88
N LEU B 52 -21.68 4.35 -6.83
CA LEU B 52 -20.36 3.75 -6.98
C LEU B 52 -20.40 2.61 -7.99
N ALA B 53 -21.37 1.71 -7.83
CA ALA B 53 -21.51 0.58 -8.73
C ALA B 53 -21.72 1.04 -10.17
N ARG B 54 -22.54 2.07 -10.34
CA ARG B 54 -22.82 2.62 -11.66
C ARG B 54 -21.58 3.26 -12.28
N PHE B 55 -20.66 3.68 -11.41
CA PHE B 55 -19.43 4.31 -11.86
C PHE B 55 -18.35 3.26 -12.17
N LEU B 56 -18.21 2.30 -11.27
CA LEU B 56 -17.23 1.24 -11.45
C LEU B 56 -17.46 0.49 -12.77
N GLU B 57 -18.73 0.36 -13.14
CA GLU B 57 -19.08 -0.33 -14.38
C GLU B 57 -18.85 0.57 -15.59
N ASN B 58 -18.41 1.80 -15.33
CA ASN B 58 -18.15 2.76 -16.40
C ASN B 58 -16.66 3.07 -16.50
N PRO B 59 -15.89 2.11 -17.04
CA PRO B 59 -14.44 2.25 -17.21
C PRO B 59 -14.08 3.27 -18.28
N ALA B 60 -14.17 4.55 -17.93
CA ALA B 60 -13.85 5.62 -18.86
C ALA B 60 -13.60 6.94 -18.13
N ASP B 61 -14.41 7.21 -17.12
CA ASP B 61 -14.28 8.44 -16.33
C ASP B 61 -13.25 8.26 -15.22
N LEU B 62 -13.57 7.40 -14.26
CA LEU B 62 -12.68 7.15 -13.14
C LEU B 62 -11.29 6.71 -13.64
N GLU B 63 -10.33 7.62 -13.54
CA GLU B 63 -8.97 7.34 -13.98
C GLU B 63 -7.96 8.17 -13.19
N MET A 1 -19.25 3.42 10.88
CA MET A 1 -18.44 3.42 9.67
C MET A 1 -18.66 2.14 8.87
N LEU A 2 -19.11 2.29 7.63
CA LEU A 2 -19.35 1.14 6.76
C LEU A 2 -18.50 1.22 5.50
N MET A 3 -17.65 0.21 5.32
CA MET A 3 -16.77 0.16 4.15
C MET A 3 -17.59 0.18 2.86
N ILE A 4 -17.42 1.24 2.08
CA ILE A 4 -18.13 1.39 0.81
C ILE A 4 -17.59 0.43 -0.24
N THR A 5 -16.27 0.41 -0.40
CA THR A 5 -15.63 -0.46 -1.37
C THR A 5 -14.11 -0.36 -1.27
N SER A 6 -13.41 -1.14 -2.10
CA SER A 6 -11.95 -1.14 -2.10
C SER A 6 -11.42 -0.89 -3.51
N PHE A 7 -10.32 -0.14 -3.59
CA PHE A 7 -9.72 0.18 -4.88
C PHE A 7 -8.20 -0.04 -4.83
N ALA A 8 -7.58 -0.08 -6.00
CA ALA A 8 -6.14 -0.28 -6.10
C ALA A 8 -5.48 0.85 -6.88
N ASN A 9 -5.91 2.08 -6.62
CA ASN A 9 -5.36 3.25 -7.30
C ASN A 9 -5.87 4.54 -6.67
N PRO A 10 -4.99 5.54 -6.58
CA PRO A 10 -5.34 6.84 -6.00
C PRO A 10 -6.29 7.64 -6.88
N ARG A 11 -6.03 7.64 -8.18
CA ARG A 11 -6.87 8.36 -9.13
C ARG A 11 -8.33 7.97 -8.97
N VAL A 12 -8.59 6.67 -8.94
CA VAL A 12 -9.95 6.15 -8.79
C VAL A 12 -10.53 6.53 -7.44
N ALA A 13 -9.85 6.11 -6.37
CA ALA A 13 -10.29 6.41 -5.02
C ALA A 13 -10.65 7.88 -4.86
N GLN A 14 -9.71 8.75 -5.20
CA GLN A 14 -9.92 10.20 -5.10
C GLN A 14 -11.12 10.62 -5.93
N ALA A 15 -11.14 10.22 -7.20
CA ALA A 15 -12.23 10.56 -8.09
C ALA A 15 -13.58 10.16 -7.49
N PHE A 16 -13.67 8.93 -7.01
CA PHE A 16 -14.90 8.43 -6.41
C PHE A 16 -15.37 9.34 -5.28
N VAL A 17 -14.51 9.52 -4.27
CA VAL A 17 -14.83 10.37 -3.14
C VAL A 17 -15.05 11.82 -3.58
N ASP A 18 -14.49 12.17 -4.73
CA ASP A 18 -14.62 13.53 -5.26
C ASP A 18 -16.05 13.81 -5.68
N TYR A 19 -16.56 13.02 -6.61
CA TYR A 19 -17.93 13.20 -7.11
C TYR A 19 -18.95 12.94 -5.99
N MET A 20 -18.58 12.06 -5.07
CA MET A 20 -19.46 11.72 -3.96
C MET A 20 -19.49 12.85 -2.93
N ALA A 21 -18.34 13.47 -2.71
CA ALA A 21 -18.23 14.57 -1.74
C ALA A 21 -19.00 15.80 -2.23
N THR A 22 -18.89 16.09 -3.52
CA THR A 22 -19.57 17.23 -4.10
C THR A 22 -21.08 16.99 -4.19
N GLN A 23 -21.48 15.74 -3.99
CA GLN A 23 -22.89 15.38 -4.04
C GLN A 23 -23.52 15.47 -2.66
N GLY A 24 -22.72 15.82 -1.66
CA GLY A 24 -23.22 15.93 -0.30
C GLY A 24 -22.86 14.74 0.55
N VAL A 25 -22.24 13.74 -0.07
CA VAL A 25 -21.84 12.53 0.65
C VAL A 25 -20.33 12.49 0.85
N ILE A 26 -19.91 12.61 2.11
CA ILE A 26 -18.48 12.59 2.44
C ILE A 26 -17.96 11.16 2.51
N LEU A 27 -16.81 10.92 1.88
CA LEU A 27 -16.20 9.60 1.86
C LEU A 27 -14.76 9.66 2.35
N THR A 28 -14.22 8.51 2.75
CA THR A 28 -12.85 8.43 3.23
C THR A 28 -12.05 7.38 2.48
N ILE A 29 -10.76 7.64 2.28
CA ILE A 29 -9.90 6.71 1.57
C ILE A 29 -8.70 6.30 2.43
N GLN A 30 -8.30 5.05 2.32
CA GLN A 30 -7.17 4.54 3.09
C GLN A 30 -6.10 3.97 2.16
N GLN A 31 -5.02 4.74 1.98
CA GLN A 31 -3.92 4.32 1.13
C GLN A 31 -2.95 3.41 1.89
N HIS A 32 -2.92 2.14 1.51
CA HIS A 32 -2.04 1.17 2.16
C HIS A 32 -0.58 1.57 1.99
N ASN A 33 0.32 0.74 2.51
CA ASN A 33 1.75 1.01 2.42
C ASN A 33 2.56 -0.17 2.96
N GLN A 34 3.52 -0.63 2.17
CA GLN A 34 4.37 -1.74 2.57
C GLN A 34 5.59 -1.86 1.65
N SER A 35 6.40 -2.88 1.90
CA SER A 35 7.60 -3.11 1.10
C SER A 35 8.08 -4.55 1.23
N ASP A 36 7.79 -5.35 0.20
CA ASP A 36 8.19 -6.75 0.19
C ASP A 36 9.60 -6.92 -0.35
N VAL A 37 10.46 -7.56 0.43
CA VAL A 37 11.85 -7.79 0.04
C VAL A 37 12.05 -9.20 -0.51
N TRP A 38 12.44 -9.27 -1.78
CA TRP A 38 12.67 -10.56 -2.42
C TRP A 38 14.05 -10.62 -3.05
N LEU A 39 14.68 -11.80 -2.97
CA LEU A 39 16.01 -11.99 -3.53
C LEU A 39 15.99 -13.02 -4.66
N ALA A 40 16.93 -12.89 -5.59
CA ALA A 40 17.03 -13.82 -6.71
C ALA A 40 18.12 -14.85 -6.48
N ASP A 41 19.14 -14.47 -5.73
CA ASP A 41 20.26 -15.36 -5.43
C ASP A 41 19.96 -16.20 -4.19
N GLU A 42 19.28 -17.33 -4.38
CA GLU A 42 18.94 -18.21 -3.27
C GLU A 42 20.16 -18.51 -2.41
N SER A 43 21.28 -18.80 -3.07
CA SER A 43 22.53 -19.11 -2.36
C SER A 43 22.89 -17.99 -1.40
N GLN A 44 22.55 -16.76 -1.77
CA GLN A 44 22.85 -15.60 -0.94
C GLN A 44 21.70 -15.33 0.04
N ALA A 45 20.56 -15.97 -0.20
CA ALA A 45 19.40 -15.79 0.67
C ALA A 45 19.76 -16.00 2.13
N GLU A 46 20.68 -16.93 2.37
CA GLU A 46 21.12 -17.22 3.74
C GLU A 46 21.88 -16.04 4.34
N ARG A 47 22.86 -15.54 3.59
CA ARG A 47 23.66 -14.41 4.05
C ARG A 47 22.78 -13.21 4.37
N VAL A 48 21.96 -12.81 3.40
CA VAL A 48 21.06 -11.67 3.58
C VAL A 48 20.16 -11.87 4.79
N ARG A 49 19.65 -13.08 4.94
CA ARG A 49 18.77 -13.41 6.06
C ARG A 49 19.44 -13.09 7.40
N ALA A 50 20.67 -13.57 7.55
CA ALA A 50 21.43 -13.34 8.79
C ALA A 50 21.64 -11.85 9.02
N GLU A 51 22.31 -11.19 8.08
CA GLU A 51 22.58 -9.76 8.20
C GLU A 51 21.29 -8.98 8.43
N LEU A 52 20.29 -9.24 7.60
CA LEU A 52 19.00 -8.56 7.72
C LEU A 52 18.50 -8.60 9.15
N ALA A 53 18.38 -9.81 9.70
CA ALA A 53 17.91 -9.98 11.07
C ALA A 53 18.81 -9.26 12.06
N ARG A 54 20.11 -9.23 11.76
CA ARG A 54 21.07 -8.56 12.63
C ARG A 54 20.91 -7.05 12.57
N PHE A 55 20.35 -6.57 11.45
CA PHE A 55 20.15 -5.14 11.27
C PHE A 55 18.79 -4.71 11.84
N LEU A 56 17.78 -5.54 11.64
CA LEU A 56 16.44 -5.24 12.13
C LEU A 56 16.45 -5.03 13.64
N GLU A 57 17.33 -5.74 14.33
CA GLU A 57 17.44 -5.63 15.78
C GLU A 57 18.20 -4.37 16.18
N ASN A 58 18.63 -3.61 15.17
CA ASN A 58 19.38 -2.38 15.41
C ASN A 58 18.56 -1.16 14.98
N PRO A 59 17.53 -0.82 15.77
CA PRO A 59 16.66 0.32 15.49
C PRO A 59 17.37 1.65 15.68
N ALA A 60 18.00 2.14 14.61
CA ALA A 60 18.71 3.41 14.66
C ALA A 60 18.92 3.97 13.25
N ASP A 61 19.79 3.32 12.49
CA ASP A 61 20.07 3.76 11.12
C ASP A 61 18.92 3.43 10.19
N LEU A 62 18.43 2.20 10.28
CA LEU A 62 17.32 1.76 9.44
C LEU A 62 16.16 2.75 9.50
N GLU A 63 15.86 3.23 10.70
CA GLU A 63 14.78 4.18 10.90
C GLU A 63 15.27 5.62 10.67
N MET B 1 13.55 -17.02 -7.26
CA MET B 1 13.27 -15.86 -6.42
C MET B 1 12.72 -16.28 -5.06
N LEU B 2 13.43 -15.92 -4.00
CA LEU B 2 13.00 -16.27 -2.65
C LEU B 2 12.78 -15.02 -1.81
N MET B 3 11.55 -14.85 -1.33
CA MET B 3 11.21 -13.69 -0.51
C MET B 3 12.09 -13.62 0.73
N ILE B 4 12.93 -12.60 0.80
CA ILE B 4 13.83 -12.41 1.93
C ILE B 4 13.06 -12.04 3.19
N THR B 5 12.17 -11.05 3.06
CA THR B 5 11.38 -10.59 4.18
C THR B 5 10.38 -9.51 3.75
N SER B 6 9.70 -8.92 4.72
CA SER B 6 8.71 -7.88 4.44
C SER B 6 8.89 -6.71 5.39
N PHE B 7 8.57 -5.51 4.91
CA PHE B 7 8.69 -4.30 5.71
C PHE B 7 7.50 -3.37 5.49
N ALA B 8 7.37 -2.36 6.35
CA ALA B 8 6.27 -1.40 6.23
C ALA B 8 6.80 0.02 6.21
N ASN B 9 7.92 0.23 5.53
CA ASN B 9 8.52 1.55 5.43
C ASN B 9 9.57 1.59 4.33
N PRO B 10 9.58 2.69 3.56
CA PRO B 10 10.54 2.87 2.46
C PRO B 10 11.97 3.08 2.96
N ARG B 11 12.10 3.86 4.03
CA ARG B 11 13.41 4.13 4.61
C ARG B 11 14.13 2.84 5.00
N VAL B 12 13.40 1.98 5.71
CA VAL B 12 13.96 0.70 6.15
C VAL B 12 14.23 -0.22 4.97
N ALA B 13 13.22 -0.40 4.12
CA ALA B 13 13.34 -1.26 2.96
C ALA B 13 14.50 -0.82 2.07
N GLN B 14 14.48 0.44 1.65
CA GLN B 14 15.53 0.98 0.80
C GLN B 14 16.89 0.84 1.47
N ALA B 15 16.99 1.34 2.69
CA ALA B 15 18.25 1.29 3.45
C ALA B 15 18.81 -0.14 3.46
N PHE B 16 17.95 -1.11 3.76
CA PHE B 16 18.36 -2.50 3.80
C PHE B 16 18.94 -2.94 2.48
N VAL B 17 18.13 -2.88 1.42
CA VAL B 17 18.58 -3.26 0.09
C VAL B 17 19.79 -2.45 -0.34
N ASP B 18 19.97 -1.29 0.28
CA ASP B 18 21.09 -0.42 -0.05
C ASP B 18 22.41 -1.02 0.44
N TYR B 19 22.51 -1.24 1.74
CA TYR B 19 23.72 -1.81 2.33
C TYR B 19 23.99 -3.19 1.77
N MET B 20 22.93 -3.90 1.42
CA MET B 20 23.06 -5.25 0.86
C MET B 20 23.54 -5.20 -0.58
N ALA B 21 23.04 -4.22 -1.33
CA ALA B 21 23.41 -4.06 -2.73
C ALA B 21 24.90 -3.72 -2.86
N THR B 22 25.39 -2.87 -1.96
CA THR B 22 26.78 -2.46 -1.97
C THR B 22 27.68 -3.55 -1.42
N GLN B 23 27.08 -4.55 -0.79
CA GLN B 23 27.83 -5.66 -0.22
C GLN B 23 28.01 -6.78 -1.23
N GLY B 24 27.48 -6.58 -2.43
CA GLY B 24 27.59 -7.58 -3.48
C GLY B 24 26.32 -8.40 -3.64
N VAL B 25 25.35 -8.15 -2.76
CA VAL B 25 24.08 -8.87 -2.82
C VAL B 25 22.95 -7.96 -3.30
N ILE B 26 22.43 -8.24 -4.48
CA ILE B 26 21.35 -7.45 -5.05
C ILE B 26 20.01 -7.87 -4.48
N LEU B 27 19.23 -6.90 -4.01
CA LEU B 27 17.92 -7.17 -3.44
C LEU B 27 16.84 -6.39 -4.17
N THR B 28 15.59 -6.82 -4.02
CA THR B 28 14.46 -6.17 -4.66
C THR B 28 13.38 -5.80 -3.65
N ILE B 29 12.70 -4.69 -3.89
CA ILE B 29 11.64 -4.24 -3.00
C ILE B 29 10.34 -3.99 -3.77
N GLN B 30 9.22 -4.33 -3.13
CA GLN B 30 7.91 -4.15 -3.75
C GLN B 30 7.02 -3.27 -2.89
N GLN B 31 6.85 -2.01 -3.29
CA GLN B 31 6.02 -1.06 -2.55
C GLN B 31 4.55 -1.29 -2.87
N HIS B 32 3.81 -1.82 -1.90
CA HIS B 32 2.38 -2.08 -2.08
C HIS B 32 1.65 -0.80 -2.44
N ASN B 33 0.34 -0.93 -2.68
CA ASN B 33 -0.48 0.22 -3.03
C ASN B 33 -1.96 -0.16 -3.10
N GLN B 34 -2.80 0.62 -2.43
CA GLN B 34 -4.23 0.36 -2.43
C GLN B 34 -5.01 1.59 -1.96
N SER B 35 -6.33 1.46 -1.87
CA SER B 35 -7.18 2.56 -1.45
C SER B 35 -8.55 2.05 -0.99
N ASP B 36 -8.71 1.92 0.33
CA ASP B 36 -9.97 1.44 0.89
C ASP B 36 -10.94 2.59 1.09
N VAL B 37 -12.15 2.44 0.54
CA VAL B 37 -13.19 3.46 0.66
C VAL B 37 -14.18 3.11 1.76
N TRP B 38 -14.26 3.98 2.76
CA TRP B 38 -15.19 3.77 3.88
C TRP B 38 -16.06 4.99 4.11
N LEU B 39 -17.33 4.76 4.43
CA LEU B 39 -18.26 5.84 4.68
C LEU B 39 -18.69 5.87 6.14
N ALA B 40 -19.06 7.06 6.61
CA ALA B 40 -19.49 7.23 8.00
C ALA B 40 -21.01 7.35 8.09
N ASP B 41 -21.62 7.86 7.02
CA ASP B 41 -23.07 8.02 6.98
C ASP B 41 -23.75 6.77 6.44
N GLU B 42 -24.07 5.84 7.33
CA GLU B 42 -24.72 4.60 6.93
C GLU B 42 -25.94 4.88 6.05
N SER B 43 -26.73 5.86 6.44
CA SER B 43 -27.92 6.23 5.68
C SER B 43 -27.57 6.53 4.23
N GLN B 44 -26.39 7.10 4.02
CA GLN B 44 -25.93 7.44 2.68
C GLN B 44 -25.21 6.27 2.02
N ALA B 45 -24.86 5.27 2.84
CA ALA B 45 -24.18 4.08 2.34
C ALA B 45 -24.90 3.49 1.14
N GLU B 46 -26.24 3.51 1.20
CA GLU B 46 -27.05 2.96 0.12
C GLU B 46 -26.87 3.77 -1.17
N ARG B 47 -26.95 5.09 -1.03
CA ARG B 47 -26.81 5.98 -2.18
C ARG B 47 -25.45 5.78 -2.85
N VAL B 48 -24.38 5.91 -2.06
CA VAL B 48 -23.04 5.74 -2.58
C VAL B 48 -22.85 4.37 -3.21
N ARG B 49 -23.44 3.36 -2.60
CA ARG B 49 -23.35 1.99 -3.11
C ARG B 49 -23.88 1.91 -4.54
N ALA B 50 -25.08 2.44 -4.76
CA ALA B 50 -25.70 2.43 -6.07
C ALA B 50 -24.88 3.21 -7.08
N GLU B 51 -24.66 4.49 -6.78
CA GLU B 51 -23.88 5.35 -7.67
C GLU B 51 -22.51 4.73 -7.97
N LEU B 52 -21.79 4.35 -6.93
CA LEU B 52 -20.48 3.74 -7.07
C LEU B 52 -20.52 2.59 -8.07
N ALA B 53 -21.44 1.66 -7.84
CA ALA B 53 -21.59 0.51 -8.72
C ALA B 53 -21.83 0.94 -10.16
N ARG B 54 -22.60 2.01 -10.33
CA ARG B 54 -22.91 2.52 -11.65
C ARG B 54 -21.70 3.23 -12.26
N PHE B 55 -20.80 3.69 -11.40
CA PHE B 55 -19.60 4.39 -11.84
C PHE B 55 -18.49 3.40 -12.18
N LEU B 56 -18.41 2.32 -11.41
CA LEU B 56 -17.39 1.30 -11.62
C LEU B 56 -17.47 0.75 -13.04
N GLU B 57 -18.68 0.58 -13.54
CA GLU B 57 -18.89 0.07 -14.89
C GLU B 57 -18.65 1.15 -15.94
N ASN B 58 -18.35 2.35 -15.47
CA ASN B 58 -18.09 3.47 -16.36
C ASN B 58 -16.64 3.93 -16.27
N PRO B 59 -15.74 3.12 -16.84
CA PRO B 59 -14.30 3.42 -16.84
C PRO B 59 -13.95 4.61 -17.73
N ALA B 60 -13.91 5.79 -17.13
CA ALA B 60 -13.59 7.01 -17.87
C ALA B 60 -12.94 8.05 -16.96
N ASP B 61 -13.68 8.49 -15.95
CA ASP B 61 -13.18 9.49 -15.01
C ASP B 61 -12.36 8.81 -13.91
N LEU B 62 -12.98 7.87 -13.20
CA LEU B 62 -12.32 7.17 -12.11
C LEU B 62 -10.94 6.67 -12.56
N GLU B 63 -10.86 6.22 -13.81
CA GLU B 63 -9.61 5.71 -14.36
C GLU B 63 -8.72 6.86 -14.82
N MET A 1 -19.14 3.49 11.07
CA MET A 1 -18.38 3.49 9.82
C MET A 1 -18.62 2.20 9.04
N LEU A 2 -19.11 2.34 7.81
CA LEU A 2 -19.39 1.19 6.96
C LEU A 2 -18.57 1.25 5.68
N MET A 3 -17.77 0.21 5.44
CA MET A 3 -16.95 0.14 4.24
C MET A 3 -17.80 0.26 2.98
N ILE A 4 -17.41 1.18 2.10
CA ILE A 4 -18.15 1.39 0.85
C ILE A 4 -17.62 0.48 -0.26
N THR A 5 -16.29 0.40 -0.36
CA THR A 5 -15.66 -0.44 -1.37
C THR A 5 -14.15 -0.45 -1.21
N SER A 6 -13.46 -1.15 -2.12
CA SER A 6 -12.01 -1.23 -2.07
C SER A 6 -11.41 -1.01 -3.46
N PHE A 7 -10.45 -0.10 -3.55
CA PHE A 7 -9.80 0.21 -4.81
C PHE A 7 -8.30 -0.05 -4.73
N ALA A 8 -7.61 0.07 -5.86
CA ALA A 8 -6.18 -0.16 -5.92
C ALA A 8 -5.49 0.95 -6.71
N ASN A 9 -6.04 2.16 -6.65
CA ASN A 9 -5.47 3.29 -7.35
C ASN A 9 -5.92 4.61 -6.73
N PRO A 10 -5.02 5.60 -6.72
CA PRO A 10 -5.30 6.92 -6.14
C PRO A 10 -6.30 7.71 -6.98
N ARG A 11 -6.06 7.76 -8.28
CA ARG A 11 -6.94 8.49 -9.19
C ARG A 11 -8.40 8.08 -8.99
N VAL A 12 -8.65 6.77 -9.03
CA VAL A 12 -9.99 6.25 -8.84
C VAL A 12 -10.54 6.59 -7.46
N ALA A 13 -9.80 6.21 -6.43
CA ALA A 13 -10.21 6.49 -5.06
C ALA A 13 -10.61 7.95 -4.88
N GLN A 14 -9.66 8.86 -5.12
CA GLN A 14 -9.92 10.28 -4.99
C GLN A 14 -11.11 10.70 -5.85
N ALA A 15 -11.07 10.31 -7.13
CA ALA A 15 -12.14 10.64 -8.06
C ALA A 15 -13.50 10.26 -7.49
N PHE A 16 -13.61 9.05 -6.98
CA PHE A 16 -14.85 8.56 -6.40
C PHE A 16 -15.32 9.46 -5.26
N VAL A 17 -14.50 9.53 -4.22
CA VAL A 17 -14.83 10.36 -3.06
C VAL A 17 -15.05 11.81 -3.47
N ASP A 18 -14.48 12.20 -4.60
CA ASP A 18 -14.63 13.57 -5.10
C ASP A 18 -16.06 13.82 -5.57
N TYR A 19 -16.50 13.04 -6.54
CA TYR A 19 -17.86 13.18 -7.07
C TYR A 19 -18.90 12.89 -6.00
N MET A 20 -18.51 12.14 -4.98
CA MET A 20 -19.41 11.78 -3.89
C MET A 20 -19.52 12.94 -2.89
N ALA A 21 -18.41 13.61 -2.64
CA ALA A 21 -18.39 14.72 -1.71
C ALA A 21 -19.16 15.92 -2.26
N THR A 22 -18.94 16.21 -3.55
CA THR A 22 -19.62 17.32 -4.21
C THR A 22 -21.11 17.06 -4.35
N GLN A 23 -21.51 15.81 -4.13
CA GLN A 23 -22.91 15.42 -4.24
C GLN A 23 -23.60 15.48 -2.89
N GLY A 24 -22.83 15.78 -1.84
CA GLY A 24 -23.39 15.86 -0.51
C GLY A 24 -23.08 14.63 0.33
N VAL A 25 -22.15 13.81 -0.14
CA VAL A 25 -21.78 12.59 0.56
C VAL A 25 -20.27 12.53 0.78
N ILE A 26 -19.86 12.64 2.04
CA ILE A 26 -18.45 12.60 2.39
C ILE A 26 -17.94 11.16 2.47
N LEU A 27 -16.79 10.91 1.85
CA LEU A 27 -16.20 9.58 1.84
C LEU A 27 -14.75 9.62 2.32
N THR A 28 -14.23 8.47 2.72
CA THR A 28 -12.84 8.37 3.19
C THR A 28 -12.07 7.31 2.42
N ILE A 29 -10.78 7.53 2.25
CA ILE A 29 -9.93 6.59 1.53
C ILE A 29 -8.72 6.18 2.38
N GLN A 30 -8.33 4.93 2.27
CA GLN A 30 -7.19 4.41 3.02
C GLN A 30 -6.13 3.84 2.09
N GLN A 31 -5.04 4.58 1.90
CA GLN A 31 -3.96 4.14 1.04
C GLN A 31 -2.98 3.26 1.79
N HIS A 32 -3.17 1.95 1.71
CA HIS A 32 -2.30 0.99 2.39
C HIS A 32 -0.83 1.30 2.09
N ASN A 33 0.00 1.24 3.13
CA ASN A 33 1.42 1.51 2.98
C ASN A 33 2.25 0.62 3.90
N GLN A 34 3.11 -0.20 3.32
CA GLN A 34 3.96 -1.09 4.10
C GLN A 34 5.03 -1.73 3.22
N SER A 35 6.15 -1.02 3.04
CA SER A 35 7.25 -1.51 2.23
C SER A 35 7.86 -2.76 2.83
N ASP A 36 7.37 -3.92 2.40
CA ASP A 36 7.88 -5.20 2.90
C ASP A 36 9.19 -5.57 2.23
N VAL A 37 10.21 -5.83 3.03
CA VAL A 37 11.52 -6.20 2.52
C VAL A 37 11.74 -7.71 2.58
N TRP A 38 11.99 -8.32 1.42
CA TRP A 38 12.21 -9.76 1.36
C TRP A 38 13.49 -10.07 0.58
N LEU A 39 14.19 -11.12 1.00
CA LEU A 39 15.43 -11.52 0.35
C LEU A 39 15.30 -12.92 -0.24
N ALA A 40 16.08 -13.19 -1.28
CA ALA A 40 16.05 -14.49 -1.94
C ALA A 40 17.24 -15.35 -1.51
N ASP A 41 18.35 -14.69 -1.17
CA ASP A 41 19.55 -15.38 -0.74
C ASP A 41 19.54 -15.62 0.76
N GLU A 42 18.92 -16.72 1.19
CA GLU A 42 18.84 -17.06 2.60
C GLU A 42 20.21 -16.97 3.27
N SER A 43 21.22 -17.49 2.59
CA SER A 43 22.58 -17.47 3.11
C SER A 43 23.01 -16.05 3.47
N GLN A 44 22.53 -15.08 2.69
CA GLN A 44 22.87 -13.69 2.92
C GLN A 44 21.88 -13.04 3.89
N ALA A 45 20.77 -13.73 4.13
CA ALA A 45 19.74 -13.23 5.03
C ALA A 45 20.34 -12.83 6.38
N GLU A 46 21.36 -13.59 6.81
CA GLU A 46 22.02 -13.31 8.08
C GLU A 46 22.76 -11.97 8.04
N ARG A 47 23.58 -11.80 7.01
CA ARG A 47 24.35 -10.58 6.85
C ARG A 47 23.44 -9.36 6.82
N VAL A 48 22.46 -9.38 5.91
CA VAL A 48 21.52 -8.27 5.78
C VAL A 48 20.81 -8.00 7.09
N ARG A 49 20.46 -9.07 7.80
CA ARG A 49 19.76 -8.95 9.08
C ARG A 49 20.58 -8.10 10.06
N ALA A 50 21.84 -8.47 10.23
CA ALA A 50 22.73 -7.74 11.13
C ALA A 50 22.88 -6.29 10.71
N GLU A 51 23.38 -6.08 9.50
CA GLU A 51 23.58 -4.74 8.98
C GLU A 51 22.30 -3.92 9.08
N LEU A 52 21.18 -4.52 8.70
CA LEU A 52 19.89 -3.85 8.75
C LEU A 52 19.61 -3.31 10.15
N ALA A 53 19.71 -4.19 11.14
CA ALA A 53 19.47 -3.80 12.53
C ALA A 53 20.40 -2.66 12.95
N ARG A 54 21.62 -2.67 12.43
CA ARG A 54 22.60 -1.63 12.74
C ARG A 54 22.27 -0.33 12.02
N PHE A 55 21.55 -0.45 10.90
CA PHE A 55 21.18 0.72 10.11
C PHE A 55 19.87 1.31 10.62
N LEU A 56 18.97 0.46 11.08
CA LEU A 56 17.68 0.89 11.59
C LEU A 56 17.85 1.73 12.85
N GLU A 57 18.87 1.40 13.65
CA GLU A 57 19.14 2.13 14.88
C GLU A 57 19.83 3.46 14.59
N ASN A 58 20.10 3.71 13.31
CA ASN A 58 20.76 4.95 12.90
C ASN A 58 19.84 5.78 12.00
N PRO A 59 18.75 6.29 12.57
CA PRO A 59 17.77 7.10 11.85
C PRO A 59 18.33 8.47 11.46
N ALA A 60 18.84 8.57 10.24
CA ALA A 60 19.41 9.82 9.76
C ALA A 60 19.55 9.80 8.23
N ASP A 61 20.05 8.69 7.70
CA ASP A 61 20.23 8.55 6.26
C ASP A 61 19.04 7.84 5.63
N LEU A 62 18.74 6.65 6.12
CA LEU A 62 17.62 5.86 5.61
C LEU A 62 16.34 6.69 5.58
N GLU A 63 16.28 7.70 6.44
CA GLU A 63 15.12 8.57 6.51
C GLU A 63 14.73 9.09 5.12
N MET B 1 12.78 -17.70 -0.49
CA MET B 1 12.59 -16.29 -0.16
C MET B 1 12.33 -16.11 1.33
N LEU B 2 13.19 -15.34 1.98
CA LEU B 2 13.05 -15.08 3.41
C LEU B 2 12.87 -13.59 3.69
N MET B 3 11.75 -13.24 4.34
CA MET B 3 11.47 -11.85 4.66
C MET B 3 12.58 -11.25 5.50
N ILE B 4 13.15 -10.15 5.03
CA ILE B 4 14.22 -9.48 5.75
C ILE B 4 13.67 -8.56 6.83
N THR B 5 12.65 -7.79 6.48
CA THR B 5 12.03 -6.87 7.43
C THR B 5 10.82 -6.17 6.81
N SER B 6 10.21 -5.26 7.56
CA SER B 6 9.04 -4.54 7.09
C SER B 6 9.16 -3.05 7.40
N PHE B 7 9.00 -2.22 6.38
CA PHE B 7 9.09 -0.77 6.54
C PHE B 7 7.77 -0.10 6.18
N ALA B 8 7.71 1.22 6.37
CA ALA B 8 6.51 1.98 6.06
C ALA B 8 6.86 3.28 5.35
N ASN B 9 7.91 3.24 4.53
CA ASN B 9 8.34 4.42 3.80
C ASN B 9 9.23 4.03 2.61
N PRO B 10 9.08 4.75 1.50
CA PRO B 10 9.88 4.50 0.29
C PRO B 10 11.34 4.86 0.46
N ARG B 11 11.59 6.05 1.00
CA ARG B 11 12.96 6.52 1.21
C ARG B 11 13.78 5.47 1.96
N VAL B 12 13.23 4.97 3.06
CA VAL B 12 13.91 3.96 3.86
C VAL B 12 14.04 2.64 3.09
N ALA B 13 12.91 2.11 2.66
CA ALA B 13 12.90 0.86 1.91
C ALA B 13 13.93 0.88 0.78
N GLN B 14 13.79 1.84 -0.12
CA GLN B 14 14.71 1.97 -1.24
C GLN B 14 16.15 2.12 -0.76
N ALA B 15 16.36 3.05 0.16
CA ALA B 15 17.69 3.30 0.71
C ALA B 15 18.32 2.01 1.21
N PHE B 16 17.56 1.23 1.98
CA PHE B 16 18.05 -0.04 2.51
C PHE B 16 18.50 -0.97 1.40
N VAL B 17 17.57 -1.32 0.52
CA VAL B 17 17.88 -2.21 -0.60
C VAL B 17 18.98 -1.62 -1.49
N ASP B 18 19.13 -0.30 -1.43
CA ASP B 18 20.15 0.39 -2.22
C ASP B 18 21.55 0.05 -1.72
N TYR B 19 21.82 0.39 -0.46
CA TYR B 19 23.12 0.12 0.13
C TYR B 19 23.39 -1.38 0.21
N MET B 20 22.33 -2.17 0.21
CA MET B 20 22.45 -3.62 0.27
C MET B 20 22.83 -4.19 -1.09
N ALA B 21 22.23 -3.65 -2.14
CA ALA B 21 22.51 -4.10 -3.50
C ALA B 21 23.94 -3.78 -3.91
N THR B 22 24.39 -2.57 -3.55
CA THR B 22 25.74 -2.13 -3.89
C THR B 22 26.78 -2.86 -3.04
N GLN B 23 26.32 -3.53 -1.99
CA GLN B 23 27.20 -4.27 -1.10
C GLN B 23 27.35 -5.71 -1.55
N GLY B 24 26.59 -6.09 -2.58
CA GLY B 24 26.66 -7.45 -3.09
C GLY B 24 25.47 -8.28 -2.63
N VAL B 25 24.45 -7.63 -2.11
CA VAL B 25 23.25 -8.32 -1.64
C VAL B 25 22.00 -7.71 -2.25
N ILE B 26 21.33 -8.48 -3.10
CA ILE B 26 20.11 -8.02 -3.75
C ILE B 26 18.90 -8.17 -2.82
N LEU B 27 18.09 -7.11 -2.74
CA LEU B 27 16.91 -7.13 -1.90
C LEU B 27 15.67 -6.72 -2.69
N THR B 28 14.49 -7.03 -2.16
CA THR B 28 13.24 -6.70 -2.81
C THR B 28 12.30 -5.96 -1.86
N ILE B 29 11.51 -5.05 -2.41
CA ILE B 29 10.56 -4.28 -1.61
C ILE B 29 9.15 -4.40 -2.16
N GLN B 30 8.18 -4.41 -1.26
CA GLN B 30 6.77 -4.53 -1.64
C GLN B 30 5.96 -3.36 -1.09
N GLN B 31 5.62 -2.41 -1.96
CA GLN B 31 4.85 -1.25 -1.55
C GLN B 31 3.35 -1.55 -1.60
N HIS B 32 2.79 -1.93 -0.46
CA HIS B 32 1.37 -2.25 -0.39
C HIS B 32 0.53 -1.13 -0.98
N ASN B 33 -0.55 -1.50 -1.67
CA ASN B 33 -1.44 -0.51 -2.29
C ASN B 33 -2.86 -1.03 -2.34
N GLN B 34 -3.78 -0.29 -1.71
CA GLN B 34 -5.18 -0.68 -1.68
C GLN B 34 -6.04 0.44 -1.09
N SER B 35 -6.46 1.37 -1.95
CA SER B 35 -7.29 2.49 -1.50
C SER B 35 -8.65 2.01 -1.03
N ASP B 36 -8.77 1.77 0.27
CA ASP B 36 -10.02 1.30 0.87
C ASP B 36 -10.98 2.47 1.07
N VAL B 37 -12.19 2.33 0.55
CA VAL B 37 -13.21 3.37 0.69
C VAL B 37 -14.19 3.03 1.79
N TRP B 38 -14.33 3.93 2.75
CA TRP B 38 -15.24 3.74 3.88
C TRP B 38 -16.10 4.98 4.10
N LEU B 39 -17.35 4.76 4.49
CA LEU B 39 -18.27 5.86 4.74
C LEU B 39 -18.69 5.89 6.21
N ALA B 40 -19.04 7.07 6.69
CA ALA B 40 -19.46 7.25 8.07
C ALA B 40 -20.99 7.33 8.18
N ASP B 41 -21.62 7.84 7.13
CA ASP B 41 -23.07 7.99 7.10
C ASP B 41 -23.72 6.75 6.51
N GLU B 42 -24.00 5.76 7.35
CA GLU B 42 -24.63 4.52 6.90
C GLU B 42 -25.86 4.82 6.04
N SER B 43 -26.65 5.80 6.48
CA SER B 43 -27.87 6.17 5.75
C SER B 43 -27.55 6.49 4.29
N GLN B 44 -26.38 7.07 4.06
CA GLN B 44 -25.95 7.44 2.71
C GLN B 44 -25.21 6.28 2.05
N ALA B 45 -24.82 5.29 2.86
CA ALA B 45 -24.11 4.12 2.34
C ALA B 45 -24.83 3.52 1.14
N GLU B 46 -26.16 3.56 1.18
CA GLU B 46 -26.97 3.01 0.10
C GLU B 46 -26.78 3.82 -1.19
N ARG B 47 -26.87 5.14 -1.06
CA ARG B 47 -26.72 6.02 -2.21
C ARG B 47 -25.36 5.83 -2.87
N VAL B 48 -24.30 5.92 -2.06
CA VAL B 48 -22.94 5.77 -2.57
C VAL B 48 -22.76 4.39 -3.21
N ARG B 49 -23.32 3.37 -2.58
CA ARG B 49 -23.22 2.00 -3.09
C ARG B 49 -23.76 1.92 -4.52
N ALA B 50 -24.97 2.42 -4.72
CA ALA B 50 -25.61 2.40 -6.03
C ALA B 50 -24.78 3.18 -7.05
N GLU B 51 -24.62 4.48 -6.79
CA GLU B 51 -23.86 5.34 -7.67
C GLU B 51 -22.48 4.75 -7.97
N LEU B 52 -21.82 4.25 -6.94
CA LEU B 52 -20.50 3.65 -7.09
C LEU B 52 -20.52 2.54 -8.12
N ALA B 53 -21.37 1.55 -7.88
CA ALA B 53 -21.50 0.42 -8.79
C ALA B 53 -21.77 0.89 -10.22
N ARG B 54 -22.52 1.97 -10.34
CA ARG B 54 -22.86 2.53 -11.65
C ARG B 54 -21.66 3.24 -12.26
N PHE B 55 -20.76 3.72 -11.40
CA PHE B 55 -19.56 4.43 -11.86
C PHE B 55 -18.44 3.46 -12.16
N LEU B 56 -18.40 2.36 -11.41
CA LEU B 56 -17.37 1.34 -11.60
C LEU B 56 -17.49 0.68 -12.97
N GLU B 57 -18.72 0.52 -13.43
CA GLU B 57 -18.97 -0.09 -14.72
C GLU B 57 -18.68 0.88 -15.86
N ASN B 58 -18.31 2.10 -15.51
CA ASN B 58 -18.00 3.13 -16.50
C ASN B 58 -16.54 3.56 -16.39
N PRO B 59 -15.62 2.65 -16.73
CA PRO B 59 -14.17 2.92 -16.67
C PRO B 59 -13.74 3.90 -17.75
N ALA B 60 -13.67 5.19 -17.38
CA ALA B 60 -13.26 6.22 -18.31
C ALA B 60 -12.75 7.45 -17.57
N ASP B 61 -13.53 7.91 -16.60
CA ASP B 61 -13.15 9.08 -15.81
C ASP B 61 -12.42 8.67 -14.53
N LEU B 62 -13.02 7.77 -13.78
CA LEU B 62 -12.43 7.29 -12.53
C LEU B 62 -10.99 6.84 -12.75
N GLU B 63 -10.67 6.47 -13.99
CA GLU B 63 -9.33 6.03 -14.33
C GLU B 63 -8.29 7.08 -13.95
N MET A 1 -19.26 3.42 10.97
CA MET A 1 -18.47 3.41 9.74
C MET A 1 -18.69 2.11 8.96
N LEU A 2 -19.16 2.25 7.73
CA LEU A 2 -19.41 1.09 6.87
C LEU A 2 -18.57 1.15 5.60
N MET A 3 -17.74 0.13 5.41
CA MET A 3 -16.87 0.07 4.23
C MET A 3 -17.70 0.12 2.96
N ILE A 4 -17.46 1.15 2.14
CA ILE A 4 -18.18 1.31 0.89
C ILE A 4 -17.64 0.38 -0.20
N THR A 5 -16.31 0.36 -0.32
CA THR A 5 -15.66 -0.49 -1.32
C THR A 5 -14.14 -0.41 -1.20
N SER A 6 -13.45 -1.11 -2.08
CA SER A 6 -11.98 -1.12 -2.07
C SER A 6 -11.43 -0.93 -3.48
N PHE A 7 -10.46 -0.04 -3.61
CA PHE A 7 -9.84 0.24 -4.90
C PHE A 7 -8.33 -0.01 -4.85
N ALA A 8 -7.71 -0.08 -6.02
CA ALA A 8 -6.27 -0.31 -6.12
C ALA A 8 -5.59 0.79 -6.90
N ASN A 9 -6.22 1.96 -6.96
CA ASN A 9 -5.67 3.10 -7.68
C ASN A 9 -6.02 4.41 -6.98
N PRO A 10 -5.06 5.35 -6.99
CA PRO A 10 -5.24 6.66 -6.35
C PRO A 10 -6.26 7.53 -7.09
N ARG A 11 -6.09 7.63 -8.41
CA ARG A 11 -6.98 8.43 -9.23
C ARG A 11 -8.43 8.05 -8.98
N VAL A 12 -8.74 6.77 -9.10
CA VAL A 12 -10.09 6.27 -8.88
C VAL A 12 -10.59 6.62 -7.49
N ALA A 13 -9.80 6.26 -6.47
CA ALA A 13 -10.16 6.54 -5.09
C ALA A 13 -10.54 8.01 -4.91
N GLN A 14 -9.58 8.90 -5.15
CA GLN A 14 -9.83 10.33 -5.01
C GLN A 14 -11.00 10.78 -5.89
N ALA A 15 -10.99 10.35 -7.13
CA ALA A 15 -12.06 10.69 -8.07
C ALA A 15 -13.43 10.35 -7.49
N PHE A 16 -13.55 9.14 -6.93
CA PHE A 16 -14.80 8.69 -6.35
C PHE A 16 -15.23 9.62 -5.21
N VAL A 17 -14.39 9.72 -4.18
CA VAL A 17 -14.68 10.56 -3.03
C VAL A 17 -14.88 12.01 -3.45
N ASP A 18 -14.34 12.37 -4.61
CA ASP A 18 -14.47 13.72 -5.13
C ASP A 18 -15.89 14.00 -5.61
N TYR A 19 -16.35 13.21 -6.58
CA TYR A 19 -17.69 13.37 -7.14
C TYR A 19 -18.75 13.07 -6.07
N MET A 20 -18.37 12.28 -5.07
CA MET A 20 -19.29 11.92 -4.00
C MET A 20 -19.38 13.04 -2.97
N ALA A 21 -18.23 13.64 -2.65
CA ALA A 21 -18.19 14.73 -1.67
C ALA A 21 -18.95 15.95 -2.18
N THR A 22 -18.77 16.26 -3.46
CA THR A 22 -19.44 17.41 -4.06
C THR A 22 -20.93 17.14 -4.24
N GLN A 23 -21.33 15.89 -4.09
CA GLN A 23 -22.72 15.51 -4.23
C GLN A 23 -23.45 15.54 -2.89
N GLY A 24 -22.70 15.88 -1.84
CA GLY A 24 -23.29 15.95 -0.51
C GLY A 24 -22.95 14.73 0.34
N VAL A 25 -22.26 13.77 -0.27
CA VAL A 25 -21.89 12.54 0.44
C VAL A 25 -20.38 12.51 0.71
N ILE A 26 -20.02 12.58 1.98
CA ILE A 26 -18.61 12.54 2.37
C ILE A 26 -18.08 11.11 2.41
N LEU A 27 -16.91 10.91 1.82
CA LEU A 27 -16.28 9.59 1.79
C LEU A 27 -14.85 9.65 2.29
N THR A 28 -14.31 8.50 2.68
CA THR A 28 -12.95 8.42 3.18
C THR A 28 -12.14 7.37 2.42
N ILE A 29 -10.85 7.62 2.26
CA ILE A 29 -9.97 6.69 1.56
C ILE A 29 -8.78 6.30 2.43
N GLN A 30 -8.35 5.04 2.30
CA GLN A 30 -7.22 4.55 3.07
C GLN A 30 -6.15 3.96 2.15
N GLN A 31 -5.07 4.71 1.94
CA GLN A 31 -3.99 4.27 1.09
C GLN A 31 -3.03 3.35 1.85
N HIS A 32 -3.12 2.05 1.58
CA HIS A 32 -2.27 1.07 2.23
C HIS A 32 -0.79 1.45 2.07
N ASN A 33 0.08 0.68 2.72
CA ASN A 33 1.52 0.93 2.66
C ASN A 33 2.30 -0.29 3.13
N GLN A 34 2.74 -1.11 2.18
CA GLN A 34 3.50 -2.31 2.50
C GLN A 34 4.78 -2.37 1.68
N SER A 35 5.52 -3.46 1.83
CA SER A 35 6.77 -3.64 1.10
C SER A 35 7.17 -5.12 1.07
N ASP A 36 6.95 -5.76 -0.07
CA ASP A 36 7.27 -7.16 -0.24
C ASP A 36 8.74 -7.33 -0.66
N VAL A 37 9.47 -8.16 0.07
CA VAL A 37 10.87 -8.41 -0.22
C VAL A 37 11.06 -9.71 -0.98
N TRP A 38 11.62 -9.63 -2.18
CA TRP A 38 11.85 -10.80 -3.01
C TRP A 38 13.30 -10.86 -3.48
N LEU A 39 13.85 -12.07 -3.58
CA LEU A 39 15.22 -12.27 -4.01
C LEU A 39 15.27 -13.07 -5.31
N ALA A 40 16.33 -12.85 -6.09
CA ALA A 40 16.49 -13.55 -7.36
C ALA A 40 17.54 -14.66 -7.23
N ASP A 41 18.47 -14.47 -6.32
CA ASP A 41 19.54 -15.45 -6.10
C ASP A 41 19.11 -16.50 -5.06
N GLU A 42 18.47 -17.56 -5.53
CA GLU A 42 18.01 -18.62 -4.64
C GLU A 42 19.13 -19.07 -3.70
N SER A 43 20.32 -19.23 -4.24
CA SER A 43 21.47 -19.66 -3.46
C SER A 43 21.67 -18.74 -2.25
N GLN A 44 21.35 -17.47 -2.42
CA GLN A 44 21.50 -16.49 -1.35
C GLN A 44 20.23 -16.42 -0.51
N ALA A 45 19.15 -16.99 -1.03
CA ALA A 45 17.87 -16.99 -0.33
C ALA A 45 18.02 -17.53 1.09
N GLU A 46 19.01 -18.39 1.28
CA GLU A 46 19.26 -18.99 2.59
C GLU A 46 20.00 -18.02 3.51
N ARG A 47 21.12 -17.48 3.02
CA ARG A 47 21.91 -16.53 3.79
C ARG A 47 21.07 -15.32 4.18
N VAL A 48 20.18 -14.91 3.29
CA VAL A 48 19.32 -13.75 3.55
C VAL A 48 18.23 -14.10 4.56
N ARG A 49 17.64 -15.28 4.41
CA ARG A 49 16.59 -15.72 5.32
C ARG A 49 17.08 -15.74 6.76
N ALA A 50 18.30 -16.23 6.95
CA ALA A 50 18.90 -16.30 8.29
C ALA A 50 19.20 -14.91 8.84
N GLU A 51 20.02 -14.16 8.11
CA GLU A 51 20.39 -12.81 8.52
C GLU A 51 19.14 -11.95 8.74
N LEU A 52 18.16 -12.10 7.86
CA LEU A 52 16.93 -11.35 7.95
C LEU A 52 16.19 -11.65 9.25
N ALA A 53 16.00 -12.94 9.52
CA ALA A 53 15.31 -13.38 10.74
C ALA A 53 16.05 -12.90 11.98
N ARG A 54 17.37 -12.76 11.87
CA ARG A 54 18.19 -12.31 12.98
C ARG A 54 18.15 -10.79 13.12
N PHE A 55 17.86 -10.12 12.01
CA PHE A 55 17.79 -8.65 12.00
C PHE A 55 16.40 -8.18 12.41
N LEU A 56 15.38 -8.88 11.94
CA LEU A 56 14.00 -8.53 12.25
C LEU A 56 13.77 -8.51 13.76
N GLU A 57 14.41 -9.43 14.47
CA GLU A 57 14.29 -9.50 15.91
C GLU A 57 15.12 -8.42 16.60
N ASN A 58 15.83 -7.65 15.80
CA ASN A 58 16.68 -6.57 16.32
C ASN A 58 16.17 -5.21 15.86
N PRO A 59 15.00 -4.80 16.39
CA PRO A 59 14.39 -3.51 16.04
C PRO A 59 15.17 -2.32 16.59
N ALA A 60 16.20 -1.91 15.87
CA ALA A 60 17.03 -0.78 16.28
C ALA A 60 17.57 -0.03 15.08
N ASP A 61 18.04 -0.77 14.08
CA ASP A 61 18.58 -0.17 12.86
C ASP A 61 17.54 -0.11 11.77
N LEU A 62 17.02 -1.28 11.39
CA LEU A 62 16.00 -1.36 10.34
C LEU A 62 14.86 -0.40 10.61
N GLU A 63 14.62 -0.11 11.89
CA GLU A 63 13.56 0.81 12.28
C GLU A 63 13.65 2.12 11.51
N MET B 1 12.99 -16.37 -8.88
CA MET B 1 12.68 -15.38 -7.85
C MET B 1 11.98 -16.02 -6.66
N LEU B 2 12.57 -15.90 -5.49
CA LEU B 2 12.00 -16.47 -4.27
C LEU B 2 11.73 -15.37 -3.24
N MET B 3 10.46 -15.25 -2.85
CA MET B 3 10.06 -14.25 -1.87
C MET B 3 10.83 -14.43 -0.56
N ILE B 4 11.59 -13.40 -0.18
CA ILE B 4 12.38 -13.45 1.04
C ILE B 4 11.51 -13.20 2.26
N THR B 5 10.67 -12.16 2.19
CA THR B 5 9.78 -11.82 3.30
C THR B 5 8.86 -10.66 2.92
N SER B 6 8.04 -10.24 3.87
CA SER B 6 7.11 -9.14 3.64
C SER B 6 7.13 -8.15 4.80
N PHE B 7 7.32 -6.88 4.49
CA PHE B 7 7.37 -5.83 5.50
C PHE B 7 6.22 -4.85 5.32
N ALA B 8 5.95 -4.07 6.36
CA ALA B 8 4.87 -3.08 6.32
C ALA B 8 5.41 -1.67 6.61
N ASN B 9 6.68 -1.46 6.34
CA ASN B 9 7.32 -0.17 6.58
C ASN B 9 8.41 0.10 5.55
N PRO B 10 8.50 1.36 5.10
CA PRO B 10 9.51 1.78 4.11
C PRO B 10 10.91 1.79 4.68
N ARG B 11 11.07 2.39 5.85
CA ARG B 11 12.37 2.47 6.51
C ARG B 11 12.98 1.08 6.67
N VAL B 12 12.18 0.14 7.14
CA VAL B 12 12.64 -1.24 7.33
C VAL B 12 12.99 -1.89 5.99
N ALA B 13 12.04 -1.86 5.06
CA ALA B 13 12.24 -2.46 3.74
C ALA B 13 13.56 -1.99 3.14
N GLN B 14 13.66 -0.68 2.91
CA GLN B 14 14.88 -0.11 2.33
C GLN B 14 16.10 -0.47 3.16
N ALA B 15 16.00 -0.29 4.47
CA ALA B 15 17.10 -0.59 5.37
C ALA B 15 17.61 -2.02 5.16
N PHE B 16 16.67 -2.96 5.07
CA PHE B 16 17.02 -4.36 4.88
C PHE B 16 17.79 -4.55 3.57
N VAL B 17 17.15 -4.19 2.46
CA VAL B 17 17.78 -4.32 1.14
C VAL B 17 19.07 -3.52 1.07
N ASP B 18 19.20 -2.53 1.94
CA ASP B 18 20.40 -1.69 1.98
C ASP B 18 21.58 -2.47 2.55
N TYR B 19 21.45 -2.93 3.79
CA TYR B 19 22.50 -3.69 4.45
C TYR B 19 22.78 -5.00 3.72
N MET B 20 21.78 -5.49 3.00
CA MET B 20 21.90 -6.73 2.25
C MET B 20 22.65 -6.50 0.94
N ALA B 21 22.32 -5.41 0.26
CA ALA B 21 22.97 -5.08 -1.01
C ALA B 21 24.45 -4.80 -0.81
N THR B 22 24.78 -4.07 0.25
CA THR B 22 26.17 -3.73 0.55
C THR B 22 26.94 -4.95 1.04
N GLN B 23 26.21 -6.01 1.37
CA GLN B 23 26.82 -7.24 1.85
C GLN B 23 27.10 -8.20 0.70
N GLY B 24 26.72 -7.81 -0.51
CA GLY B 24 26.92 -8.64 -1.67
C GLY B 24 25.66 -9.35 -2.11
N VAL B 25 24.59 -9.17 -1.34
CA VAL B 25 23.31 -9.80 -1.66
C VAL B 25 22.29 -8.77 -2.13
N ILE B 26 21.90 -8.86 -3.40
CA ILE B 26 20.94 -7.94 -3.97
C ILE B 26 19.51 -8.34 -3.62
N LEU B 27 18.71 -7.38 -3.18
CA LEU B 27 17.32 -7.64 -2.82
C LEU B 27 16.38 -6.67 -3.52
N THR B 28 15.10 -7.04 -3.59
CA THR B 28 14.10 -6.21 -4.24
C THR B 28 12.92 -5.96 -3.33
N ILE B 29 12.32 -4.78 -3.46
CA ILE B 29 11.17 -4.41 -2.64
C ILE B 29 9.98 -4.00 -3.50
N GLN B 30 8.78 -4.34 -3.04
CA GLN B 30 7.56 -4.00 -3.78
C GLN B 30 6.59 -3.23 -2.89
N GLN B 31 6.50 -1.92 -3.10
CA GLN B 31 5.62 -1.07 -2.33
C GLN B 31 4.19 -1.14 -2.86
N HIS B 32 3.31 -1.82 -2.12
CA HIS B 32 1.93 -1.97 -2.51
C HIS B 32 1.29 -0.60 -2.77
N ASN B 33 0.03 -0.61 -3.22
CA ASN B 33 -0.68 0.62 -3.51
C ASN B 33 -2.18 0.36 -3.65
N GLN B 34 -2.92 0.54 -2.57
CA GLN B 34 -4.36 0.33 -2.58
C GLN B 34 -5.10 1.55 -2.05
N SER B 35 -6.42 1.44 -1.96
CA SER B 35 -7.24 2.55 -1.47
C SER B 35 -8.61 2.04 -0.99
N ASP B 36 -8.74 1.88 0.31
CA ASP B 36 -9.99 1.41 0.90
C ASP B 36 -10.97 2.55 1.10
N VAL B 37 -12.17 2.39 0.56
CA VAL B 37 -13.21 3.41 0.68
C VAL B 37 -14.20 3.07 1.79
N TRP B 38 -14.31 3.95 2.78
CA TRP B 38 -15.22 3.75 3.89
C TRP B 38 -16.11 4.97 4.10
N LEU B 39 -17.35 4.73 4.50
CA LEU B 39 -18.30 5.81 4.75
C LEU B 39 -18.74 5.83 6.21
N ALA B 40 -19.11 7.00 6.69
CA ALA B 40 -19.56 7.16 8.07
C ALA B 40 -21.08 7.28 8.14
N ASP B 41 -21.68 7.80 7.07
CA ASP B 41 -23.13 7.97 7.01
C ASP B 41 -23.80 6.72 6.46
N GLU B 42 -24.14 5.79 7.35
CA GLU B 42 -24.78 4.54 6.94
C GLU B 42 -25.97 4.83 6.03
N SER B 43 -26.77 5.82 6.40
CA SER B 43 -27.94 6.19 5.61
C SER B 43 -27.57 6.45 4.16
N GLN B 44 -26.38 7.00 3.95
CA GLN B 44 -25.90 7.31 2.60
C GLN B 44 -25.16 6.12 2.01
N ALA B 45 -24.83 5.15 2.86
CA ALA B 45 -24.13 3.95 2.41
C ALA B 45 -24.86 3.28 1.25
N GLU B 46 -26.17 3.49 1.18
CA GLU B 46 -26.98 2.91 0.12
C GLU B 46 -26.84 3.72 -1.18
N ARG B 47 -27.06 5.02 -1.07
CA ARG B 47 -26.96 5.91 -2.23
C ARG B 47 -25.58 5.82 -2.86
N VAL B 48 -24.56 5.66 -2.02
CA VAL B 48 -23.19 5.57 -2.49
C VAL B 48 -22.92 4.22 -3.14
N ARG B 49 -23.42 3.16 -2.53
CA ARG B 49 -23.23 1.81 -3.05
C ARG B 49 -23.79 1.69 -4.46
N ALA B 50 -24.95 2.30 -4.68
CA ALA B 50 -25.59 2.26 -5.99
C ALA B 50 -24.80 3.09 -7.01
N GLU B 51 -24.65 4.38 -6.73
CA GLU B 51 -23.93 5.27 -7.61
C GLU B 51 -22.52 4.75 -7.88
N LEU B 52 -21.89 4.19 -6.85
CA LEU B 52 -20.54 3.65 -6.99
C LEU B 52 -20.51 2.48 -7.97
N ALA B 53 -21.42 1.53 -7.77
CA ALA B 53 -21.51 0.35 -8.64
C ALA B 53 -21.81 0.77 -10.07
N ARG B 54 -22.49 1.90 -10.23
CA ARG B 54 -22.85 2.39 -11.56
C ARG B 54 -21.68 3.15 -12.18
N PHE B 55 -20.82 3.72 -11.33
CA PHE B 55 -19.67 4.47 -11.80
C PHE B 55 -18.49 3.56 -12.08
N LEU B 56 -18.34 2.54 -11.24
CA LEU B 56 -17.25 1.57 -11.40
C LEU B 56 -17.29 0.91 -12.76
N GLU B 57 -18.51 0.64 -13.25
CA GLU B 57 -18.69 0.01 -14.55
C GLU B 57 -18.50 1.02 -15.68
N ASN B 58 -18.26 2.27 -15.30
CA ASN B 58 -18.06 3.34 -16.28
C ASN B 58 -16.65 3.92 -16.18
N PRO B 59 -15.66 3.11 -16.58
CA PRO B 59 -14.25 3.52 -16.54
C PRO B 59 -13.93 4.59 -17.58
N ALA B 60 -14.17 5.85 -17.22
CA ALA B 60 -13.89 6.96 -18.12
C ALA B 60 -13.27 8.13 -17.37
N ASP B 61 -13.86 8.50 -16.24
CA ASP B 61 -13.37 9.61 -15.43
C ASP B 61 -12.57 9.08 -14.24
N LEU B 62 -13.17 8.19 -13.47
CA LEU B 62 -12.52 7.62 -12.30
C LEU B 62 -11.13 7.12 -12.66
N GLU B 63 -10.93 6.77 -13.91
CA GLU B 63 -9.63 6.27 -14.37
C GLU B 63 -8.51 7.21 -13.95
N MET A 1 -19.27 3.48 10.94
CA MET A 1 -18.45 3.48 9.73
C MET A 1 -18.66 2.19 8.95
N LEU A 2 -19.10 2.32 7.69
CA LEU A 2 -19.33 1.17 6.84
C LEU A 2 -18.47 1.24 5.58
N MET A 3 -17.62 0.24 5.40
CA MET A 3 -16.74 0.18 4.24
C MET A 3 -17.55 0.20 2.94
N ILE A 4 -17.37 1.24 2.14
CA ILE A 4 -18.08 1.38 0.88
C ILE A 4 -17.54 0.40 -0.15
N THR A 5 -16.22 0.38 -0.31
CA THR A 5 -15.57 -0.50 -1.27
C THR A 5 -14.05 -0.41 -1.18
N SER A 6 -13.37 -1.24 -1.95
CA SER A 6 -11.90 -1.25 -1.95
C SER A 6 -11.37 -1.05 -3.36
N PHE A 7 -10.41 -0.14 -3.49
CA PHE A 7 -9.80 0.16 -4.79
C PHE A 7 -8.31 -0.14 -4.77
N ALA A 8 -7.67 0.01 -5.94
CA ALA A 8 -6.24 -0.25 -6.05
C ALA A 8 -5.56 0.86 -6.84
N ASN A 9 -6.04 2.09 -6.69
CA ASN A 9 -5.48 3.23 -7.39
C ASN A 9 -5.95 4.54 -6.76
N PRO A 10 -5.06 5.55 -6.73
CA PRO A 10 -5.36 6.86 -6.18
C PRO A 10 -6.36 7.64 -7.02
N ARG A 11 -6.12 7.66 -8.33
CA ARG A 11 -6.99 8.37 -9.26
C ARG A 11 -8.45 7.97 -9.05
N VAL A 12 -8.70 6.66 -9.03
CA VAL A 12 -10.05 6.15 -8.83
C VAL A 12 -10.59 6.52 -7.45
N ALA A 13 -9.86 6.10 -6.41
CA ALA A 13 -10.25 6.40 -5.04
C ALA A 13 -10.62 7.87 -4.88
N GLN A 14 -9.69 8.74 -5.19
CA GLN A 14 -9.91 10.18 -5.07
C GLN A 14 -11.09 10.62 -5.92
N ALA A 15 -11.08 10.24 -7.20
CA ALA A 15 -12.16 10.59 -8.12
C ALA A 15 -13.53 10.20 -7.53
N PHE A 16 -13.63 8.98 -7.04
CA PHE A 16 -14.88 8.50 -6.45
C PHE A 16 -15.32 9.40 -5.31
N VAL A 17 -14.48 9.50 -4.28
CA VAL A 17 -14.79 10.33 -3.12
C VAL A 17 -15.00 11.78 -3.52
N ASP A 18 -14.47 12.15 -4.69
CA ASP A 18 -14.61 13.52 -5.19
C ASP A 18 -16.05 13.79 -5.61
N TYR A 19 -16.55 13.02 -6.57
CA TYR A 19 -17.91 13.19 -7.07
C TYR A 19 -18.93 12.93 -5.96
N MET A 20 -18.56 12.05 -5.03
CA MET A 20 -19.44 11.72 -3.91
C MET A 20 -19.48 12.85 -2.89
N ALA A 21 -18.33 13.47 -2.66
CA ALA A 21 -18.25 14.57 -1.70
C ALA A 21 -19.01 15.79 -2.19
N THR A 22 -18.89 16.08 -3.49
CA THR A 22 -19.58 17.23 -4.08
C THR A 22 -21.08 16.97 -4.17
N GLN A 23 -21.48 15.72 -3.97
CA GLN A 23 -22.89 15.36 -4.03
C GLN A 23 -23.54 15.44 -2.65
N GLY A 24 -22.74 15.79 -1.65
CA GLY A 24 -23.25 15.91 -0.29
C GLY A 24 -22.88 14.71 0.56
N VAL A 25 -22.25 13.71 -0.05
CA VAL A 25 -21.85 12.50 0.67
C VAL A 25 -20.34 12.47 0.88
N ILE A 26 -19.92 12.59 2.13
CA ILE A 26 -18.50 12.58 2.47
C ILE A 26 -17.96 11.14 2.52
N LEU A 27 -16.82 10.93 1.90
CA LEU A 27 -16.19 9.61 1.88
C LEU A 27 -14.75 9.68 2.35
N THR A 28 -14.21 8.53 2.76
CA THR A 28 -12.84 8.47 3.24
C THR A 28 -12.04 7.39 2.49
N ILE A 29 -10.75 7.65 2.31
CA ILE A 29 -9.89 6.70 1.61
C ILE A 29 -8.68 6.33 2.46
N GLN A 30 -8.27 5.07 2.37
CA GLN A 30 -7.12 4.59 3.13
C GLN A 30 -6.05 4.02 2.21
N GLN A 31 -5.00 4.78 1.99
CA GLN A 31 -3.90 4.35 1.13
C GLN A 31 -2.93 3.45 1.88
N HIS A 32 -2.78 2.23 1.40
CA HIS A 32 -1.88 1.27 2.03
C HIS A 32 -0.43 1.57 1.70
N ASN A 33 0.49 0.81 2.27
CA ASN A 33 1.92 1.01 2.04
C ASN A 33 2.73 -0.16 2.61
N GLN A 34 3.41 -0.89 1.73
CA GLN A 34 4.23 -2.02 2.14
C GLN A 34 5.48 -2.13 1.29
N SER A 35 6.32 -3.11 1.60
CA SER A 35 7.57 -3.32 0.87
C SER A 35 8.10 -4.73 1.10
N ASP A 36 7.83 -5.62 0.17
CA ASP A 36 8.28 -7.00 0.26
C ASP A 36 9.72 -7.14 -0.24
N VAL A 37 10.58 -7.68 0.61
CA VAL A 37 11.98 -7.86 0.25
C VAL A 37 12.27 -9.30 -0.17
N TRP A 38 12.68 -9.47 -1.42
CA TRP A 38 12.98 -10.80 -1.95
C TRP A 38 14.40 -10.85 -2.52
N LEU A 39 15.05 -12.00 -2.36
CA LEU A 39 16.41 -12.18 -2.86
C LEU A 39 16.46 -13.28 -3.93
N ALA A 40 17.43 -13.17 -4.83
CA ALA A 40 17.59 -14.15 -5.89
C ALA A 40 18.74 -15.11 -5.58
N ASP A 41 19.71 -14.63 -4.82
CA ASP A 41 20.86 -15.45 -4.46
C ASP A 41 20.59 -16.24 -3.18
N GLU A 42 19.96 -17.40 -3.33
CA GLU A 42 19.64 -18.25 -2.19
C GLU A 42 20.86 -18.46 -1.31
N SER A 43 22.01 -18.72 -1.94
CA SER A 43 23.26 -18.95 -1.21
C SER A 43 23.56 -17.78 -0.29
N GLN A 44 23.17 -16.57 -0.71
CA GLN A 44 23.42 -15.37 0.09
C GLN A 44 22.24 -15.12 1.03
N ALA A 45 21.14 -15.81 0.80
CA ALA A 45 19.95 -15.65 1.63
C ALA A 45 20.30 -15.78 3.11
N GLU A 46 21.22 -16.69 3.42
CA GLU A 46 21.65 -16.91 4.80
C GLU A 46 22.32 -15.67 5.36
N ARG A 47 23.29 -15.13 4.63
CA ARG A 47 24.02 -13.94 5.07
C ARG A 47 23.06 -12.78 5.31
N VAL A 48 22.27 -12.43 4.29
CA VAL A 48 21.32 -11.35 4.40
C VAL A 48 20.38 -11.55 5.58
N ARG A 49 19.99 -12.80 5.80
CA ARG A 49 19.09 -13.14 6.89
C ARG A 49 19.68 -12.74 8.24
N ALA A 50 20.92 -13.18 8.49
CA ALA A 50 21.60 -12.85 9.74
C ALA A 50 21.75 -11.36 9.91
N GLU A 51 22.35 -10.70 8.91
CA GLU A 51 22.56 -9.26 8.97
C GLU A 51 21.24 -8.52 9.15
N LEU A 52 20.24 -8.90 8.34
CA LEU A 52 18.93 -8.28 8.42
C LEU A 52 18.40 -8.28 9.84
N ALA A 53 18.40 -9.47 10.46
CA ALA A 53 17.91 -9.61 11.82
C ALA A 53 18.70 -8.71 12.78
N ARG A 54 20.02 -8.69 12.62
CA ARG A 54 20.88 -7.87 13.46
C ARG A 54 20.66 -6.39 13.19
N PHE A 55 20.12 -6.08 12.01
CA PHE A 55 19.86 -4.69 11.63
C PHE A 55 18.49 -4.24 12.13
N LEU A 56 17.50 -5.11 12.01
CA LEU A 56 16.15 -4.80 12.44
C LEU A 56 16.12 -4.44 13.92
N GLU A 57 16.99 -5.07 14.69
CA GLU A 57 17.07 -4.81 16.12
C GLU A 57 17.84 -3.52 16.41
N ASN A 58 18.31 -2.89 15.35
CA ASN A 58 19.07 -1.64 15.48
C ASN A 58 18.29 -0.47 14.87
N PRO A 59 17.23 -0.05 15.58
CA PRO A 59 16.38 1.07 15.14
C PRO A 59 17.11 2.41 15.22
N ALA A 60 17.59 2.90 14.08
CA ALA A 60 18.29 4.17 14.03
C ALA A 60 18.67 4.53 12.61
N ASP A 61 19.21 3.56 11.88
CA ASP A 61 19.62 3.77 10.50
C ASP A 61 18.51 3.38 9.53
N LEU A 62 17.93 2.20 9.74
CA LEU A 62 16.86 1.72 8.88
C LEU A 62 15.65 2.65 8.94
N GLU A 63 15.61 3.49 9.97
CA GLU A 63 14.51 4.44 10.15
C GLU A 63 14.88 5.80 9.58
N MET B 1 14.24 -17.56 -6.29
CA MET B 1 13.92 -16.35 -5.54
C MET B 1 13.35 -16.71 -4.16
N LEU B 2 14.02 -16.23 -3.12
CA LEU B 2 13.57 -16.49 -1.75
C LEU B 2 13.29 -15.19 -1.01
N MET B 3 12.05 -15.05 -0.55
CA MET B 3 11.65 -13.84 0.17
C MET B 3 12.51 -13.65 1.42
N ILE B 4 13.26 -12.54 1.44
CA ILE B 4 14.13 -12.23 2.57
C ILE B 4 13.31 -11.79 3.79
N THR B 5 12.41 -10.83 3.58
CA THR B 5 11.57 -10.33 4.65
C THR B 5 10.54 -9.34 4.13
N SER B 6 9.65 -8.89 5.01
CA SER B 6 8.61 -7.94 4.63
C SER B 6 8.65 -6.71 5.52
N PHE B 7 8.57 -5.54 4.90
CA PHE B 7 8.59 -4.28 5.65
C PHE B 7 7.33 -3.46 5.37
N ALA B 8 7.19 -2.35 6.10
CA ALA B 8 6.03 -1.48 5.93
C ALA B 8 6.46 -0.02 5.80
N ASN B 9 7.60 0.21 5.15
CA ASN B 9 8.12 1.55 4.97
C ASN B 9 9.19 1.58 3.89
N PRO B 10 9.20 2.65 3.08
CA PRO B 10 10.17 2.83 2.00
C PRO B 10 11.59 3.07 2.52
N ARG B 11 11.71 3.99 3.47
CA ARG B 11 13.00 4.32 4.05
C ARG B 11 13.72 3.07 4.52
N VAL B 12 13.00 2.20 5.22
CA VAL B 12 13.56 0.96 5.74
C VAL B 12 13.90 0.00 4.60
N ALA B 13 12.90 -0.32 3.78
CA ALA B 13 13.09 -1.23 2.65
C ALA B 13 14.30 -0.82 1.83
N GLN B 14 14.30 0.43 1.35
CA GLN B 14 15.40 0.93 0.54
C GLN B 14 16.72 0.86 1.31
N ALA B 15 16.72 1.38 2.54
CA ALA B 15 17.91 1.37 3.37
C ALA B 15 18.50 -0.04 3.48
N PHE B 16 17.64 -1.01 3.76
CA PHE B 16 18.08 -2.39 3.89
C PHE B 16 18.77 -2.87 2.61
N VAL B 17 18.03 -2.83 1.51
CA VAL B 17 18.57 -3.27 0.22
C VAL B 17 19.78 -2.42 -0.17
N ASP B 18 19.89 -1.24 0.41
CA ASP B 18 20.99 -0.33 0.11
C ASP B 18 22.30 -0.88 0.71
N TYR B 19 22.30 -1.03 2.04
CA TYR B 19 23.48 -1.54 2.73
C TYR B 19 23.85 -2.93 2.25
N MET B 20 22.83 -3.70 1.86
CA MET B 20 23.05 -5.06 1.38
C MET B 20 23.60 -5.05 -0.05
N ALA B 21 23.11 -4.12 -0.85
CA ALA B 21 23.55 -4.00 -2.24
C ALA B 21 25.02 -3.61 -2.32
N THR B 22 25.43 -2.69 -1.45
CA THR B 22 26.81 -2.22 -1.41
C THR B 22 27.73 -3.27 -0.80
N GLN B 23 27.14 -4.27 -0.16
CA GLN B 23 27.90 -5.33 0.47
C GLN B 23 28.15 -6.49 -0.50
N GLY B 24 27.64 -6.35 -1.72
CA GLY B 24 27.82 -7.37 -2.73
C GLY B 24 26.58 -8.24 -2.90
N VAL B 25 25.58 -8.00 -2.05
CA VAL B 25 24.34 -8.78 -2.11
C VAL B 25 23.20 -7.93 -2.67
N ILE B 26 22.73 -8.29 -3.85
CA ILE B 26 21.63 -7.57 -4.50
C ILE B 26 20.28 -8.01 -3.94
N LEU B 27 19.44 -7.04 -3.62
CA LEU B 27 18.11 -7.32 -3.08
C LEU B 27 17.03 -6.62 -3.89
N THR B 28 15.80 -7.09 -3.75
CA THR B 28 14.67 -6.51 -4.47
C THR B 28 13.54 -6.13 -3.51
N ILE B 29 12.83 -5.06 -3.85
CA ILE B 29 11.73 -4.58 -3.01
C ILE B 29 10.45 -4.45 -3.83
N GLN B 30 9.32 -4.76 -3.21
CA GLN B 30 8.03 -4.67 -3.87
C GLN B 30 7.07 -3.78 -3.10
N GLN B 31 6.88 -2.55 -3.60
CA GLN B 31 5.99 -1.60 -2.95
C GLN B 31 4.55 -1.80 -3.40
N HIS B 32 3.65 -1.98 -2.43
CA HIS B 32 2.23 -2.19 -2.74
C HIS B 32 1.53 -0.85 -2.94
N ASN B 33 0.22 -0.91 -3.19
CA ASN B 33 -0.57 0.30 -3.41
C ASN B 33 -2.06 -0.04 -3.47
N GLN B 34 -2.82 0.52 -2.53
CA GLN B 34 -4.27 0.28 -2.48
C GLN B 34 -5.00 1.50 -1.94
N SER B 35 -6.32 1.40 -1.86
CA SER B 35 -7.14 2.50 -1.36
C SER B 35 -8.50 1.99 -0.90
N ASP B 36 -8.68 1.90 0.42
CA ASP B 36 -9.93 1.43 0.99
C ASP B 36 -10.91 2.58 1.18
N VAL B 37 -12.11 2.43 0.62
CA VAL B 37 -13.13 3.46 0.73
C VAL B 37 -14.14 3.13 1.81
N TRP B 38 -14.22 3.99 2.82
CA TRP B 38 -15.15 3.79 3.93
C TRP B 38 -16.04 5.01 4.13
N LEU B 39 -17.30 4.77 4.46
CA LEU B 39 -18.25 5.85 4.68
C LEU B 39 -18.69 5.90 6.14
N ALA B 40 -19.07 7.09 6.60
CA ALA B 40 -19.52 7.27 7.98
C ALA B 40 -21.04 7.39 8.05
N ASP B 41 -21.64 7.88 6.98
CA ASP B 41 -23.09 8.05 6.92
C ASP B 41 -23.76 6.79 6.38
N GLU B 42 -24.08 5.87 7.28
CA GLU B 42 -24.72 4.62 6.90
C GLU B 42 -25.94 4.88 6.01
N SER B 43 -26.74 5.87 6.39
CA SER B 43 -27.93 6.22 5.63
C SER B 43 -27.58 6.53 4.18
N GLN B 44 -26.39 7.08 3.98
CA GLN B 44 -25.93 7.42 2.63
C GLN B 44 -25.21 6.24 1.98
N ALA B 45 -24.86 5.25 2.79
CA ALA B 45 -24.18 4.06 2.29
C ALA B 45 -24.91 3.47 1.09
N GLU B 46 -26.24 3.47 1.15
CA GLU B 46 -27.06 2.93 0.07
C GLU B 46 -26.87 3.75 -1.20
N ARG B 47 -26.93 5.07 -1.07
CA ARG B 47 -26.79 5.97 -2.21
C ARG B 47 -25.43 5.77 -2.87
N VAL B 48 -24.36 5.91 -2.09
CA VAL B 48 -23.00 5.75 -2.60
C VAL B 48 -22.82 4.38 -3.25
N ARG B 49 -23.44 3.36 -2.66
CA ARG B 49 -23.34 2.01 -3.17
C ARG B 49 -23.87 1.94 -4.60
N ALA B 50 -25.08 2.44 -4.81
CA ALA B 50 -25.70 2.43 -6.13
C ALA B 50 -24.87 3.22 -7.13
N GLU B 51 -24.62 4.49 -6.82
CA GLU B 51 -23.84 5.35 -7.69
C GLU B 51 -22.48 4.73 -8.00
N LEU B 52 -21.77 4.31 -6.94
CA LEU B 52 -20.46 3.69 -7.10
C LEU B 52 -20.50 2.57 -8.12
N ALA B 53 -21.45 1.65 -7.95
CA ALA B 53 -21.59 0.52 -8.86
C ALA B 53 -21.82 1.00 -10.29
N ARG B 54 -22.64 2.04 -10.44
CA ARG B 54 -22.93 2.59 -11.76
C ARG B 54 -21.72 3.33 -12.33
N PHE B 55 -20.81 3.72 -11.45
CA PHE B 55 -19.60 4.44 -11.86
C PHE B 55 -18.49 3.45 -12.23
N LEU B 56 -18.35 2.40 -11.43
CA LEU B 56 -17.33 1.39 -11.67
C LEU B 56 -17.50 0.76 -13.04
N GLU B 57 -18.75 0.64 -13.49
CA GLU B 57 -19.05 0.05 -14.79
C GLU B 57 -18.81 1.05 -15.91
N ASN B 58 -18.42 2.27 -15.53
CA ASN B 58 -18.15 3.33 -16.50
C ASN B 58 -16.69 3.77 -16.45
N PRO B 59 -15.78 2.86 -16.84
CA PRO B 59 -14.34 3.13 -16.84
C PRO B 59 -13.95 4.15 -17.90
N ALA B 60 -13.64 5.36 -17.47
CA ALA B 60 -13.24 6.43 -18.39
C ALA B 60 -12.88 7.70 -17.64
N ASP B 61 -13.61 7.97 -16.56
CA ASP B 61 -13.36 9.15 -15.75
C ASP B 61 -12.66 8.80 -14.45
N LEU B 62 -13.08 7.69 -13.85
CA LEU B 62 -12.48 7.23 -12.60
C LEU B 62 -11.03 6.80 -12.80
N GLU B 63 -10.63 6.71 -14.06
CA GLU B 63 -9.26 6.32 -14.39
C GLU B 63 -8.28 7.44 -14.07
N MET A 1 -19.24 3.59 10.94
CA MET A 1 -18.44 3.56 9.72
C MET A 1 -18.66 2.26 8.95
N LEU A 2 -19.10 2.37 7.70
CA LEU A 2 -19.35 1.21 6.87
C LEU A 2 -18.49 1.24 5.61
N MET A 3 -17.63 0.23 5.45
CA MET A 3 -16.75 0.16 4.29
C MET A 3 -17.57 0.14 3.00
N ILE A 4 -17.38 1.17 2.17
CA ILE A 4 -18.10 1.28 0.90
C ILE A 4 -17.54 0.30 -0.13
N THR A 5 -16.22 0.34 -0.32
CA THR A 5 -15.56 -0.54 -1.27
C THR A 5 -14.05 -0.36 -1.23
N SER A 6 -13.36 -1.01 -2.16
CA SER A 6 -11.90 -0.93 -2.23
C SER A 6 -11.44 -0.71 -3.66
N PHE A 7 -10.31 -0.02 -3.82
CA PHE A 7 -9.76 0.25 -5.14
C PHE A 7 -8.29 -0.10 -5.20
N ALA A 8 -7.77 -0.27 -6.40
CA ALA A 8 -6.36 -0.62 -6.60
C ALA A 8 -5.59 0.55 -7.21
N ASN A 9 -6.18 1.74 -7.15
CA ASN A 9 -5.55 2.93 -7.70
C ASN A 9 -5.91 4.17 -6.88
N PRO A 10 -4.93 5.05 -6.68
CA PRO A 10 -5.13 6.30 -5.91
C PRO A 10 -6.01 7.30 -6.65
N ARG A 11 -5.68 7.54 -7.91
CA ARG A 11 -6.44 8.49 -8.73
C ARG A 11 -7.93 8.15 -8.70
N VAL A 12 -8.25 6.87 -8.90
CA VAL A 12 -9.64 6.43 -8.89
C VAL A 12 -10.30 6.72 -7.54
N ALA A 13 -9.64 6.32 -6.47
CA ALA A 13 -10.17 6.55 -5.12
C ALA A 13 -10.55 8.01 -4.92
N GLN A 14 -9.61 8.91 -5.17
CA GLN A 14 -9.86 10.34 -5.01
C GLN A 14 -11.05 10.78 -5.86
N ALA A 15 -11.03 10.42 -7.13
CA ALA A 15 -12.11 10.77 -8.04
C ALA A 15 -13.47 10.37 -7.46
N PHE A 16 -13.55 9.15 -6.96
CA PHE A 16 -14.80 8.64 -6.38
C PHE A 16 -15.27 9.54 -5.24
N VAL A 17 -14.45 9.63 -4.19
CA VAL A 17 -14.78 10.44 -3.03
C VAL A 17 -15.03 11.89 -3.44
N ASP A 18 -14.47 12.28 -4.58
CA ASP A 18 -14.63 13.64 -5.08
C ASP A 18 -16.07 13.90 -5.52
N TYR A 19 -16.54 13.11 -6.48
CA TYR A 19 -17.90 13.25 -7.00
C TYR A 19 -18.92 12.92 -5.91
N MET A 20 -18.50 12.15 -4.91
CA MET A 20 -19.38 11.76 -3.82
C MET A 20 -19.53 12.90 -2.82
N ALA A 21 -18.43 13.60 -2.55
CA ALA A 21 -18.45 14.72 -1.61
C ALA A 21 -19.23 15.89 -2.18
N THR A 22 -19.03 16.19 -3.46
CA THR A 22 -19.71 17.29 -4.12
C THR A 22 -21.19 17.00 -4.28
N GLN A 23 -21.58 15.74 -4.05
CA GLN A 23 -22.98 15.34 -4.16
C GLN A 23 -23.68 15.40 -2.80
N GLY A 24 -22.91 15.71 -1.75
CA GLY A 24 -23.45 15.79 -0.42
C GLY A 24 -23.14 14.57 0.42
N VAL A 25 -22.22 13.74 -0.07
CA VAL A 25 -21.82 12.53 0.64
C VAL A 25 -20.32 12.50 0.86
N ILE A 26 -19.92 12.62 2.12
CA ILE A 26 -18.50 12.60 2.47
C ILE A 26 -17.97 11.17 2.55
N LEU A 27 -16.83 10.93 1.92
CA LEU A 27 -16.22 9.61 1.92
C LEU A 27 -14.77 9.68 2.39
N THR A 28 -14.22 8.53 2.81
CA THR A 28 -12.85 8.47 3.28
C THR A 28 -12.06 7.39 2.54
N ILE A 29 -10.81 7.68 2.24
CA ILE A 29 -9.94 6.74 1.54
C ILE A 29 -8.75 6.34 2.39
N GLN A 30 -8.35 5.07 2.29
CA GLN A 30 -7.21 4.57 3.05
C GLN A 30 -6.14 4.01 2.12
N GLN A 31 -5.08 4.77 1.93
CA GLN A 31 -3.98 4.35 1.07
C GLN A 31 -2.92 3.58 1.85
N HIS A 32 -2.85 2.27 1.63
CA HIS A 32 -1.89 1.43 2.32
C HIS A 32 -0.46 1.85 1.99
N ASN A 33 0.51 1.08 2.47
CA ASN A 33 1.92 1.37 2.23
C ASN A 33 2.80 0.23 2.71
N GLN A 34 3.37 -0.51 1.78
CA GLN A 34 4.25 -1.63 2.10
C GLN A 34 5.35 -1.80 1.06
N SER A 35 6.57 -1.42 1.44
CA SER A 35 7.71 -1.52 0.53
C SER A 35 8.48 -2.82 0.76
N ASP A 36 8.26 -3.79 -0.12
CA ASP A 36 8.93 -5.08 -0.01
C ASP A 36 10.28 -5.05 -0.71
N VAL A 37 11.32 -5.49 0.00
CA VAL A 37 12.67 -5.50 -0.56
C VAL A 37 13.05 -6.90 -1.04
N TRP A 38 13.36 -7.01 -2.33
CA TRP A 38 13.74 -8.30 -2.91
C TRP A 38 15.05 -8.18 -3.68
N LEU A 39 15.87 -9.23 -3.61
CA LEU A 39 17.16 -9.24 -4.29
C LEU A 39 17.19 -10.32 -5.37
N ALA A 40 18.01 -10.10 -6.40
CA ALA A 40 18.13 -11.06 -7.49
C ALA A 40 19.41 -11.88 -7.35
N ASP A 41 20.43 -11.28 -6.73
CA ASP A 41 21.71 -11.95 -6.54
C ASP A 41 21.72 -12.75 -5.24
N GLU A 42 21.25 -14.00 -5.31
CA GLU A 42 21.20 -14.86 -4.14
C GLU A 42 22.54 -14.86 -3.41
N SER A 43 23.62 -14.96 -4.17
CA SER A 43 24.97 -14.98 -3.60
C SER A 43 25.19 -13.75 -2.72
N GLN A 44 24.60 -12.63 -3.11
CA GLN A 44 24.74 -11.39 -2.36
C GLN A 44 23.68 -11.29 -1.27
N ALA A 45 22.67 -12.15 -1.35
CA ALA A 45 21.59 -12.17 -0.37
C ALA A 45 22.15 -12.25 1.05
N GLU A 46 23.25 -12.97 1.21
CA GLU A 46 23.87 -13.13 2.52
C GLU A 46 24.44 -11.81 3.01
N ARG A 47 25.18 -11.13 2.15
CA ARG A 47 25.79 -9.84 2.50
C ARG A 47 24.72 -8.83 2.91
N VAL A 48 23.73 -8.64 2.04
CA VAL A 48 22.65 -7.71 2.30
C VAL A 48 21.92 -8.06 3.59
N ARG A 49 21.73 -9.35 3.82
CA ARG A 49 21.05 -9.82 5.02
C ARG A 49 21.77 -9.35 6.28
N ALA A 50 23.07 -9.61 6.35
CA ALA A 50 23.87 -9.20 7.49
C ALA A 50 23.84 -7.70 7.69
N GLU A 51 24.23 -6.96 6.66
CA GLU A 51 24.25 -5.50 6.72
C GLU A 51 22.88 -4.97 7.11
N LEU A 52 21.85 -5.42 6.41
CA LEU A 52 20.48 -4.99 6.67
C LEU A 52 20.16 -5.11 8.16
N ALA A 53 20.34 -6.31 8.70
CA ALA A 53 20.07 -6.56 10.12
C ALA A 53 20.81 -5.56 11.00
N ARG A 54 22.08 -5.33 10.68
CA ARG A 54 22.90 -4.40 11.45
C ARG A 54 22.37 -2.97 11.32
N PHE A 55 21.66 -2.70 10.22
CA PHE A 55 21.10 -1.39 9.98
C PHE A 55 19.76 -1.21 10.71
N LEU A 56 19.04 -2.31 10.85
CA LEU A 56 17.74 -2.28 11.52
C LEU A 56 17.90 -1.91 12.99
N GLU A 57 18.97 -2.40 13.61
CA GLU A 57 19.24 -2.12 15.01
C GLU A 57 19.80 -0.71 15.18
N ASN A 58 19.98 -0.01 14.07
CA ASN A 58 20.52 1.35 14.10
C ASN A 58 19.48 2.36 13.66
N PRO A 59 18.45 2.57 14.50
CA PRO A 59 17.37 3.51 14.20
C PRO A 59 17.84 4.97 14.25
N ALA A 60 18.51 5.39 13.19
CA ALA A 60 19.00 6.76 13.11
C ALA A 60 19.13 7.21 11.65
N ASP A 61 20.01 6.53 10.91
CA ASP A 61 20.23 6.86 9.51
C ASP A 61 18.96 6.61 8.68
N LEU A 62 18.57 5.35 8.59
CA LEU A 62 17.37 4.98 7.82
C LEU A 62 16.17 5.81 8.26
N GLU A 63 15.77 6.75 7.41
CA GLU A 63 14.63 7.61 7.71
C GLU A 63 13.97 8.11 6.42
N MET B 1 15.21 -14.84 -7.55
CA MET B 1 14.85 -13.69 -6.73
C MET B 1 14.52 -14.12 -5.30
N LEU B 2 15.26 -13.57 -4.34
CA LEU B 2 15.06 -13.90 -2.93
C LEU B 2 14.70 -12.65 -2.12
N MET B 3 13.53 -12.67 -1.51
CA MET B 3 13.07 -11.54 -0.72
C MET B 3 14.06 -11.24 0.41
N ILE B 4 14.59 -10.02 0.40
CA ILE B 4 15.55 -9.60 1.42
C ILE B 4 14.85 -9.24 2.72
N THR B 5 13.79 -8.45 2.61
CA THR B 5 13.01 -8.02 3.78
C THR B 5 11.79 -7.21 3.37
N SER B 6 11.05 -6.73 4.36
CA SER B 6 9.85 -5.93 4.10
C SER B 6 9.82 -4.69 4.98
N PHE B 7 9.62 -3.54 4.36
CA PHE B 7 9.57 -2.28 5.09
C PHE B 7 8.19 -1.64 4.96
N ALA B 8 7.89 -0.70 5.86
CA ALA B 8 6.61 -0.02 5.86
C ALA B 8 6.80 1.48 5.69
N ASN B 9 7.87 1.87 5.01
CA ASN B 9 8.16 3.28 4.79
C ASN B 9 8.94 3.47 3.49
N PRO B 10 8.59 4.54 2.75
CA PRO B 10 9.25 4.86 1.48
C PRO B 10 10.69 5.34 1.67
N ARG B 11 10.88 6.27 2.59
CA ARG B 11 12.20 6.81 2.86
C ARG B 11 13.17 5.70 3.23
N VAL B 12 12.73 4.79 4.09
CA VAL B 12 13.56 3.68 4.51
C VAL B 12 13.87 2.74 3.35
N ALA B 13 12.83 2.35 2.62
CA ALA B 13 12.99 1.46 1.48
C ALA B 13 14.04 1.99 0.51
N GLN B 14 13.80 3.17 -0.05
CA GLN B 14 14.72 3.78 -0.99
C GLN B 14 16.11 3.91 -0.38
N ALA B 15 16.17 4.45 0.84
CA ALA B 15 17.44 4.62 1.53
C ALA B 15 18.21 3.31 1.62
N PHE B 16 17.50 2.24 1.94
CA PHE B 16 18.12 0.92 2.05
C PHE B 16 18.75 0.50 0.74
N VAL B 17 17.93 0.38 -0.30
CA VAL B 17 18.41 -0.01 -1.62
C VAL B 17 19.49 0.93 -2.11
N ASP B 18 19.46 2.17 -1.61
CA ASP B 18 20.44 3.17 -2.01
C ASP B 18 21.82 2.81 -1.49
N TYR B 19 21.95 2.68 -0.18
CA TYR B 19 23.22 2.34 0.45
C TYR B 19 23.69 0.96 0.01
N MET B 20 22.75 0.12 -0.39
CA MET B 20 23.06 -1.22 -0.84
C MET B 20 23.61 -1.21 -2.26
N ALA B 21 23.04 -0.35 -3.10
CA ALA B 21 23.48 -0.24 -4.49
C ALA B 21 24.87 0.37 -4.58
N THR B 22 25.12 1.40 -3.77
CA THR B 22 26.41 2.07 -3.76
C THR B 22 27.50 1.17 -3.19
N GLN B 23 27.08 0.08 -2.56
CA GLN B 23 28.02 -0.87 -1.96
C GLN B 23 28.35 -1.99 -2.94
N GLY B 24 27.68 -1.99 -4.09
CA GLY B 24 27.91 -3.02 -5.09
C GLY B 24 26.83 -4.07 -5.09
N VAL B 25 25.71 -3.79 -4.43
CA VAL B 25 24.60 -4.72 -4.36
C VAL B 25 23.29 -4.06 -4.78
N ILE B 26 22.75 -4.49 -5.91
CA ILE B 26 21.50 -3.93 -6.43
C ILE B 26 20.30 -4.56 -5.73
N LEU B 27 19.36 -3.72 -5.31
CA LEU B 27 18.16 -4.19 -4.63
C LEU B 27 16.91 -3.64 -5.31
N THR B 28 15.77 -4.26 -5.03
CA THR B 28 14.49 -3.84 -5.61
C THR B 28 13.44 -3.61 -4.52
N ILE B 29 12.55 -2.67 -4.77
CA ILE B 29 11.49 -2.34 -3.82
C ILE B 29 10.12 -2.44 -4.47
N GLN B 30 9.13 -2.89 -3.69
CA GLN B 30 7.77 -3.03 -4.19
C GLN B 30 6.79 -2.26 -3.33
N GLN B 31 6.35 -1.10 -3.82
CA GLN B 31 5.40 -0.27 -3.07
C GLN B 31 3.97 -0.66 -3.39
N HIS B 32 3.32 -1.30 -2.44
CA HIS B 32 1.93 -1.73 -2.61
C HIS B 32 1.02 -0.55 -2.90
N ASN B 33 -0.28 -0.82 -3.04
CA ASN B 33 -1.25 0.23 -3.33
C ASN B 33 -2.67 -0.29 -3.19
N GLN B 34 -3.35 0.14 -2.13
CA GLN B 34 -4.72 -0.28 -1.87
C GLN B 34 -5.52 0.85 -1.23
N SER B 35 -6.41 1.46 -2.00
CA SER B 35 -7.23 2.55 -1.50
C SER B 35 -8.60 2.03 -1.05
N ASP B 36 -8.79 1.94 0.25
CA ASP B 36 -10.04 1.47 0.82
C ASP B 36 -11.01 2.63 1.07
N VAL B 37 -12.22 2.51 0.53
CA VAL B 37 -13.23 3.55 0.69
C VAL B 37 -14.22 3.19 1.79
N TRP B 38 -14.32 4.05 2.80
CA TRP B 38 -15.22 3.82 3.91
C TRP B 38 -16.11 5.04 4.15
N LEU B 39 -17.38 4.79 4.43
CA LEU B 39 -18.34 5.86 4.68
C LEU B 39 -18.73 5.92 6.14
N ALA B 40 -19.14 7.10 6.60
CA ALA B 40 -19.55 7.29 7.99
C ALA B 40 -21.06 7.39 8.11
N ASP B 41 -21.70 7.89 7.07
CA ASP B 41 -23.15 8.04 7.05
C ASP B 41 -23.82 6.80 6.48
N GLU B 42 -24.14 5.85 7.37
CA GLU B 42 -24.78 4.60 6.96
C GLU B 42 -26.00 4.89 6.07
N SER B 43 -26.79 5.87 6.47
CA SER B 43 -27.98 6.25 5.73
C SER B 43 -27.64 6.55 4.27
N GLN B 44 -26.45 7.09 4.05
CA GLN B 44 -26.01 7.44 2.70
C GLN B 44 -25.29 6.25 2.05
N ALA B 45 -24.94 5.26 2.87
CA ALA B 45 -24.24 4.08 2.37
C ALA B 45 -24.97 3.49 1.16
N GLU B 46 -26.30 3.54 1.18
CA GLU B 46 -27.10 3.01 0.10
C GLU B 46 -26.88 3.82 -1.18
N ARG B 47 -26.94 5.14 -1.06
CA ARG B 47 -26.75 6.02 -2.21
C ARG B 47 -25.38 5.81 -2.83
N VAL B 48 -24.34 5.91 -2.02
CA VAL B 48 -22.97 5.72 -2.50
C VAL B 48 -22.79 4.36 -3.15
N ARG B 49 -23.42 3.34 -2.56
CA ARG B 49 -23.33 1.99 -3.09
C ARG B 49 -23.84 1.93 -4.52
N ALA B 50 -25.07 2.41 -4.73
CA ALA B 50 -25.66 2.41 -6.06
C ALA B 50 -24.82 3.20 -7.05
N GLU B 51 -24.59 4.47 -6.73
CA GLU B 51 -23.79 5.34 -7.60
C GLU B 51 -22.44 4.72 -7.90
N LEU B 52 -21.74 4.29 -6.85
CA LEU B 52 -20.43 3.67 -7.00
C LEU B 52 -20.47 2.56 -8.05
N ALA B 53 -21.38 1.61 -7.86
CA ALA B 53 -21.52 0.49 -8.79
C ALA B 53 -21.72 0.99 -10.21
N ARG B 54 -22.55 2.02 -10.37
CA ARG B 54 -22.82 2.60 -11.68
C ARG B 54 -21.55 3.20 -12.29
N PHE B 55 -20.64 3.64 -11.42
CA PHE B 55 -19.39 4.24 -11.88
C PHE B 55 -18.37 3.16 -12.23
N LEU B 56 -18.38 2.08 -11.48
CA LEU B 56 -17.46 0.97 -11.71
C LEU B 56 -17.63 0.40 -13.11
N GLU B 57 -18.87 0.32 -13.57
CA GLU B 57 -19.16 -0.21 -14.90
C GLU B 57 -18.88 0.85 -15.97
N ASN B 58 -18.45 2.03 -15.53
CA ASN B 58 -18.15 3.12 -16.45
C ASN B 58 -16.66 3.45 -16.42
N PRO B 59 -15.84 2.55 -16.94
CA PRO B 59 -14.38 2.73 -16.98
C PRO B 59 -13.96 3.81 -17.97
N ALA B 60 -14.14 5.07 -17.57
CA ALA B 60 -13.78 6.20 -18.41
C ALA B 60 -13.41 7.42 -17.57
N ASP B 61 -14.39 7.96 -16.86
CA ASP B 61 -14.17 9.13 -16.01
C ASP B 61 -13.16 8.81 -14.91
N LEU B 62 -13.50 7.84 -14.07
CA LEU B 62 -12.63 7.44 -12.97
C LEU B 62 -11.25 7.05 -13.49
N GLU B 63 -10.26 7.90 -13.24
CA GLU B 63 -8.90 7.63 -13.69
C GLU B 63 -7.89 8.32 -12.76
N MET A 1 -19.02 3.87 11.04
CA MET A 1 -18.29 3.82 9.78
C MET A 1 -18.52 2.49 9.07
N LEU A 2 -19.04 2.55 7.85
CA LEU A 2 -19.30 1.36 7.06
C LEU A 2 -18.51 1.36 5.76
N MET A 3 -17.73 0.30 5.55
CA MET A 3 -16.92 0.19 4.34
C MET A 3 -17.79 0.26 3.09
N ILE A 4 -17.40 1.12 2.16
CA ILE A 4 -18.15 1.29 0.92
C ILE A 4 -17.60 0.37 -0.18
N THR A 5 -16.28 0.33 -0.30
CA THR A 5 -15.64 -0.51 -1.30
C THR A 5 -14.12 -0.47 -1.17
N SER A 6 -13.43 -1.19 -2.04
CA SER A 6 -11.97 -1.24 -2.01
C SER A 6 -11.39 -1.09 -3.41
N PHE A 7 -10.54 -0.09 -3.59
CA PHE A 7 -9.92 0.17 -4.89
C PHE A 7 -8.41 -0.04 -4.81
N ALA A 8 -7.76 0.00 -5.98
CA ALA A 8 -6.31 -0.18 -6.04
C ALA A 8 -5.67 0.89 -6.92
N ASN A 9 -6.02 2.15 -6.65
CA ASN A 9 -5.47 3.27 -7.40
C ASN A 9 -5.87 4.60 -6.77
N PRO A 10 -4.96 5.58 -6.82
CA PRO A 10 -5.21 6.92 -6.26
C PRO A 10 -6.23 7.71 -7.07
N ARG A 11 -6.05 7.74 -8.39
CA ARG A 11 -6.95 8.45 -9.26
C ARG A 11 -8.40 8.04 -9.00
N VAL A 12 -8.65 6.74 -9.01
CA VAL A 12 -9.99 6.21 -8.78
C VAL A 12 -10.49 6.60 -7.39
N ALA A 13 -9.73 6.24 -6.36
CA ALA A 13 -10.09 6.54 -4.99
C ALA A 13 -10.50 8.00 -4.84
N GLN A 14 -9.58 8.90 -5.16
CA GLN A 14 -9.84 10.34 -5.06
C GLN A 14 -11.04 10.72 -5.91
N ALA A 15 -11.03 10.33 -7.18
CA ALA A 15 -12.13 10.64 -8.10
C ALA A 15 -13.47 10.25 -7.49
N PHE A 16 -13.55 9.03 -6.97
CA PHE A 16 -14.79 8.54 -6.37
C PHE A 16 -15.24 9.46 -5.23
N VAL A 17 -14.40 9.57 -4.20
CA VAL A 17 -14.72 10.42 -3.05
C VAL A 17 -14.98 11.86 -3.49
N ASP A 18 -14.45 12.22 -4.66
CA ASP A 18 -14.62 13.57 -5.18
C ASP A 18 -16.07 13.81 -5.61
N TYR A 19 -16.55 13.00 -6.54
CA TYR A 19 -17.91 13.12 -7.04
C TYR A 19 -18.92 12.81 -5.93
N MET A 20 -18.46 12.08 -4.92
CA MET A 20 -19.33 11.71 -3.79
C MET A 20 -19.49 12.88 -2.83
N ALA A 21 -18.39 13.57 -2.55
CA ALA A 21 -18.40 14.71 -1.65
C ALA A 21 -19.18 15.87 -2.25
N THR A 22 -18.98 16.12 -3.54
CA THR A 22 -19.67 17.20 -4.23
C THR A 22 -21.15 16.91 -4.38
N GLN A 23 -21.53 15.67 -4.11
CA GLN A 23 -22.93 15.25 -4.22
C GLN A 23 -23.62 15.32 -2.87
N GLY A 24 -22.85 15.64 -1.83
CA GLY A 24 -23.41 15.73 -0.49
C GLY A 24 -23.09 14.52 0.35
N VAL A 25 -22.14 13.71 -0.10
CA VAL A 25 -21.74 12.50 0.62
C VAL A 25 -20.23 12.47 0.84
N ILE A 26 -19.82 12.60 2.09
CA ILE A 26 -18.40 12.58 2.43
C ILE A 26 -17.87 11.14 2.50
N LEU A 27 -16.74 10.91 1.84
CA LEU A 27 -16.14 9.58 1.83
C LEU A 27 -14.69 9.64 2.32
N THR A 28 -14.16 8.50 2.74
CA THR A 28 -12.79 8.42 3.24
C THR A 28 -12.01 7.34 2.50
N ILE A 29 -10.74 7.63 2.21
CA ILE A 29 -9.88 6.68 1.52
C ILE A 29 -8.70 6.25 2.40
N GLN A 30 -8.33 4.98 2.29
CA GLN A 30 -7.23 4.45 3.08
C GLN A 30 -6.15 3.85 2.18
N GLN A 31 -5.06 4.58 2.01
CA GLN A 31 -3.96 4.12 1.17
C GLN A 31 -3.04 3.18 1.93
N HIS A 32 -3.15 1.88 1.65
CA HIS A 32 -2.33 0.87 2.31
C HIS A 32 -0.85 1.24 2.23
N ASN A 33 -0.03 0.49 2.95
CA ASN A 33 1.42 0.73 2.96
C ASN A 33 2.16 -0.46 3.53
N GLN A 34 2.82 -1.21 2.64
CA GLN A 34 3.59 -2.39 3.05
C GLN A 34 4.85 -2.53 2.21
N SER A 35 5.58 -3.63 2.45
CA SER A 35 6.82 -3.88 1.72
C SER A 35 7.18 -5.36 1.77
N ASP A 36 6.87 -6.08 0.70
CA ASP A 36 7.16 -7.50 0.62
C ASP A 36 8.60 -7.74 0.16
N VAL A 37 9.34 -8.52 0.95
CA VAL A 37 10.73 -8.83 0.62
C VAL A 37 10.85 -10.21 -0.01
N TRP A 38 11.37 -10.24 -1.23
CA TRP A 38 11.55 -11.50 -1.96
C TRP A 38 12.99 -11.63 -2.47
N LEU A 39 13.49 -12.86 -2.46
CA LEU A 39 14.84 -13.13 -2.92
C LEU A 39 14.83 -14.04 -4.14
N ALA A 40 15.87 -13.93 -4.97
CA ALA A 40 15.98 -14.75 -6.17
C ALA A 40 16.95 -15.91 -5.96
N ASP A 41 17.93 -15.70 -5.10
CA ASP A 41 18.92 -16.73 -4.79
C ASP A 41 18.44 -17.63 -3.66
N GLU A 42 17.69 -18.67 -4.02
CA GLU A 42 17.17 -19.62 -3.04
C GLU A 42 18.27 -20.09 -2.09
N SER A 43 19.42 -20.43 -2.66
CA SER A 43 20.55 -20.90 -1.88
C SER A 43 20.92 -19.89 -0.78
N GLN A 44 20.73 -18.62 -1.09
CA GLN A 44 21.04 -17.55 -0.13
C GLN A 44 19.84 -17.26 0.76
N ALA A 45 18.68 -17.77 0.37
CA ALA A 45 17.45 -17.57 1.14
C ALA A 45 17.66 -17.95 2.60
N GLU A 46 18.47 -18.97 2.83
CA GLU A 46 18.74 -19.43 4.19
C GLU A 46 19.53 -18.39 4.98
N ARG A 47 20.62 -17.91 4.37
CA ARG A 47 21.46 -16.91 5.01
C ARG A 47 20.66 -15.66 5.37
N VAL A 48 19.98 -15.09 4.37
CA VAL A 48 19.18 -13.90 4.57
C VAL A 48 18.14 -14.12 5.67
N ARG A 49 17.53 -15.31 5.67
CA ARG A 49 16.51 -15.64 6.66
C ARG A 49 17.07 -15.52 8.07
N ALA A 50 18.23 -16.15 8.31
CA ALA A 50 18.86 -16.10 9.62
C ALA A 50 19.19 -14.67 10.02
N GLU A 51 20.03 -14.02 9.22
CA GLU A 51 20.42 -12.63 9.50
C GLU A 51 19.20 -11.75 9.70
N LEU A 52 18.25 -11.85 8.77
CA LEU A 52 17.03 -11.04 8.85
C LEU A 52 16.37 -11.18 10.23
N ALA A 53 16.05 -12.40 10.61
CA ALA A 53 15.43 -12.66 11.91
C ALA A 53 16.25 -12.06 13.03
N ARG A 54 17.57 -12.10 12.89
CA ARG A 54 18.47 -11.56 13.91
C ARG A 54 18.39 -10.04 13.95
N PHE A 55 18.04 -9.44 12.82
CA PHE A 55 17.92 -7.99 12.71
C PHE A 55 16.55 -7.51 13.16
N LEU A 56 15.55 -8.39 13.02
CA LEU A 56 14.18 -8.06 13.41
C LEU A 56 14.11 -7.72 14.89
N GLU A 57 14.86 -8.46 15.71
CA GLU A 57 14.88 -8.22 17.15
C GLU A 57 15.75 -7.03 17.49
N ASN A 58 16.35 -6.41 16.48
CA ASN A 58 17.21 -5.26 16.68
C ASN A 58 16.62 -4.02 15.99
N PRO A 59 15.48 -3.54 16.51
CA PRO A 59 14.81 -2.36 15.96
C PRO A 59 15.58 -1.08 16.21
N ALA A 60 16.61 -0.85 15.42
CA ALA A 60 17.43 0.35 15.55
C ALA A 60 17.76 0.94 14.19
N ASP A 61 18.63 0.28 13.45
CA ASP A 61 19.04 0.74 12.12
C ASP A 61 17.88 0.63 11.14
N LEU A 62 17.30 -0.56 11.05
CA LEU A 62 16.18 -0.81 10.14
C LEU A 62 15.09 0.23 10.33
N GLU A 63 14.97 0.74 11.56
CA GLU A 63 13.96 1.74 11.87
C GLU A 63 14.04 2.92 10.89
N MET B 1 12.33 -17.53 -7.40
CA MET B 1 12.11 -16.44 -6.44
C MET B 1 11.41 -16.97 -5.19
N LEU B 2 12.05 -16.78 -4.04
CA LEU B 2 11.48 -17.23 -2.78
C LEU B 2 11.28 -16.05 -1.82
N MET B 3 10.04 -15.86 -1.39
CA MET B 3 9.71 -14.77 -0.47
C MET B 3 10.53 -14.87 0.81
N ILE B 4 11.30 -13.82 1.10
CA ILE B 4 12.14 -13.79 2.29
C ILE B 4 11.32 -13.40 3.52
N THR B 5 10.50 -12.37 3.38
CA THR B 5 9.67 -11.89 4.48
C THR B 5 8.76 -10.76 4.04
N SER B 6 7.98 -10.23 4.98
CA SER B 6 7.06 -9.13 4.68
C SER B 6 7.15 -8.04 5.74
N PHE B 7 7.42 -6.82 5.30
CA PHE B 7 7.53 -5.69 6.21
C PHE B 7 6.43 -4.68 5.96
N ALA B 8 6.32 -3.69 6.85
CA ALA B 8 5.31 -2.65 6.73
C ALA B 8 5.91 -1.27 6.90
N ASN B 9 7.03 -1.02 6.23
CA ASN B 9 7.71 0.26 6.30
C ASN B 9 8.84 0.34 5.29
N PRO B 10 9.03 1.53 4.69
CA PRO B 10 10.08 1.76 3.70
C PRO B 10 11.48 1.75 4.32
N ARG B 11 11.64 2.48 5.41
CA ARG B 11 12.92 2.55 6.09
C ARG B 11 13.46 1.15 6.39
N VAL B 12 12.61 0.30 6.95
CA VAL B 12 13.00 -1.06 7.28
C VAL B 12 13.28 -1.87 6.01
N ALA B 13 12.31 -1.90 5.11
CA ALA B 13 12.46 -2.64 3.86
C ALA B 13 13.76 -2.27 3.16
N GLN B 14 13.93 -0.99 2.85
CA GLN B 14 15.12 -0.51 2.18
C GLN B 14 16.37 -0.85 2.98
N ALA B 15 16.37 -0.48 4.26
CA ALA B 15 17.50 -0.74 5.14
C ALA B 15 17.91 -2.21 5.07
N PHE B 16 16.93 -3.10 5.17
CA PHE B 16 17.19 -4.53 5.12
C PHE B 16 17.91 -4.92 3.82
N VAL B 17 17.24 -4.68 2.70
CA VAL B 17 17.80 -5.00 1.39
C VAL B 17 19.13 -4.27 1.19
N ASP B 18 19.33 -3.19 1.91
CA ASP B 18 20.55 -2.40 1.80
C ASP B 18 21.74 -3.17 2.40
N TYR B 19 21.64 -3.48 3.69
CA TYR B 19 22.71 -4.20 4.37
C TYR B 19 22.90 -5.59 3.78
N MET B 20 21.84 -6.11 3.16
CA MET B 20 21.89 -7.43 2.53
C MET B 20 22.59 -7.36 1.18
N ALA B 21 22.33 -6.30 0.43
CA ALA B 21 22.93 -6.12 -0.88
C ALA B 21 24.44 -5.90 -0.77
N THR B 22 24.85 -5.12 0.21
CA THR B 22 26.27 -4.84 0.44
C THR B 22 26.98 -6.05 1.03
N GLN B 23 26.20 -7.02 1.50
CA GLN B 23 26.78 -8.22 2.09
C GLN B 23 26.98 -9.30 1.03
N GLY B 24 26.55 -9.02 -0.19
CA GLY B 24 26.70 -9.97 -1.27
C GLY B 24 25.41 -10.70 -1.59
N VAL B 25 24.31 -10.21 -1.01
CA VAL B 25 23.00 -10.82 -1.24
C VAL B 25 21.99 -9.79 -1.73
N ILE B 26 21.57 -9.94 -2.98
CA ILE B 26 20.61 -9.02 -3.58
C ILE B 26 19.18 -9.35 -3.15
N LEU B 27 18.43 -8.33 -2.74
CA LEU B 27 17.05 -8.51 -2.31
C LEU B 27 16.12 -7.57 -3.05
N THR B 28 14.83 -7.89 -3.03
CA THR B 28 13.82 -7.08 -3.71
C THR B 28 12.68 -6.71 -2.76
N ILE B 29 12.12 -5.53 -2.96
CA ILE B 29 11.02 -5.05 -2.13
C ILE B 29 9.80 -4.69 -2.97
N GLN B 30 8.62 -4.95 -2.44
CA GLN B 30 7.38 -4.64 -3.15
C GLN B 30 6.48 -3.75 -2.30
N GLN B 31 6.42 -2.48 -2.64
CA GLN B 31 5.60 -1.53 -1.90
C GLN B 31 4.15 -1.57 -2.39
N HIS B 32 3.30 -2.21 -1.59
CA HIS B 32 1.88 -2.33 -1.95
C HIS B 32 1.29 -0.96 -2.29
N ASN B 33 0.07 -0.97 -2.83
CA ASN B 33 -0.59 0.27 -3.21
C ASN B 33 -2.09 0.02 -3.43
N GLN B 34 -2.90 0.40 -2.44
CA GLN B 34 -4.34 0.22 -2.53
C GLN B 34 -5.07 1.46 -2.00
N SER B 35 -6.40 1.37 -1.94
CA SER B 35 -7.21 2.48 -1.46
C SER B 35 -8.58 1.98 -1.01
N ASP B 36 -8.76 1.85 0.30
CA ASP B 36 -10.02 1.39 0.86
C ASP B 36 -10.99 2.56 1.06
N VAL B 37 -12.20 2.40 0.54
CA VAL B 37 -13.22 3.45 0.67
C VAL B 37 -14.22 3.11 1.77
N TRP B 38 -14.36 4.00 2.73
CA TRP B 38 -15.29 3.80 3.84
C TRP B 38 -16.15 5.04 4.07
N LEU B 39 -17.42 4.82 4.38
CA LEU B 39 -18.34 5.92 4.62
C LEU B 39 -18.71 6.01 6.10
N ALA B 40 -19.09 7.21 6.54
CA ALA B 40 -19.47 7.43 7.93
C ALA B 40 -20.98 7.48 8.08
N ASP B 41 -21.66 7.97 7.05
CA ASP B 41 -23.12 8.07 7.08
C ASP B 41 -23.76 6.80 6.50
N GLU B 42 -24.03 5.84 7.37
CA GLU B 42 -24.64 4.58 6.95
C GLU B 42 -25.87 4.83 6.10
N SER B 43 -26.69 5.80 6.51
CA SER B 43 -27.90 6.15 5.79
C SER B 43 -27.59 6.46 4.33
N GLN B 44 -26.42 7.04 4.09
CA GLN B 44 -26.01 7.40 2.73
C GLN B 44 -25.27 6.24 2.08
N ALA B 45 -24.88 5.25 2.88
CA ALA B 45 -24.17 4.09 2.36
C ALA B 45 -24.89 3.49 1.16
N GLU B 46 -26.22 3.54 1.19
CA GLU B 46 -27.03 3.00 0.11
C GLU B 46 -26.84 3.80 -1.17
N ARG B 47 -26.90 5.12 -1.05
CA ARG B 47 -26.73 6.01 -2.19
C ARG B 47 -25.36 5.81 -2.83
N VAL B 48 -24.32 5.90 -2.03
CA VAL B 48 -22.96 5.73 -2.52
C VAL B 48 -22.77 4.36 -3.17
N ARG B 49 -23.40 3.35 -2.58
CA ARG B 49 -23.30 1.99 -3.11
C ARG B 49 -23.82 1.92 -4.54
N ALA B 50 -25.06 2.40 -4.74
CA ALA B 50 -25.67 2.39 -6.06
C ALA B 50 -24.84 3.19 -7.06
N GLU B 51 -24.62 4.47 -6.77
CA GLU B 51 -23.84 5.34 -7.64
C GLU B 51 -22.48 4.72 -7.95
N LEU B 52 -21.83 4.21 -6.91
CA LEU B 52 -20.51 3.59 -7.07
C LEU B 52 -20.56 2.50 -8.14
N ALA B 53 -21.43 1.53 -7.94
CA ALA B 53 -21.58 0.43 -8.89
C ALA B 53 -21.82 0.94 -10.31
N ARG B 54 -22.57 2.04 -10.41
CA ARG B 54 -22.87 2.63 -11.71
C ARG B 54 -21.64 3.34 -12.29
N PHE B 55 -20.73 3.74 -11.41
CA PHE B 55 -19.52 4.43 -11.82
C PHE B 55 -18.42 3.43 -12.17
N LEU B 56 -18.36 2.34 -11.41
CA LEU B 56 -17.35 1.30 -11.64
C LEU B 56 -17.45 0.76 -13.06
N GLU B 57 -18.67 0.63 -13.55
CA GLU B 57 -18.90 0.12 -14.91
C GLU B 57 -18.61 1.19 -15.95
N ASN B 58 -18.28 2.40 -15.47
CA ASN B 58 -17.99 3.51 -16.36
C ASN B 58 -16.54 3.97 -16.20
N PRO B 59 -15.60 3.11 -16.64
CA PRO B 59 -14.17 3.40 -16.55
C PRO B 59 -13.75 4.51 -17.52
N ALA B 60 -13.90 5.76 -17.09
CA ALA B 60 -13.52 6.90 -17.91
C ALA B 60 -12.91 8.02 -17.07
N ASP B 61 -13.65 8.46 -16.05
CA ASP B 61 -13.18 9.51 -15.17
C ASP B 61 -12.38 8.94 -14.01
N LEU B 62 -12.98 7.99 -13.29
CA LEU B 62 -12.32 7.36 -12.15
C LEU B 62 -10.92 6.86 -12.54
N GLU B 63 -10.73 6.60 -13.82
CA GLU B 63 -9.44 6.14 -14.32
C GLU B 63 -8.35 7.17 -14.07
N MET A 1 -18.87 3.80 11.08
CA MET A 1 -18.17 3.79 9.80
C MET A 1 -18.40 2.47 9.07
N LEU A 2 -18.92 2.54 7.85
CA LEU A 2 -19.18 1.36 7.06
C LEU A 2 -18.41 1.40 5.74
N MET A 3 -17.58 0.39 5.52
CA MET A 3 -16.77 0.30 4.30
C MET A 3 -17.66 0.33 3.07
N ILE A 4 -17.36 1.24 2.14
CA ILE A 4 -18.14 1.37 0.92
C ILE A 4 -17.61 0.41 -0.16
N THR A 5 -16.30 0.36 -0.30
CA THR A 5 -15.68 -0.50 -1.31
C THR A 5 -14.16 -0.49 -1.17
N SER A 6 -13.48 -1.21 -2.07
CA SER A 6 -12.03 -1.28 -2.04
C SER A 6 -11.45 -1.09 -3.44
N PHE A 7 -10.55 -0.12 -3.57
CA PHE A 7 -9.93 0.16 -4.87
C PHE A 7 -8.43 -0.14 -4.82
N ALA A 8 -7.78 -0.04 -5.98
CA ALA A 8 -6.35 -0.30 -6.07
C ALA A 8 -5.64 0.83 -6.82
N ASN A 9 -5.99 2.06 -6.49
CA ASN A 9 -5.39 3.22 -7.14
C ASN A 9 -5.87 4.52 -6.48
N PRO A 10 -4.96 5.50 -6.39
CA PRO A 10 -5.28 6.81 -5.78
C PRO A 10 -6.22 7.63 -6.65
N ARG A 11 -5.92 7.69 -7.94
CA ARG A 11 -6.75 8.45 -8.88
C ARG A 11 -8.22 8.07 -8.74
N VAL A 12 -8.50 6.78 -8.84
CA VAL A 12 -9.87 6.29 -8.72
C VAL A 12 -10.46 6.63 -7.36
N ALA A 13 -9.76 6.23 -6.29
CA ALA A 13 -10.20 6.50 -4.93
C ALA A 13 -10.62 7.96 -4.77
N GLN A 14 -9.68 8.87 -4.95
CA GLN A 14 -9.95 10.29 -4.82
C GLN A 14 -11.12 10.71 -5.71
N ALA A 15 -11.13 10.21 -6.94
CA ALA A 15 -12.19 10.53 -7.88
C ALA A 15 -13.56 10.17 -7.31
N PHE A 16 -13.73 8.91 -6.96
CA PHE A 16 -15.00 8.44 -6.40
C PHE A 16 -15.45 9.33 -5.25
N VAL A 17 -14.55 9.58 -4.31
CA VAL A 17 -14.85 10.42 -3.16
C VAL A 17 -15.09 11.87 -3.59
N ASP A 18 -14.54 12.23 -4.74
CA ASP A 18 -14.69 13.59 -5.26
C ASP A 18 -16.14 13.86 -5.68
N TYR A 19 -16.63 13.06 -6.63
CA TYR A 19 -18.00 13.20 -7.11
C TYR A 19 -19.01 12.95 -6.00
N MET A 20 -18.65 12.05 -5.09
CA MET A 20 -19.53 11.72 -3.97
C MET A 20 -19.58 12.86 -2.96
N ALA A 21 -18.45 13.50 -2.75
CA ALA A 21 -18.36 14.61 -1.80
C ALA A 21 -19.17 15.81 -2.30
N THR A 22 -19.02 16.13 -3.58
CA THR A 22 -19.73 17.25 -4.18
C THR A 22 -21.23 16.98 -4.24
N GLN A 23 -21.61 15.73 -4.01
CA GLN A 23 -23.02 15.34 -4.04
C GLN A 23 -23.64 15.43 -2.65
N GLY A 24 -22.82 15.80 -1.66
CA GLY A 24 -23.31 15.92 -0.30
C GLY A 24 -22.92 14.73 0.56
N VAL A 25 -22.28 13.73 -0.06
CA VAL A 25 -21.87 12.53 0.65
C VAL A 25 -20.35 12.50 0.81
N ILE A 26 -19.89 12.64 2.05
CA ILE A 26 -18.45 12.62 2.34
C ILE A 26 -17.94 11.19 2.41
N LEU A 27 -16.82 10.94 1.74
CA LEU A 27 -16.21 9.62 1.73
C LEU A 27 -14.74 9.69 2.15
N THR A 28 -14.19 8.54 2.55
CA THR A 28 -12.80 8.48 2.98
C THR A 28 -12.05 7.37 2.24
N ILE A 29 -10.74 7.57 2.06
CA ILE A 29 -9.91 6.58 1.37
C ILE A 29 -8.73 6.17 2.23
N GLN A 30 -8.35 4.90 2.14
CA GLN A 30 -7.22 4.39 2.90
C GLN A 30 -6.16 3.80 1.98
N GLN A 31 -5.07 4.54 1.79
CA GLN A 31 -3.98 4.09 0.92
C GLN A 31 -2.99 3.23 1.70
N HIS A 32 -3.10 1.92 1.55
CA HIS A 32 -2.21 1.00 2.24
C HIS A 32 -0.76 1.32 1.96
N ASN A 33 0.15 0.62 2.63
CA ASN A 33 1.58 0.85 2.45
C ASN A 33 2.39 -0.21 3.19
N GLN A 34 3.22 -0.95 2.45
CA GLN A 34 4.05 -1.98 3.05
C GLN A 34 5.17 -2.39 2.10
N SER A 35 6.39 -2.41 2.62
CA SER A 35 7.55 -2.78 1.82
C SER A 35 8.10 -4.14 2.24
N ASP A 36 7.66 -5.19 1.56
CA ASP A 36 8.12 -6.54 1.87
C ASP A 36 9.49 -6.81 1.27
N VAL A 37 10.43 -7.23 2.10
CA VAL A 37 11.78 -7.52 1.64
C VAL A 37 11.97 -9.02 1.41
N TRP A 38 12.35 -9.38 0.19
CA TRP A 38 12.56 -10.77 -0.16
C TRP A 38 13.91 -10.97 -0.85
N LEU A 39 14.57 -12.08 -0.56
CA LEU A 39 15.86 -12.38 -1.16
C LEU A 39 15.79 -13.62 -2.03
N ALA A 40 16.68 -13.70 -3.02
CA ALA A 40 16.72 -14.84 -3.93
C ALA A 40 17.81 -15.82 -3.54
N ASP A 41 18.89 -15.30 -2.96
CA ASP A 41 20.01 -16.13 -2.54
C ASP A 41 19.79 -16.64 -1.11
N GLU A 42 19.09 -17.77 -0.99
CA GLU A 42 18.82 -18.36 0.31
C GLU A 42 20.10 -18.47 1.14
N SER A 43 21.17 -18.93 0.50
CA SER A 43 22.45 -19.09 1.17
C SER A 43 22.88 -17.79 1.84
N GLN A 44 22.51 -16.67 1.22
CA GLN A 44 22.86 -15.36 1.76
C GLN A 44 21.78 -14.85 2.71
N ALA A 45 20.62 -15.50 2.69
CA ALA A 45 19.52 -15.12 3.55
C ALA A 45 19.97 -14.97 5.00
N GLU A 46 20.91 -15.81 5.41
CA GLU A 46 21.43 -15.78 6.77
C GLU A 46 22.21 -14.48 7.02
N ARG A 47 23.12 -14.17 6.11
CA ARG A 47 23.93 -12.96 6.22
C ARG A 47 23.06 -11.72 6.30
N VAL A 48 22.18 -11.56 5.31
CA VAL A 48 21.28 -10.41 5.26
C VAL A 48 20.46 -10.31 6.54
N ARG A 49 20.01 -11.46 7.05
CA ARG A 49 19.21 -11.50 8.26
C ARG A 49 19.96 -10.86 9.42
N ALA A 50 21.20 -11.29 9.63
CA ALA A 50 22.03 -10.77 10.71
C ALA A 50 22.23 -9.25 10.56
N GLU A 51 22.80 -8.85 9.43
CA GLU A 51 23.04 -7.43 9.17
C GLU A 51 21.76 -6.62 9.29
N LEU A 52 20.69 -7.12 8.68
CA LEU A 52 19.39 -6.45 8.72
C LEU A 52 19.00 -6.11 10.16
N ALA A 53 18.98 -7.12 11.01
CA ALA A 53 18.62 -6.94 12.41
C ALA A 53 19.57 -5.96 13.09
N ARG A 54 20.84 -6.01 12.71
CA ARG A 54 21.84 -5.11 13.28
C ARG A 54 21.63 -3.68 12.81
N PHE A 55 21.00 -3.53 11.66
CA PHE A 55 20.73 -2.21 11.10
C PHE A 55 19.43 -1.63 11.64
N LEU A 56 18.41 -2.47 11.73
CA LEU A 56 17.10 -2.05 12.24
C LEU A 56 17.24 -1.47 13.65
N GLU A 57 18.15 -2.04 14.44
CA GLU A 57 18.37 -1.59 15.80
C GLU A 57 19.21 -0.32 15.82
N ASN A 58 19.62 0.13 14.64
CA ASN A 58 20.44 1.33 14.52
C ASN A 58 19.68 2.43 13.79
N PRO A 59 18.69 3.01 14.47
CA PRO A 59 17.87 4.09 13.90
C PRO A 59 18.65 5.39 13.73
N ALA A 60 19.33 5.52 12.61
CA ALA A 60 20.12 6.71 12.32
C ALA A 60 20.34 6.88 10.82
N ASP A 61 20.63 5.77 10.15
CA ASP A 61 20.87 5.78 8.71
C ASP A 61 19.59 5.48 7.94
N LEU A 62 19.01 4.30 8.20
CA LEU A 62 17.79 3.89 7.53
C LEU A 62 16.69 4.93 7.73
N GLU A 63 16.47 5.75 6.71
CA GLU A 63 15.44 6.77 6.77
C GLU A 63 15.41 7.59 5.48
N MET B 1 13.19 -18.06 -3.71
CA MET B 1 12.99 -16.75 -3.10
C MET B 1 12.52 -16.90 -1.66
N LEU B 2 13.28 -16.34 -0.72
CA LEU B 2 12.94 -16.42 0.69
C LEU B 2 12.78 -15.01 1.28
N MET B 3 11.60 -14.74 1.85
CA MET B 3 11.32 -13.46 2.46
C MET B 3 12.33 -13.13 3.54
N ILE B 4 13.00 -11.98 3.40
CA ILE B 4 13.99 -11.55 4.38
C ILE B 4 13.33 -10.87 5.57
N THR B 5 12.43 -9.94 5.28
CA THR B 5 11.73 -9.20 6.33
C THR B 5 10.60 -8.36 5.75
N SER B 6 9.95 -7.59 6.61
CA SER B 6 8.84 -6.74 6.18
C SER B 6 8.97 -5.33 6.77
N PHE B 7 8.96 -4.33 5.90
CA PHE B 7 9.08 -2.95 6.33
C PHE B 7 7.80 -2.17 6.05
N ALA B 8 7.76 -0.91 6.46
CA ALA B 8 6.60 -0.06 6.25
C ALA B 8 7.01 1.34 5.82
N ASN B 9 7.91 1.41 4.83
CA ASN B 9 8.39 2.70 4.34
C ASN B 9 9.34 2.50 3.16
N PRO B 10 9.26 3.41 2.18
CA PRO B 10 10.11 3.36 0.99
C PRO B 10 11.57 3.67 1.29
N ARG B 11 11.79 4.74 2.03
CA ARG B 11 13.15 5.16 2.39
C ARG B 11 13.92 4.00 3.02
N VAL B 12 13.28 3.33 3.99
CA VAL B 12 13.90 2.21 4.67
C VAL B 12 14.11 1.03 3.72
N ALA B 13 13.03 0.63 3.05
CA ALA B 13 13.09 -0.48 2.11
C ALA B 13 14.25 -0.32 1.15
N GLN B 14 14.21 0.74 0.36
CA GLN B 14 15.27 1.02 -0.62
C GLN B 14 16.63 1.08 0.06
N ALA B 15 16.69 1.75 1.20
CA ALA B 15 17.93 1.89 1.95
C ALA B 15 18.53 0.52 2.28
N PHE B 16 17.77 -0.30 2.98
CA PHE B 16 18.22 -1.64 3.36
C PHE B 16 18.76 -2.39 2.14
N VAL B 17 17.98 -2.41 1.07
CA VAL B 17 18.37 -3.08 -0.16
C VAL B 17 19.57 -2.40 -0.81
N ASP B 18 19.76 -1.13 -0.49
CA ASP B 18 20.88 -0.36 -1.04
C ASP B 18 22.21 -0.85 -0.47
N TYR B 19 22.34 -0.79 0.85
CA TYR B 19 23.56 -1.22 1.51
C TYR B 19 23.80 -2.71 1.30
N MET B 20 22.72 -3.47 1.20
CA MET B 20 22.81 -4.91 0.99
C MET B 20 23.26 -5.22 -0.44
N ALA B 21 22.77 -4.44 -1.39
CA ALA B 21 23.13 -4.64 -2.79
C ALA B 21 24.59 -4.33 -3.03
N THR B 22 25.07 -3.24 -2.43
CA THR B 22 26.47 -2.83 -2.57
C THR B 22 27.40 -3.78 -1.83
N GLN B 23 26.82 -4.63 -0.98
CA GLN B 23 27.60 -5.58 -0.20
C GLN B 23 27.75 -6.91 -0.95
N GLY B 24 27.13 -6.98 -2.13
CA GLY B 24 27.21 -8.19 -2.93
C GLY B 24 25.94 -9.02 -2.84
N VAL B 25 25.02 -8.58 -1.98
CA VAL B 25 23.76 -9.29 -1.80
C VAL B 25 22.60 -8.52 -2.40
N ILE B 26 22.00 -9.06 -3.45
CA ILE B 26 20.87 -8.43 -4.12
C ILE B 26 19.58 -8.67 -3.35
N LEU B 27 18.86 -7.59 -3.05
CA LEU B 27 17.60 -7.68 -2.33
C LEU B 27 16.46 -7.06 -3.13
N THR B 28 15.23 -7.48 -2.83
CA THR B 28 14.06 -6.96 -3.52
C THR B 28 13.02 -6.44 -2.53
N ILE B 29 12.24 -5.45 -2.96
CA ILE B 29 11.20 -4.87 -2.11
C ILE B 29 9.85 -4.91 -2.80
N GLN B 30 8.79 -5.11 -2.01
CA GLN B 30 7.44 -5.17 -2.54
C GLN B 30 6.56 -4.09 -1.92
N GLN B 31 6.31 -3.03 -2.68
CA GLN B 31 5.48 -1.93 -2.20
C GLN B 31 4.01 -2.15 -2.55
N HIS B 32 3.21 -2.47 -1.54
CA HIS B 32 1.79 -2.71 -1.75
C HIS B 32 1.07 -1.42 -2.18
N ASN B 33 -0.23 -1.53 -2.43
CA ASN B 33 -1.02 -0.39 -2.85
C ASN B 33 -2.50 -0.74 -2.92
N GLN B 34 -3.31 -0.05 -2.11
CA GLN B 34 -4.75 -0.29 -2.09
C GLN B 34 -5.49 0.89 -1.48
N SER B 35 -6.54 1.34 -2.14
CA SER B 35 -7.32 2.47 -1.67
C SER B 35 -8.69 2.01 -1.19
N ASP B 36 -8.80 1.75 0.12
CA ASP B 36 -10.05 1.31 0.71
C ASP B 36 -11.00 2.48 0.94
N VAL B 37 -12.22 2.36 0.43
CA VAL B 37 -13.22 3.41 0.58
C VAL B 37 -14.18 3.10 1.71
N TRP B 38 -14.31 4.03 2.65
CA TRP B 38 -15.20 3.86 3.79
C TRP B 38 -16.07 5.09 4.00
N LEU B 39 -17.33 4.87 4.39
CA LEU B 39 -18.26 5.96 4.62
C LEU B 39 -18.65 6.04 6.09
N ALA B 40 -19.00 7.24 6.54
CA ALA B 40 -19.41 7.45 7.94
C ALA B 40 -20.93 7.52 8.06
N ASP B 41 -21.58 7.98 7.00
CA ASP B 41 -23.03 8.10 7.00
C ASP B 41 -23.67 6.83 6.45
N GLU B 42 -23.93 5.86 7.34
CA GLU B 42 -24.55 4.60 6.94
C GLU B 42 -25.79 4.85 6.09
N SER B 43 -26.60 5.82 6.51
CA SER B 43 -27.82 6.14 5.79
C SER B 43 -27.53 6.43 4.32
N GLN B 44 -26.36 7.02 4.07
CA GLN B 44 -25.96 7.36 2.71
C GLN B 44 -25.22 6.20 2.05
N ALA B 45 -24.82 5.23 2.86
CA ALA B 45 -24.11 4.05 2.36
C ALA B 45 -24.82 3.44 1.17
N GLU B 46 -26.15 3.44 1.21
CA GLU B 46 -26.95 2.88 0.14
C GLU B 46 -26.79 3.71 -1.15
N ARG B 47 -26.89 5.02 -1.02
CA ARG B 47 -26.76 5.92 -2.15
C ARG B 47 -25.40 5.76 -2.81
N VAL B 48 -24.34 5.91 -2.02
CA VAL B 48 -22.98 5.78 -2.53
C VAL B 48 -22.77 4.41 -3.20
N ARG B 49 -23.36 3.38 -2.61
CA ARG B 49 -23.24 2.03 -3.16
C ARG B 49 -23.78 1.96 -4.58
N ALA B 50 -25.00 2.46 -4.76
CA ALA B 50 -25.63 2.45 -6.08
C ALA B 50 -24.79 3.23 -7.10
N GLU B 51 -24.54 4.50 -6.80
CA GLU B 51 -23.75 5.35 -7.68
C GLU B 51 -22.38 4.73 -7.95
N LEU B 52 -21.73 4.26 -6.90
CA LEU B 52 -20.41 3.65 -7.02
C LEU B 52 -20.41 2.56 -8.08
N ALA B 53 -21.34 1.60 -7.93
CA ALA B 53 -21.44 0.51 -8.88
C ALA B 53 -21.69 1.02 -10.30
N ARG B 54 -22.53 2.04 -10.42
CA ARG B 54 -22.85 2.63 -11.71
C ARG B 54 -21.63 3.35 -12.30
N PHE B 55 -20.70 3.75 -11.42
CA PHE B 55 -19.50 4.44 -11.86
C PHE B 55 -18.40 3.45 -12.23
N LEU B 56 -18.22 2.44 -11.40
CA LEU B 56 -17.21 1.42 -11.64
C LEU B 56 -17.42 0.75 -12.99
N GLU B 57 -18.68 0.59 -13.38
CA GLU B 57 -19.01 -0.03 -14.65
C GLU B 57 -18.78 0.93 -15.81
N ASN B 58 -18.37 2.16 -15.48
CA ASN B 58 -18.11 3.19 -16.49
C ASN B 58 -16.63 3.53 -16.55
N PRO B 59 -15.84 2.62 -17.12
CA PRO B 59 -14.39 2.81 -17.26
C PRO B 59 -14.03 3.89 -18.26
N ALA B 60 -14.00 5.14 -17.79
CA ALA B 60 -13.67 6.26 -18.65
C ALA B 60 -13.48 7.54 -17.84
N ASP B 61 -14.31 7.70 -16.81
CA ASP B 61 -14.23 8.88 -15.94
C ASP B 61 -13.24 8.65 -14.79
N LEU B 62 -13.53 7.64 -13.98
CA LEU B 62 -12.68 7.31 -12.85
C LEU B 62 -11.29 6.90 -13.31
N GLU B 63 -10.35 7.85 -13.30
CA GLU B 63 -8.98 7.58 -13.71
C GLU B 63 -8.13 8.84 -13.62
N MET A 1 -18.90 4.25 11.01
CA MET A 1 -18.28 4.16 9.68
C MET A 1 -18.48 2.78 9.08
N LEU A 2 -19.01 2.75 7.86
CA LEU A 2 -19.26 1.49 7.17
C LEU A 2 -18.46 1.43 5.86
N MET A 3 -17.65 0.39 5.73
CA MET A 3 -16.84 0.21 4.53
C MET A 3 -17.71 0.15 3.28
N ILE A 4 -17.41 1.00 2.31
CA ILE A 4 -18.17 1.04 1.07
C ILE A 4 -17.56 0.12 0.02
N THR A 5 -16.25 0.22 -0.16
CA THR A 5 -15.54 -0.61 -1.13
C THR A 5 -14.04 -0.35 -1.08
N SER A 6 -13.30 -1.00 -1.98
CA SER A 6 -11.85 -0.85 -2.05
C SER A 6 -11.39 -0.66 -3.48
N PHE A 7 -10.30 0.08 -3.65
CA PHE A 7 -9.76 0.34 -4.99
C PHE A 7 -8.26 0.01 -5.03
N ALA A 8 -7.73 -0.13 -6.23
CA ALA A 8 -6.32 -0.45 -6.41
C ALA A 8 -5.59 0.68 -7.12
N ASN A 9 -6.07 1.91 -6.91
CA ASN A 9 -5.46 3.08 -7.53
C ASN A 9 -5.87 4.35 -6.80
N PRO A 10 -4.94 5.32 -6.72
CA PRO A 10 -5.19 6.60 -6.04
C PRO A 10 -6.17 7.48 -6.82
N ARG A 11 -5.94 7.61 -8.12
CA ARG A 11 -6.81 8.43 -8.96
C ARG A 11 -8.27 8.05 -8.77
N VAL A 12 -8.56 6.76 -8.85
CA VAL A 12 -9.92 6.26 -8.68
C VAL A 12 -10.47 6.64 -7.31
N ALA A 13 -9.73 6.30 -6.26
CA ALA A 13 -10.15 6.60 -4.90
C ALA A 13 -10.54 8.06 -4.76
N GLN A 14 -9.63 8.96 -5.12
CA GLN A 14 -9.89 10.39 -5.03
C GLN A 14 -11.09 10.78 -5.89
N ALA A 15 -11.07 10.36 -7.14
CA ALA A 15 -12.15 10.66 -8.07
C ALA A 15 -13.50 10.28 -7.47
N PHE A 16 -13.58 9.07 -6.93
CA PHE A 16 -14.81 8.57 -6.34
C PHE A 16 -15.27 9.50 -5.21
N VAL A 17 -14.45 9.63 -4.18
CA VAL A 17 -14.78 10.49 -3.04
C VAL A 17 -15.03 11.92 -3.49
N ASP A 18 -14.51 12.28 -4.66
CA ASP A 18 -14.69 13.62 -5.21
C ASP A 18 -16.13 13.84 -5.65
N TYR A 19 -16.60 13.01 -6.57
CA TYR A 19 -17.96 13.12 -7.08
C TYR A 19 -18.98 12.82 -5.98
N MET A 20 -18.54 12.10 -4.96
CA MET A 20 -19.41 11.75 -3.84
C MET A 20 -19.54 12.92 -2.87
N ALA A 21 -18.42 13.59 -2.61
CA ALA A 21 -18.41 14.72 -1.70
C ALA A 21 -19.19 15.90 -2.27
N THR A 22 -19.00 16.15 -3.56
CA THR A 22 -19.68 17.25 -4.24
C THR A 22 -21.18 16.97 -4.37
N GLN A 23 -21.57 15.73 -4.11
CA GLN A 23 -22.97 15.33 -4.20
C GLN A 23 -23.64 15.38 -2.83
N GLY A 24 -22.84 15.67 -1.80
CA GLY A 24 -23.38 15.75 -0.46
C GLY A 24 -23.06 14.52 0.36
N VAL A 25 -22.09 13.74 -0.10
CA VAL A 25 -21.68 12.51 0.60
C VAL A 25 -20.18 12.48 0.81
N ILE A 26 -19.77 12.60 2.07
CA ILE A 26 -18.35 12.57 2.41
C ILE A 26 -17.82 11.14 2.49
N LEU A 27 -16.68 10.91 1.87
CA LEU A 27 -16.07 9.58 1.87
C LEU A 27 -14.62 9.65 2.37
N THR A 28 -14.10 8.51 2.81
CA THR A 28 -12.73 8.42 3.31
C THR A 28 -11.95 7.33 2.61
N ILE A 29 -10.73 7.65 2.19
CA ILE A 29 -9.88 6.70 1.51
C ILE A 29 -8.72 6.25 2.41
N GLN A 30 -8.36 4.97 2.30
CA GLN A 30 -7.27 4.41 3.09
C GLN A 30 -6.21 3.79 2.20
N GLN A 31 -5.09 4.51 2.03
CA GLN A 31 -4.00 4.03 1.20
C GLN A 31 -3.00 3.24 2.03
N HIS A 32 -2.89 1.94 1.73
CA HIS A 32 -1.96 1.07 2.45
C HIS A 32 -0.52 1.46 2.16
N ASN A 33 0.42 0.80 2.84
CA ASN A 33 1.84 1.07 2.64
C ASN A 33 2.69 0.10 3.47
N GLN A 34 3.55 -0.65 2.79
CA GLN A 34 4.42 -1.61 3.46
C GLN A 34 5.47 -2.16 2.50
N SER A 35 6.63 -1.51 2.46
CA SER A 35 7.71 -1.93 1.58
C SER A 35 8.45 -3.14 2.17
N ASP A 36 8.13 -4.32 1.67
CA ASP A 36 8.76 -5.54 2.15
C ASP A 36 10.07 -5.80 1.40
N VAL A 37 11.14 -5.97 2.16
CA VAL A 37 12.45 -6.23 1.57
C VAL A 37 12.81 -7.71 1.63
N TRP A 38 13.02 -8.30 0.46
CA TRP A 38 13.36 -9.72 0.38
C TRP A 38 14.63 -9.93 -0.45
N LEU A 39 15.48 -10.85 -0.01
CA LEU A 39 16.72 -11.14 -0.73
C LEU A 39 16.66 -12.52 -1.37
N ALA A 40 17.42 -12.69 -2.45
CA ALA A 40 17.45 -13.96 -3.17
C ALA A 40 18.71 -14.74 -2.83
N ASP A 41 19.78 -14.02 -2.48
CA ASP A 41 21.04 -14.65 -2.13
C ASP A 41 21.11 -14.95 -0.64
N GLU A 42 20.60 -16.11 -0.25
CA GLU A 42 20.59 -16.52 1.15
C GLU A 42 21.98 -16.34 1.77
N SER A 43 23.01 -16.75 1.04
CA SER A 43 24.38 -16.64 1.52
C SER A 43 24.70 -15.20 1.92
N GLN A 44 24.11 -14.25 1.20
CA GLN A 44 24.34 -12.84 1.47
C GLN A 44 23.35 -12.32 2.52
N ALA A 45 22.31 -13.11 2.77
CA ALA A 45 21.29 -12.74 3.75
C ALA A 45 21.93 -12.33 5.08
N GLU A 46 23.01 -13.00 5.44
CA GLU A 46 23.71 -12.70 6.68
C GLU A 46 24.33 -11.31 6.65
N ARG A 47 25.04 -11.01 5.57
CA ARG A 47 25.69 -9.72 5.40
C ARG A 47 24.67 -8.59 5.47
N VAL A 48 23.65 -8.67 4.60
CA VAL A 48 22.61 -7.65 4.55
C VAL A 48 21.96 -7.47 5.92
N ARG A 49 21.75 -8.59 6.62
CA ARG A 49 21.14 -8.56 7.95
C ARG A 49 21.95 -7.68 8.90
N ALA A 50 23.24 -7.96 9.00
CA ALA A 50 24.12 -7.20 9.87
C ALA A 50 24.12 -5.72 9.50
N GLU A 51 24.49 -5.43 8.26
CA GLU A 51 24.54 -4.04 7.78
C GLU A 51 23.19 -3.35 8.01
N LEU A 52 22.11 -4.02 7.62
CA LEU A 52 20.77 -3.47 7.78
C LEU A 52 20.54 -3.00 9.22
N ALA A 53 20.70 -3.91 10.16
CA ALA A 53 20.51 -3.58 11.57
C ALA A 53 21.37 -2.39 11.98
N ARG A 54 22.60 -2.35 11.48
CA ARG A 54 23.52 -1.26 11.78
C ARG A 54 23.09 0.03 11.09
N PHE A 55 22.30 -0.11 10.04
CA PHE A 55 21.82 1.05 9.30
C PHE A 55 20.53 1.60 9.92
N LEU A 56 19.65 0.69 10.35
CA LEU A 56 18.40 1.09 10.96
C LEU A 56 18.62 1.97 12.18
N GLU A 57 19.69 1.68 12.92
CA GLU A 57 20.02 2.45 14.11
C GLU A 57 20.69 3.77 13.74
N ASN A 58 20.90 3.97 12.43
CA ASN A 58 21.53 5.19 11.93
C ASN A 58 20.54 6.01 11.11
N PRO A 59 19.57 6.65 11.80
CA PRO A 59 18.55 7.47 11.14
C PRO A 59 19.13 8.77 10.58
N ALA A 60 19.49 8.74 9.30
CA ALA A 60 20.05 9.91 8.64
C ALA A 60 19.90 9.81 7.12
N ASP A 61 20.37 8.71 6.56
CA ASP A 61 20.29 8.48 5.12
C ASP A 61 18.98 7.79 4.75
N LEU A 62 18.78 6.59 5.27
CA LEU A 62 17.58 5.83 4.98
C LEU A 62 16.33 6.67 5.24
N GLU A 63 16.41 7.55 6.22
CA GLU A 63 15.29 8.41 6.57
C GLU A 63 15.47 9.80 5.98
N MET B 1 14.45 -17.41 -1.87
CA MET B 1 14.20 -16.03 -1.47
C MET B 1 13.92 -15.93 0.03
N LEU B 2 14.72 -15.15 0.73
CA LEU B 2 14.57 -14.97 2.17
C LEU B 2 14.28 -13.52 2.52
N MET B 3 13.15 -13.28 3.17
CA MET B 3 12.75 -11.94 3.56
C MET B 3 13.81 -11.30 4.45
N ILE B 4 14.35 -10.17 4.02
CA ILE B 4 15.37 -9.46 4.79
C ILE B 4 14.75 -8.65 5.91
N THR B 5 13.70 -7.89 5.59
CA THR B 5 13.03 -7.06 6.57
C THR B 5 11.81 -6.38 5.97
N SER B 6 11.07 -5.64 6.80
CA SER B 6 9.88 -4.94 6.34
C SER B 6 9.93 -3.47 6.73
N PHE B 7 9.68 -2.60 5.76
CA PHE B 7 9.69 -1.16 6.00
C PHE B 7 8.32 -0.55 5.74
N ALA B 8 8.18 0.73 6.10
CA ALA B 8 6.92 1.43 5.90
C ALA B 8 7.14 2.78 5.22
N ASN B 9 8.06 2.82 4.27
CA ASN B 9 8.37 4.05 3.55
C ASN B 9 9.23 3.75 2.32
N PRO B 10 8.97 4.49 1.23
CA PRO B 10 9.71 4.33 -0.03
C PRO B 10 11.15 4.80 0.07
N ARG B 11 11.34 6.00 0.63
CA ARG B 11 12.67 6.57 0.78
C ARG B 11 13.60 5.58 1.47
N VAL B 12 13.12 4.98 2.55
CA VAL B 12 13.92 4.01 3.30
C VAL B 12 14.14 2.74 2.49
N ALA B 13 13.04 2.12 2.05
CA ALA B 13 13.11 0.89 1.27
C ALA B 13 14.10 1.04 0.12
N GLN B 14 13.87 2.02 -0.75
CA GLN B 14 14.74 2.26 -1.88
C GLN B 14 16.18 2.51 -1.43
N ALA B 15 16.34 3.41 -0.47
CA ALA B 15 17.66 3.74 0.05
C ALA B 15 18.41 2.48 0.49
N PHE B 16 17.72 1.61 1.23
CA PHE B 16 18.31 0.37 1.70
C PHE B 16 18.81 -0.48 0.54
N VAL B 17 17.90 -0.87 -0.34
CA VAL B 17 18.25 -1.69 -1.50
C VAL B 17 19.28 -0.98 -2.37
N ASP B 18 19.32 0.34 -2.27
CA ASP B 18 20.26 1.14 -3.06
C ASP B 18 21.70 0.90 -2.60
N TYR B 19 21.97 1.18 -1.34
CA TYR B 19 23.30 0.99 -0.77
C TYR B 19 23.68 -0.48 -0.77
N MET B 20 22.68 -1.35 -0.79
CA MET B 20 22.91 -2.79 -0.79
C MET B 20 23.30 -3.27 -2.19
N ALA B 21 22.64 -2.73 -3.20
CA ALA B 21 22.92 -3.11 -4.58
C ALA B 21 24.31 -2.64 -5.01
N THR B 22 24.65 -1.42 -4.61
CA THR B 22 25.95 -0.85 -4.96
C THR B 22 27.07 -1.52 -4.18
N GLN B 23 26.70 -2.28 -3.16
CA GLN B 23 27.68 -2.98 -2.33
C GLN B 23 27.92 -4.39 -2.84
N GLY B 24 27.16 -4.78 -3.86
CA GLY B 24 27.31 -6.11 -4.43
C GLY B 24 26.21 -7.06 -3.97
N VAL B 25 25.15 -6.51 -3.40
CA VAL B 25 24.03 -7.30 -2.92
C VAL B 25 22.71 -6.79 -3.47
N ILE B 26 22.09 -7.59 -4.33
CA ILE B 26 20.81 -7.22 -4.94
C ILE B 26 19.66 -7.49 -3.99
N LEU B 27 18.75 -6.52 -3.85
CA LEU B 27 17.60 -6.66 -2.98
C LEU B 27 16.31 -6.36 -3.74
N THR B 28 15.19 -6.81 -3.18
CA THR B 28 13.89 -6.59 -3.80
C THR B 28 12.91 -5.96 -2.82
N ILE B 29 12.14 -4.99 -3.29
CA ILE B 29 11.15 -4.31 -2.45
C ILE B 29 9.74 -4.56 -2.94
N GLN B 30 8.81 -4.69 -2.00
CA GLN B 30 7.41 -4.93 -2.35
C GLN B 30 6.51 -3.85 -1.76
N GLN B 31 6.08 -2.93 -2.60
CA GLN B 31 5.20 -1.84 -2.16
C GLN B 31 3.74 -2.21 -2.34
N HIS B 32 3.02 -2.30 -1.22
CA HIS B 32 1.60 -2.64 -1.25
C HIS B 32 0.79 -1.54 -1.90
N ASN B 33 -0.51 -1.76 -2.02
CA ASN B 33 -1.41 -0.78 -2.63
C ASN B 33 -2.87 -1.24 -2.53
N GLN B 34 -3.69 -0.44 -1.87
CA GLN B 34 -5.10 -0.76 -1.71
C GLN B 34 -5.85 0.40 -1.07
N SER B 35 -6.45 1.24 -1.91
CA SER B 35 -7.21 2.40 -1.42
C SER B 35 -8.61 2.00 -0.99
N ASP B 36 -8.76 1.66 0.28
CA ASP B 36 -10.05 1.25 0.83
C ASP B 36 -10.92 2.47 1.14
N VAL B 37 -12.10 2.52 0.52
CA VAL B 37 -13.02 3.62 0.72
C VAL B 37 -14.10 3.26 1.73
N TRP B 38 -14.32 4.14 2.70
CA TRP B 38 -15.34 3.91 3.72
C TRP B 38 -16.21 5.14 3.92
N LEU B 39 -17.46 4.93 4.31
CA LEU B 39 -18.39 6.03 4.53
C LEU B 39 -18.77 6.13 6.00
N ALA B 40 -19.15 7.33 6.42
CA ALA B 40 -19.53 7.57 7.81
C ALA B 40 -21.05 7.62 7.96
N ASP B 41 -21.73 8.08 6.92
CA ASP B 41 -23.19 8.17 6.93
C ASP B 41 -23.81 6.88 6.44
N GLU B 42 -24.08 5.96 7.37
CA GLU B 42 -24.68 4.68 7.03
C GLU B 42 -25.90 4.87 6.13
N SER B 43 -26.75 5.82 6.50
CA SER B 43 -27.97 6.11 5.72
C SER B 43 -27.61 6.41 4.26
N GLN B 44 -26.44 7.00 4.05
CA GLN B 44 -26.00 7.34 2.70
C GLN B 44 -25.26 6.18 2.06
N ALA B 45 -24.89 5.19 2.88
CA ALA B 45 -24.18 4.01 2.40
C ALA B 45 -24.89 3.41 1.19
N GLU B 46 -26.22 3.43 1.21
CA GLU B 46 -27.02 2.88 0.12
C GLU B 46 -26.82 3.69 -1.16
N ARG B 47 -26.84 5.01 -1.02
CA ARG B 47 -26.66 5.90 -2.16
C ARG B 47 -25.30 5.69 -2.80
N VAL B 48 -24.24 5.82 -2.01
CA VAL B 48 -22.88 5.64 -2.49
C VAL B 48 -22.71 4.29 -3.16
N ARG B 49 -23.30 3.27 -2.58
CA ARG B 49 -23.22 1.91 -3.14
C ARG B 49 -23.78 1.87 -4.55
N ALA B 50 -25.00 2.34 -4.72
CA ALA B 50 -25.65 2.36 -6.02
C ALA B 50 -24.82 3.14 -7.04
N GLU B 51 -24.61 4.42 -6.74
CA GLU B 51 -23.83 5.28 -7.63
C GLU B 51 -22.47 4.65 -7.95
N LEU B 52 -21.81 4.15 -6.92
CA LEU B 52 -20.50 3.53 -7.07
C LEU B 52 -20.54 2.45 -8.15
N ALA B 53 -21.41 1.46 -7.97
CA ALA B 53 -21.56 0.38 -8.91
C ALA B 53 -21.83 0.90 -10.32
N ARG B 54 -22.65 1.95 -10.41
CA ARG B 54 -22.99 2.55 -11.70
C ARG B 54 -21.79 3.31 -12.27
N PHE B 55 -20.88 3.71 -11.39
CA PHE B 55 -19.70 4.45 -11.81
C PHE B 55 -18.58 3.50 -12.24
N LEU B 56 -18.46 2.39 -11.53
CA LEU B 56 -17.43 1.40 -11.83
C LEU B 56 -17.55 0.91 -13.28
N GLU B 57 -18.79 0.78 -13.76
CA GLU B 57 -19.04 0.33 -15.12
C GLU B 57 -18.82 1.47 -16.12
N ASN B 58 -18.52 2.66 -15.59
CA ASN B 58 -18.29 3.83 -16.43
C ASN B 58 -16.84 4.29 -16.34
N PRO B 59 -15.93 3.52 -16.95
CA PRO B 59 -14.51 3.83 -16.95
C PRO B 59 -14.17 5.05 -17.80
N ALA B 60 -14.11 6.22 -17.16
CA ALA B 60 -13.80 7.45 -17.87
C ALA B 60 -13.14 8.46 -16.93
N ASP B 61 -13.84 8.82 -15.86
CA ASP B 61 -13.32 9.78 -14.90
C ASP B 61 -12.51 9.07 -13.81
N LEU B 62 -13.15 8.13 -13.13
CA LEU B 62 -12.50 7.37 -12.07
C LEU B 62 -11.14 6.86 -12.53
N GLU B 63 -11.03 6.55 -13.81
CA GLU B 63 -9.79 6.04 -14.39
C GLU B 63 -8.90 7.18 -14.86
N MET A 1 -19.05 3.38 11.12
CA MET A 1 -18.33 3.41 9.85
C MET A 1 -18.56 2.11 9.07
N LEU A 2 -19.08 2.25 7.86
CA LEU A 2 -19.35 1.10 7.01
C LEU A 2 -18.55 1.18 5.70
N MET A 3 -17.76 0.15 5.43
CA MET A 3 -16.95 0.11 4.22
C MET A 3 -17.82 0.25 2.98
N ILE A 4 -17.45 1.18 2.11
CA ILE A 4 -18.21 1.40 0.88
C ILE A 4 -17.69 0.52 -0.26
N THR A 5 -16.38 0.45 -0.40
CA THR A 5 -15.76 -0.36 -1.43
C THR A 5 -14.24 -0.35 -1.31
N SER A 6 -13.57 -1.06 -2.21
CA SER A 6 -12.12 -1.13 -2.21
C SER A 6 -11.55 -0.88 -3.61
N PHE A 7 -10.45 -0.13 -3.66
CA PHE A 7 -9.81 0.19 -4.93
C PHE A 7 -8.31 -0.02 -4.86
N ALA A 8 -7.67 -0.14 -6.01
CA ALA A 8 -6.23 -0.34 -6.07
C ALA A 8 -5.55 0.78 -6.86
N ASN A 9 -6.11 1.98 -6.78
CA ASN A 9 -5.57 3.14 -7.49
C ASN A 9 -6.00 4.44 -6.81
N PRO A 10 -5.08 5.41 -6.76
CA PRO A 10 -5.34 6.71 -6.15
C PRO A 10 -6.31 7.55 -6.97
N ARG A 11 -6.04 7.64 -8.27
CA ARG A 11 -6.89 8.42 -9.17
C ARG A 11 -8.36 8.03 -9.00
N VAL A 12 -8.63 6.72 -8.96
CA VAL A 12 -9.98 6.23 -8.80
C VAL A 12 -10.55 6.58 -7.43
N ALA A 13 -9.83 6.19 -6.39
CA ALA A 13 -10.26 6.48 -5.02
C ALA A 13 -10.63 7.95 -4.86
N GLN A 14 -9.66 8.83 -5.11
CA GLN A 14 -9.89 10.26 -4.99
C GLN A 14 -11.05 10.71 -5.86
N ALA A 15 -11.06 10.24 -7.10
CA ALA A 15 -12.12 10.58 -8.04
C ALA A 15 -13.49 10.23 -7.48
N PHE A 16 -13.61 9.03 -6.92
CA PHE A 16 -14.87 8.58 -6.34
C PHE A 16 -15.31 9.50 -5.20
N VAL A 17 -14.48 9.59 -4.18
CA VAL A 17 -14.79 10.44 -3.03
C VAL A 17 -14.98 11.90 -3.45
N ASP A 18 -14.39 12.25 -4.58
CA ASP A 18 -14.49 13.61 -5.09
C ASP A 18 -15.91 13.90 -5.59
N TYR A 19 -16.35 13.13 -6.57
CA TYR A 19 -17.69 13.29 -7.13
C TYR A 19 -18.76 13.05 -6.08
N MET A 20 -18.42 12.27 -5.07
CA MET A 20 -19.35 11.95 -3.98
C MET A 20 -19.48 13.13 -3.02
N ALA A 21 -18.35 13.72 -2.68
CA ALA A 21 -18.32 14.86 -1.76
C ALA A 21 -19.04 16.06 -2.36
N THR A 22 -18.80 16.30 -3.65
CA THR A 22 -19.43 17.42 -4.34
C THR A 22 -20.91 17.19 -4.54
N GLN A 23 -21.35 15.95 -4.32
CA GLN A 23 -22.75 15.59 -4.48
C GLN A 23 -23.48 15.64 -3.14
N GLY A 24 -22.73 15.91 -2.07
CA GLY A 24 -23.33 15.97 -0.75
C GLY A 24 -23.07 14.72 0.06
N VAL A 25 -22.09 13.92 -0.37
CA VAL A 25 -21.75 12.68 0.31
C VAL A 25 -20.26 12.62 0.62
N ILE A 26 -19.92 12.69 1.90
CA ILE A 26 -18.52 12.63 2.33
C ILE A 26 -18.03 11.19 2.39
N LEU A 27 -16.84 10.95 1.83
CA LEU A 27 -16.25 9.62 1.84
C LEU A 27 -14.81 9.66 2.31
N THR A 28 -14.28 8.50 2.70
CA THR A 28 -12.91 8.42 3.18
C THR A 28 -12.14 7.34 2.42
N ILE A 29 -10.84 7.58 2.23
CA ILE A 29 -9.98 6.63 1.53
C ILE A 29 -8.78 6.24 2.37
N GLN A 30 -8.37 4.98 2.26
CA GLN A 30 -7.23 4.47 3.01
C GLN A 30 -6.17 3.91 2.08
N GLN A 31 -5.09 4.67 1.89
CA GLN A 31 -4.00 4.24 1.01
C GLN A 31 -3.01 3.36 1.77
N HIS A 32 -3.25 2.06 1.76
CA HIS A 32 -2.37 1.11 2.45
C HIS A 32 -0.92 1.34 2.04
N ASN A 33 0.00 0.95 2.93
CA ASN A 33 1.42 1.11 2.66
C ASN A 33 2.23 0.00 3.33
N GLN A 34 2.86 -0.84 2.52
CA GLN A 34 3.66 -1.94 3.04
C GLN A 34 4.88 -2.19 2.16
N SER A 35 5.90 -1.34 2.33
CA SER A 35 7.13 -1.46 1.55
C SER A 35 7.82 -2.78 1.82
N ASP A 36 7.59 -3.76 0.94
CA ASP A 36 8.19 -5.08 1.09
C ASP A 36 9.58 -5.11 0.45
N VAL A 37 10.56 -5.58 1.21
CA VAL A 37 11.94 -5.66 0.73
C VAL A 37 12.27 -7.08 0.29
N TRP A 38 12.67 -7.23 -0.97
CA TRP A 38 13.02 -8.54 -1.52
C TRP A 38 14.37 -8.49 -2.23
N LEU A 39 15.09 -9.60 -2.21
CA LEU A 39 16.40 -9.67 -2.86
C LEU A 39 16.43 -10.79 -3.89
N ALA A 40 17.27 -10.63 -4.91
CA ALA A 40 17.40 -11.63 -5.95
C ALA A 40 18.62 -12.51 -5.74
N ASP A 41 19.66 -11.94 -5.14
CA ASP A 41 20.89 -12.68 -4.87
C ASP A 41 20.81 -13.38 -3.51
N GLU A 42 20.29 -14.60 -3.52
CA GLU A 42 20.16 -15.36 -2.29
C GLU A 42 21.47 -15.37 -1.50
N SER A 43 22.58 -15.51 -2.22
CA SER A 43 23.89 -15.53 -1.59
C SER A 43 24.08 -14.30 -0.70
N GLN A 44 23.57 -13.16 -1.15
CA GLN A 44 23.69 -11.92 -0.40
C GLN A 44 22.54 -11.78 0.60
N ALA A 45 21.52 -12.60 0.44
CA ALA A 45 20.37 -12.57 1.33
C ALA A 45 20.79 -12.69 2.78
N GLU A 46 21.95 -13.32 3.01
CA GLU A 46 22.46 -13.50 4.37
C GLU A 46 23.11 -12.21 4.87
N ARG A 47 24.04 -11.68 4.10
CA ARG A 47 24.74 -10.45 4.47
C ARG A 47 23.76 -9.31 4.68
N VAL A 48 22.69 -9.29 3.87
CA VAL A 48 21.67 -8.26 3.98
C VAL A 48 20.80 -8.46 5.20
N ARG A 49 20.45 -9.71 5.48
CA ARG A 49 19.62 -10.04 6.62
C ARG A 49 20.27 -9.59 7.92
N ALA A 50 21.57 -9.82 8.04
CA ALA A 50 22.32 -9.44 9.22
C ALA A 50 22.44 -7.92 9.32
N GLU A 51 22.99 -7.31 8.28
CA GLU A 51 23.16 -5.86 8.26
C GLU A 51 21.84 -5.14 8.49
N LEU A 52 20.79 -5.63 7.83
CA LEU A 52 19.46 -5.04 7.96
C LEU A 52 18.98 -5.10 9.41
N ALA A 53 19.03 -6.29 9.99
CA ALA A 53 18.61 -6.49 11.37
C ALA A 53 19.39 -5.58 12.32
N ARG A 54 20.65 -5.34 12.00
CA ARG A 54 21.50 -4.48 12.83
C ARG A 54 21.17 -3.01 12.59
N PHE A 55 20.66 -2.69 11.40
CA PHE A 55 20.30 -1.32 11.05
C PHE A 55 18.93 -0.96 11.60
N LEU A 56 18.02 -1.92 11.58
CA LEU A 56 16.66 -1.69 12.07
C LEU A 56 16.68 -1.23 13.52
N GLU A 57 17.56 -1.81 14.31
CA GLU A 57 17.68 -1.46 15.72
C GLU A 57 18.45 -0.14 15.88
N ASN A 58 18.90 0.41 14.77
CA ASN A 58 19.65 1.67 14.78
C ASN A 58 18.86 2.77 14.10
N PRO A 59 17.81 3.26 14.78
CA PRO A 59 16.95 4.33 14.26
C PRO A 59 17.67 5.67 14.21
N ALA A 60 18.27 5.99 13.08
CA ALA A 60 18.98 7.24 12.91
C ALA A 60 18.90 7.73 11.47
N ASP A 61 19.17 6.84 10.53
CA ASP A 61 19.13 7.19 9.11
C ASP A 61 17.85 6.67 8.46
N LEU A 62 17.61 5.36 8.60
CA LEU A 62 16.43 4.74 8.01
C LEU A 62 15.17 5.49 8.43
N GLU A 63 15.20 6.09 9.61
CA GLU A 63 14.06 6.84 10.12
C GLU A 63 14.18 8.32 9.76
N MET B 1 14.20 -15.24 -6.12
CA MET B 1 13.94 -14.06 -5.31
C MET B 1 13.55 -14.46 -3.89
N LEU B 2 14.31 -13.95 -2.92
CA LEU B 2 14.05 -14.27 -1.52
C LEU B 2 13.75 -12.99 -0.73
N MET B 3 12.58 -12.97 -0.08
CA MET B 3 12.18 -11.80 0.71
C MET B 3 13.22 -11.50 1.79
N ILE B 4 13.65 -10.24 1.84
CA ILE B 4 14.64 -9.81 2.82
C ILE B 4 13.97 -9.33 4.11
N THR B 5 12.93 -8.54 3.96
CA THR B 5 12.20 -8.01 5.10
C THR B 5 10.98 -7.20 4.66
N SER B 6 10.25 -6.66 5.64
CA SER B 6 9.06 -5.87 5.34
C SER B 6 9.07 -4.57 6.15
N PHE B 7 8.66 -3.48 5.50
CA PHE B 7 8.62 -2.18 6.16
C PHE B 7 7.29 -1.48 5.88
N ALA B 8 6.97 -0.49 6.71
CA ALA B 8 5.72 0.26 6.56
C ALA B 8 6.01 1.75 6.40
N ASN B 9 7.10 2.08 5.73
CA ASN B 9 7.48 3.47 5.51
C ASN B 9 8.40 3.61 4.31
N PRO B 10 8.19 4.67 3.51
CA PRO B 10 9.00 4.94 2.32
C PRO B 10 10.43 5.35 2.66
N ARG B 11 10.57 6.29 3.58
CA ARG B 11 11.88 6.77 4.00
C ARG B 11 12.78 5.61 4.40
N VAL B 12 12.23 4.69 5.20
CA VAL B 12 12.99 3.53 5.66
C VAL B 12 13.31 2.60 4.50
N ALA B 13 12.28 2.18 3.79
CA ALA B 13 12.46 1.28 2.65
C ALA B 13 13.56 1.78 1.71
N GLN B 14 13.36 2.99 1.18
CA GLN B 14 14.34 3.58 0.26
C GLN B 14 15.71 3.68 0.93
N ALA B 15 15.73 4.13 2.18
CA ALA B 15 16.97 4.27 2.92
C ALA B 15 17.73 2.95 2.98
N PHE B 16 17.02 1.87 3.31
CA PHE B 16 17.62 0.55 3.40
C PHE B 16 18.26 0.16 2.06
N VAL B 17 17.45 0.15 1.01
CA VAL B 17 17.93 -0.22 -0.31
C VAL B 17 19.01 0.74 -0.80
N ASP B 18 19.00 1.95 -0.23
CA ASP B 18 19.98 2.97 -0.61
C ASP B 18 21.37 2.58 -0.10
N TYR B 19 21.50 2.43 1.21
CA TYR B 19 22.77 2.08 1.82
C TYR B 19 23.23 0.70 1.37
N MET B 20 22.26 -0.14 1.00
CA MET B 20 22.55 -1.50 0.55
C MET B 20 23.13 -1.49 -0.87
N ALA B 21 22.53 -0.70 -1.75
CA ALA B 21 22.99 -0.60 -3.13
C ALA B 21 24.38 0.02 -3.19
N THR B 22 24.60 1.07 -2.41
CA THR B 22 25.88 1.76 -2.37
C THR B 22 26.96 0.89 -1.73
N GLN B 23 26.53 -0.18 -1.08
CA GLN B 23 27.45 -1.11 -0.42
C GLN B 23 27.77 -2.29 -1.32
N GLY B 24 27.12 -2.35 -2.48
CA GLY B 24 27.35 -3.44 -3.40
C GLY B 24 26.25 -4.48 -3.35
N VAL B 25 25.11 -4.11 -2.77
CA VAL B 25 23.98 -5.02 -2.67
C VAL B 25 22.70 -4.38 -3.21
N ILE B 26 22.21 -4.91 -4.32
CA ILE B 26 20.99 -4.39 -4.94
C ILE B 26 19.75 -4.98 -4.28
N LEU B 27 18.86 -4.10 -3.83
CA LEU B 27 17.63 -4.54 -3.18
C LEU B 27 16.40 -3.98 -3.91
N THR B 28 15.24 -4.56 -3.64
CA THR B 28 14.01 -4.14 -4.26
C THR B 28 12.93 -3.85 -3.22
N ILE B 29 12.08 -2.87 -3.52
CA ILE B 29 11.01 -2.50 -2.60
C ILE B 29 9.65 -2.56 -3.30
N GLN B 30 8.62 -2.96 -2.54
CA GLN B 30 7.28 -3.06 -3.09
C GLN B 30 6.30 -2.23 -2.27
N GLN B 31 5.91 -1.07 -2.81
CA GLN B 31 4.98 -0.19 -2.13
C GLN B 31 3.54 -0.58 -2.42
N HIS B 32 2.97 -1.43 -1.57
CA HIS B 32 1.60 -1.89 -1.74
C HIS B 32 0.65 -0.70 -1.93
N ASN B 33 -0.54 -0.98 -2.44
CA ASN B 33 -1.54 0.06 -2.67
C ASN B 33 -2.94 -0.53 -2.67
N GLN B 34 -3.75 -0.13 -1.70
CA GLN B 34 -5.12 -0.61 -1.59
C GLN B 34 -6.05 0.48 -1.04
N SER B 35 -6.40 1.42 -1.91
CA SER B 35 -7.26 2.53 -1.51
C SER B 35 -8.63 2.01 -1.06
N ASP B 36 -8.80 1.88 0.25
CA ASP B 36 -10.05 1.39 0.82
C ASP B 36 -11.03 2.53 1.04
N VAL B 37 -12.24 2.38 0.51
CA VAL B 37 -13.27 3.41 0.65
C VAL B 37 -14.25 3.06 1.77
N TRP B 38 -14.37 3.95 2.74
CA TRP B 38 -15.28 3.75 3.86
C TRP B 38 -16.15 4.97 4.10
N LEU B 39 -17.38 4.74 4.54
CA LEU B 39 -18.32 5.83 4.81
C LEU B 39 -18.74 5.83 6.27
N ALA B 40 -19.10 7.01 6.78
CA ALA B 40 -19.54 7.14 8.17
C ALA B 40 -21.05 7.20 8.26
N ASP B 41 -21.69 7.77 7.23
CA ASP B 41 -23.14 7.89 7.20
C ASP B 41 -23.78 6.64 6.59
N GLU B 42 -24.06 5.65 7.43
CA GLU B 42 -24.66 4.41 6.96
C GLU B 42 -25.87 4.68 6.08
N SER B 43 -26.68 5.67 6.48
CA SER B 43 -27.87 6.03 5.73
C SER B 43 -27.52 6.32 4.27
N GLN B 44 -26.37 6.93 4.05
CA GLN B 44 -25.93 7.26 2.70
C GLN B 44 -25.15 6.10 2.08
N ALA B 45 -24.76 5.15 2.92
CA ALA B 45 -24.01 3.98 2.45
C ALA B 45 -24.74 3.29 1.31
N GLU B 46 -26.06 3.45 1.25
CA GLU B 46 -26.87 2.84 0.21
C GLU B 46 -26.76 3.64 -1.09
N ARG B 47 -27.04 4.93 -1.00
CA ARG B 47 -26.97 5.81 -2.16
C ARG B 47 -25.59 5.77 -2.80
N VAL B 48 -24.56 5.65 -1.98
CA VAL B 48 -23.19 5.60 -2.45
C VAL B 48 -22.89 4.25 -3.10
N ARG B 49 -23.37 3.19 -2.49
CA ARG B 49 -23.15 1.84 -3.00
C ARG B 49 -23.69 1.70 -4.41
N ALA B 50 -24.88 2.25 -4.64
CA ALA B 50 -25.51 2.19 -5.95
C ALA B 50 -24.77 3.06 -6.96
N GLU B 51 -24.63 4.34 -6.63
CA GLU B 51 -23.94 5.28 -7.51
C GLU B 51 -22.53 4.80 -7.83
N LEU B 52 -21.84 4.30 -6.81
CA LEU B 52 -20.48 3.81 -6.98
C LEU B 52 -20.45 2.63 -7.95
N ALA B 53 -21.30 1.65 -7.71
CA ALA B 53 -21.37 0.46 -8.57
C ALA B 53 -21.67 0.85 -10.00
N ARG B 54 -22.45 1.91 -10.18
CA ARG B 54 -22.82 2.39 -11.50
C ARG B 54 -21.67 3.16 -12.15
N PHE B 55 -20.84 3.78 -11.31
CA PHE B 55 -19.71 4.55 -11.79
C PHE B 55 -18.53 3.65 -12.12
N LEU B 56 -18.36 2.59 -11.31
CA LEU B 56 -17.27 1.64 -11.51
C LEU B 56 -17.30 1.07 -12.92
N GLU B 57 -18.49 0.75 -13.41
CA GLU B 57 -18.65 0.20 -14.74
C GLU B 57 -18.55 1.28 -15.80
N ASN B 58 -18.37 2.52 -15.35
CA ASN B 58 -18.25 3.66 -16.26
C ASN B 58 -16.85 4.26 -16.20
N PRO B 59 -15.87 3.54 -16.78
CA PRO B 59 -14.47 4.00 -16.80
C PRO B 59 -14.26 5.20 -17.71
N ALA B 60 -14.35 6.39 -17.13
CA ALA B 60 -14.17 7.63 -17.88
C ALA B 60 -13.42 8.67 -17.06
N ASP B 61 -13.90 8.91 -15.85
CA ASP B 61 -13.28 9.88 -14.96
C ASP B 61 -12.46 9.19 -13.88
N LEU B 62 -13.08 8.24 -13.19
CA LEU B 62 -12.40 7.50 -12.12
C LEU B 62 -11.06 6.97 -12.59
N GLU B 63 -10.97 6.68 -13.89
CA GLU B 63 -9.73 6.17 -14.48
C GLU B 63 -8.88 7.30 -15.04
N MET A 1 -19.09 3.52 10.91
CA MET A 1 -18.29 3.50 9.69
C MET A 1 -18.52 2.20 8.92
N LEU A 2 -19.00 2.32 7.69
CA LEU A 2 -19.26 1.16 6.84
C LEU A 2 -18.42 1.21 5.57
N MET A 3 -17.61 0.18 5.35
CA MET A 3 -16.77 0.11 4.17
C MET A 3 -17.61 0.19 2.89
N ILE A 4 -17.34 1.21 2.09
CA ILE A 4 -18.07 1.41 0.84
C ILE A 4 -17.55 0.49 -0.25
N THR A 5 -16.23 0.42 -0.39
CA THR A 5 -15.61 -0.42 -1.40
C THR A 5 -14.09 -0.39 -1.29
N SER A 6 -13.41 -1.12 -2.17
CA SER A 6 -11.95 -1.17 -2.16
C SER A 6 -11.40 -0.99 -3.57
N PHE A 7 -10.49 -0.03 -3.72
CA PHE A 7 -9.89 0.25 -5.02
C PHE A 7 -8.39 -0.07 -5.00
N ALA A 8 -7.82 -0.27 -6.18
CA ALA A 8 -6.40 -0.57 -6.30
C ALA A 8 -5.64 0.58 -6.94
N ASN A 9 -6.24 1.76 -6.93
CA ASN A 9 -5.63 2.95 -7.52
C ASN A 9 -6.01 4.20 -6.73
N PRO A 10 -5.05 5.13 -6.60
CA PRO A 10 -5.26 6.39 -5.88
C PRO A 10 -6.20 7.33 -6.62
N ARG A 11 -5.95 7.52 -7.91
CA ARG A 11 -6.77 8.40 -8.73
C ARG A 11 -8.24 8.05 -8.58
N VAL A 12 -8.57 6.77 -8.74
CA VAL A 12 -9.95 6.30 -8.63
C VAL A 12 -10.52 6.62 -7.25
N ALA A 13 -9.79 6.23 -6.21
CA ALA A 13 -10.24 6.49 -4.84
C ALA A 13 -10.59 7.95 -4.63
N GLN A 14 -9.60 8.82 -4.79
CA GLN A 14 -9.82 10.25 -4.62
C GLN A 14 -10.96 10.75 -5.50
N ALA A 15 -10.98 10.28 -6.75
CA ALA A 15 -12.03 10.66 -7.69
C ALA A 15 -13.41 10.34 -7.14
N PHE A 16 -13.62 9.08 -6.77
CA PHE A 16 -14.90 8.64 -6.24
C PHE A 16 -15.33 9.53 -5.07
N VAL A 17 -14.42 9.78 -4.15
CA VAL A 17 -14.70 10.61 -2.99
C VAL A 17 -14.96 12.05 -3.40
N ASP A 18 -14.37 12.46 -4.52
CA ASP A 18 -14.54 13.82 -5.03
C ASP A 18 -15.96 14.04 -5.52
N TYR A 19 -16.35 13.26 -6.52
CA TYR A 19 -17.69 13.36 -7.09
C TYR A 19 -18.76 13.04 -6.06
N MET A 20 -18.39 12.22 -5.07
CA MET A 20 -19.31 11.83 -4.01
C MET A 20 -19.51 12.97 -3.01
N ALA A 21 -18.42 13.68 -2.71
CA ALA A 21 -18.48 14.79 -1.77
C ALA A 21 -19.27 15.95 -2.34
N THR A 22 -19.05 16.25 -3.62
CA THR A 22 -19.75 17.34 -4.28
C THR A 22 -21.23 17.01 -4.47
N GLN A 23 -21.58 15.75 -4.27
CA GLN A 23 -22.97 15.31 -4.42
C GLN A 23 -23.70 15.35 -3.09
N GLY A 24 -22.96 15.68 -2.02
CA GLY A 24 -23.56 15.75 -0.71
C GLY A 24 -23.24 14.53 0.14
N VAL A 25 -22.28 13.74 -0.30
CA VAL A 25 -21.88 12.53 0.42
C VAL A 25 -20.37 12.51 0.65
N ILE A 26 -19.97 12.63 1.92
CA ILE A 26 -18.55 12.62 2.28
C ILE A 26 -18.02 11.19 2.34
N LEU A 27 -16.86 10.96 1.73
CA LEU A 27 -16.24 9.65 1.72
C LEU A 27 -14.79 9.72 2.20
N THR A 28 -14.23 8.57 2.58
CA THR A 28 -12.85 8.52 3.04
C THR A 28 -12.07 7.44 2.31
N ILE A 29 -10.77 7.65 2.18
CA ILE A 29 -9.91 6.68 1.50
C ILE A 29 -8.74 6.27 2.39
N GLN A 30 -8.33 5.01 2.27
CA GLN A 30 -7.22 4.49 3.05
C GLN A 30 -6.12 3.94 2.15
N GLN A 31 -5.04 4.68 2.02
CA GLN A 31 -3.91 4.26 1.19
C GLN A 31 -3.00 3.31 1.95
N HIS A 32 -3.09 2.02 1.63
CA HIS A 32 -2.26 1.02 2.28
C HIS A 32 -0.78 1.40 2.22
N ASN A 33 0.04 0.67 2.97
CA ASN A 33 1.47 0.93 3.00
C ASN A 33 2.25 -0.33 3.39
N GLN A 34 1.77 -1.47 2.93
CA GLN A 34 2.42 -2.75 3.24
C GLN A 34 3.78 -2.83 2.56
N SER A 35 4.39 -4.00 2.63
CA SER A 35 5.71 -4.22 2.04
C SER A 35 5.96 -5.70 1.79
N ASP A 36 6.00 -6.08 0.51
CA ASP A 36 6.24 -7.46 0.13
C ASP A 36 7.71 -7.71 -0.17
N VAL A 37 8.28 -8.72 0.47
CA VAL A 37 9.68 -9.07 0.28
C VAL A 37 9.84 -10.22 -0.71
N TRP A 38 10.56 -9.98 -1.79
CA TRP A 38 10.79 -10.99 -2.81
C TRP A 38 12.27 -11.14 -3.13
N LEU A 39 12.70 -12.36 -3.40
CA LEU A 39 14.11 -12.63 -3.72
C LEU A 39 14.25 -13.18 -5.13
N ALA A 40 15.40 -12.95 -5.73
CA ALA A 40 15.67 -13.43 -7.08
C ALA A 40 16.55 -14.67 -7.06
N ASP A 41 17.40 -14.76 -6.04
CA ASP A 41 18.31 -15.90 -5.91
C ASP A 41 17.63 -17.04 -5.15
N GLU A 42 16.92 -17.89 -5.90
CA GLU A 42 16.23 -19.03 -5.31
C GLU A 42 17.15 -19.82 -4.40
N SER A 43 18.37 -20.07 -4.86
CA SER A 43 19.36 -20.82 -4.09
C SER A 43 19.56 -20.19 -2.73
N GLN A 44 19.45 -18.86 -2.66
CA GLN A 44 19.63 -18.14 -1.41
C GLN A 44 18.31 -18.03 -0.65
N ALA A 45 17.22 -18.32 -1.35
CA ALA A 45 15.89 -18.25 -0.74
C ALA A 45 15.84 -19.04 0.56
N GLU A 46 16.58 -20.15 0.61
CA GLU A 46 16.62 -20.99 1.79
C GLU A 46 17.30 -20.27 2.96
N ARG A 47 18.48 -19.73 2.69
CA ARG A 47 19.24 -19.02 3.71
C ARG A 47 18.42 -17.87 4.29
N VAL A 48 17.95 -17.00 3.42
CA VAL A 48 17.14 -15.85 3.84
C VAL A 48 15.93 -16.29 4.65
N ARG A 49 15.29 -17.37 4.21
CA ARG A 49 14.12 -17.89 4.89
C ARG A 49 14.44 -18.21 6.35
N ALA A 50 15.50 -18.97 6.56
CA ALA A 50 15.92 -19.35 7.91
C ALA A 50 16.25 -18.12 8.75
N GLU A 51 17.23 -17.35 8.30
CA GLU A 51 17.65 -16.15 9.01
C GLU A 51 16.45 -15.25 9.28
N LEU A 52 15.65 -15.00 8.26
CA LEU A 52 14.47 -14.15 8.40
C LEU A 52 13.60 -14.60 9.57
N ALA A 53 13.26 -15.88 9.58
CA ALA A 53 12.44 -16.45 10.64
C ALA A 53 13.10 -16.26 12.00
N ARG A 54 14.43 -16.35 12.02
CA ARG A 54 15.19 -16.20 13.26
C ARG A 54 15.19 -14.74 13.72
N PHE A 55 15.03 -13.83 12.76
CA PHE A 55 15.02 -12.40 13.07
C PHE A 55 13.62 -11.94 13.46
N LEU A 56 12.62 -12.41 12.71
CA LEU A 56 11.23 -12.04 12.98
C LEU A 56 10.83 -12.45 14.39
N GLU A 57 11.36 -13.57 14.87
CA GLU A 57 11.06 -14.06 16.20
C GLU A 57 11.82 -13.28 17.26
N ASN A 58 12.65 -12.33 16.81
CA ASN A 58 13.43 -11.51 17.72
C ASN A 58 12.98 -10.05 17.67
N PRO A 59 11.82 -9.78 18.29
CA PRO A 59 11.25 -8.44 18.34
C PRO A 59 12.04 -7.49 19.23
N ALA A 60 13.10 -6.93 18.67
CA ALA A 60 13.97 -6.00 19.41
C ALA A 60 14.77 -5.12 18.46
N ASP A 61 15.26 -5.71 17.38
CA ASP A 61 16.05 -4.97 16.40
C ASP A 61 15.16 -4.44 15.29
N LEU A 62 14.60 -5.33 14.49
CA LEU A 62 13.73 -4.94 13.39
C LEU A 62 12.62 -4.01 13.87
N GLU A 63 12.67 -2.76 13.41
CA GLU A 63 11.67 -1.77 13.80
C GLU A 63 11.52 -0.70 12.72
N MET B 1 12.11 -15.48 -9.48
CA MET B 1 11.77 -14.65 -8.33
C MET B 1 10.86 -15.41 -7.37
N LEU B 2 11.31 -15.58 -6.14
CA LEU B 2 10.53 -16.28 -5.13
C LEU B 2 10.25 -15.37 -3.93
N MET B 3 8.96 -15.19 -3.62
CA MET B 3 8.55 -14.35 -2.50
C MET B 3 9.17 -14.85 -1.20
N ILE B 4 9.95 -13.98 -0.56
CA ILE B 4 10.60 -14.34 0.71
C ILE B 4 9.62 -14.24 1.87
N THR B 5 8.88 -13.13 1.92
CA THR B 5 7.91 -12.92 2.99
C THR B 5 7.13 -11.64 2.77
N SER B 6 6.21 -11.34 3.69
CA SER B 6 5.39 -10.14 3.59
C SER B 6 5.37 -9.40 4.92
N PHE B 7 5.71 -8.11 4.89
CA PHE B 7 5.72 -7.28 6.09
C PHE B 7 4.68 -6.18 6.00
N ALA B 8 4.36 -5.58 7.15
CA ALA B 8 3.37 -4.51 7.20
C ALA B 8 3.99 -3.22 7.73
N ASN B 9 5.29 -3.06 7.48
CA ASN B 9 6.00 -1.86 7.93
C ASN B 9 7.21 -1.58 7.03
N PRO B 10 7.45 -0.29 6.76
CA PRO B 10 8.58 0.13 5.91
C PRO B 10 9.92 -0.07 6.60
N ARG B 11 10.02 0.37 7.85
CA ARG B 11 11.25 0.24 8.61
C ARG B 11 11.73 -1.21 8.64
N VAL B 12 10.80 -2.12 8.94
CA VAL B 12 11.12 -3.55 8.99
C VAL B 12 11.53 -4.07 7.62
N ALA B 13 10.70 -3.78 6.62
CA ALA B 13 10.97 -4.22 5.26
C ALA B 13 12.36 -3.81 4.80
N GLN B 14 12.60 -2.50 4.74
CA GLN B 14 13.89 -1.97 4.33
C GLN B 14 15.02 -2.56 5.17
N ALA B 15 14.81 -2.57 6.49
CA ALA B 15 15.80 -3.12 7.41
C ALA B 15 16.19 -4.53 7.03
N PHE B 16 15.19 -5.40 6.90
CA PHE B 16 15.43 -6.79 6.54
C PHE B 16 16.30 -6.89 5.29
N VAL B 17 15.91 -6.18 4.24
CA VAL B 17 16.66 -6.20 2.99
C VAL B 17 18.07 -5.63 3.18
N ASP B 18 18.21 -4.74 4.15
CA ASP B 18 19.50 -4.11 4.44
C ASP B 18 20.46 -5.14 5.03
N TYR B 19 20.07 -5.72 6.17
CA TYR B 19 20.91 -6.71 6.84
C TYR B 19 21.15 -7.92 5.95
N MET B 20 20.20 -8.18 5.05
CA MET B 20 20.31 -9.31 4.13
C MET B 20 21.31 -9.01 3.02
N ALA B 21 21.31 -7.77 2.54
CA ALA B 21 22.22 -7.36 1.49
C ALA B 21 23.66 -7.35 1.97
N THR B 22 23.87 -6.86 3.19
CA THR B 22 25.20 -6.80 3.77
C THR B 22 25.73 -8.19 4.09
N GLN B 23 24.84 -9.18 4.05
CA GLN B 23 25.21 -10.56 4.34
C GLN B 23 25.54 -11.31 3.06
N GLY B 24 25.35 -10.65 1.92
CA GLY B 24 25.64 -11.27 0.65
C GLY B 24 24.38 -11.73 -0.07
N VAL B 25 23.23 -11.28 0.42
CA VAL B 25 21.96 -11.65 -0.18
C VAL B 25 21.11 -10.42 -0.48
N ILE B 26 20.90 -10.15 -1.77
CA ILE B 26 20.11 -9.01 -2.19
C ILE B 26 18.62 -9.33 -2.15
N LEU B 27 17.84 -8.41 -1.58
CA LEU B 27 16.39 -8.59 -1.48
C LEU B 27 15.66 -7.39 -2.06
N THR B 28 14.36 -7.58 -2.33
CA THR B 28 13.54 -6.50 -2.88
C THR B 28 12.27 -6.31 -2.08
N ILE B 29 11.77 -5.09 -2.04
CA ILE B 29 10.55 -4.77 -1.30
C ILE B 29 9.53 -4.10 -2.20
N GLN B 30 8.25 -4.39 -1.95
CA GLN B 30 7.17 -3.81 -2.74
C GLN B 30 6.16 -3.09 -1.84
N GLN B 31 6.22 -1.76 -1.84
CA GLN B 31 5.31 -0.96 -1.03
C GLN B 31 3.96 -0.81 -1.71
N HIS B 32 2.97 -1.53 -1.22
CA HIS B 32 1.62 -1.47 -1.78
C HIS B 32 1.14 -0.03 -1.88
N ASN B 33 0.03 0.17 -2.60
CA ASN B 33 -0.53 1.50 -2.78
C ASN B 33 -2.02 1.43 -3.06
N GLN B 34 -2.71 0.51 -2.38
CA GLN B 34 -4.15 0.34 -2.56
C GLN B 34 -4.91 1.55 -2.03
N SER B 35 -6.24 1.44 -2.02
CA SER B 35 -7.08 2.53 -1.53
C SER B 35 -8.45 2.00 -1.11
N ASP B 36 -8.66 1.92 0.20
CA ASP B 36 -9.93 1.43 0.74
C ASP B 36 -10.90 2.59 0.97
N VAL B 37 -12.11 2.44 0.43
CA VAL B 37 -13.13 3.47 0.57
C VAL B 37 -14.10 3.13 1.70
N TRP B 38 -14.20 4.03 2.68
CA TRP B 38 -15.10 3.83 3.81
C TRP B 38 -15.98 5.04 4.04
N LEU B 39 -17.22 4.80 4.45
CA LEU B 39 -18.17 5.87 4.70
C LEU B 39 -18.60 5.89 6.16
N ALA B 40 -18.99 7.07 6.64
CA ALA B 40 -19.44 7.23 8.02
C ALA B 40 -20.95 7.34 8.11
N ASP B 41 -21.56 7.84 7.05
CA ASP B 41 -23.01 8.01 6.99
C ASP B 41 -23.68 6.75 6.45
N GLU B 42 -24.00 5.82 7.34
CA GLU B 42 -24.64 4.58 6.95
C GLU B 42 -25.84 4.84 6.04
N SER B 43 -26.64 5.84 6.40
CA SER B 43 -27.82 6.19 5.64
C SER B 43 -27.46 6.46 4.17
N GLN B 44 -26.27 7.04 3.97
CA GLN B 44 -25.81 7.34 2.63
C GLN B 44 -25.07 6.16 2.01
N ALA B 45 -24.73 5.18 2.85
CA ALA B 45 -24.02 4.00 2.40
C ALA B 45 -24.76 3.32 1.24
N GLU B 46 -26.08 3.50 1.21
CA GLU B 46 -26.90 2.90 0.17
C GLU B 46 -26.81 3.72 -1.12
N ARG B 47 -27.01 5.02 -1.02
CA ARG B 47 -26.95 5.90 -2.18
C ARG B 47 -25.57 5.84 -2.83
N VAL B 48 -24.54 5.70 -2.00
CA VAL B 48 -23.17 5.63 -2.49
C VAL B 48 -22.89 4.29 -3.17
N ARG B 49 -23.40 3.22 -2.56
CA ARG B 49 -23.20 1.88 -3.08
C ARG B 49 -23.78 1.76 -4.50
N ALA B 50 -24.96 2.32 -4.69
CA ALA B 50 -25.62 2.29 -5.99
C ALA B 50 -24.86 3.12 -7.02
N GLU B 51 -24.66 4.40 -6.70
CA GLU B 51 -23.95 5.29 -7.60
C GLU B 51 -22.54 4.77 -7.90
N LEU B 52 -21.88 4.25 -6.88
CA LEU B 52 -20.53 3.71 -7.03
C LEU B 52 -20.51 2.58 -8.05
N ALA B 53 -21.39 1.59 -7.85
CA ALA B 53 -21.47 0.45 -8.76
C ALA B 53 -21.82 0.90 -10.17
N ARG B 54 -22.61 1.97 -10.27
CA ARG B 54 -23.03 2.49 -11.57
C ARG B 54 -21.88 3.26 -12.23
N PHE B 55 -20.96 3.77 -11.41
CA PHE B 55 -19.83 4.51 -11.93
C PHE B 55 -18.67 3.58 -12.28
N LEU B 56 -18.45 2.58 -11.43
CA LEU B 56 -17.38 1.62 -11.65
C LEU B 56 -17.54 0.93 -13.00
N GLU B 57 -18.78 0.66 -13.38
CA GLU B 57 -19.08 0.00 -14.64
C GLU B 57 -18.94 0.97 -15.81
N ASN B 58 -18.64 2.23 -15.49
CA ASN B 58 -18.47 3.25 -16.51
C ASN B 58 -17.02 3.73 -16.58
N PRO B 59 -16.15 2.88 -17.16
CA PRO B 59 -14.73 3.19 -17.31
C PRO B 59 -14.47 4.30 -18.32
N ALA B 60 -14.58 5.54 -17.87
CA ALA B 60 -14.35 6.69 -18.73
C ALA B 60 -13.84 7.89 -17.95
N ASP B 61 -14.41 8.10 -16.76
CA ASP B 61 -14.00 9.21 -15.91
C ASP B 61 -13.02 8.74 -14.83
N LEU B 62 -13.47 7.80 -14.00
CA LEU B 62 -12.64 7.27 -12.93
C LEU B 62 -11.29 6.79 -13.48
N GLU B 63 -10.25 7.59 -13.28
CA GLU B 63 -8.93 7.23 -13.74
C GLU B 63 -7.85 7.87 -12.86
N MET A 1 -19.01 3.86 11.01
CA MET A 1 -18.28 3.82 9.76
C MET A 1 -18.53 2.49 9.03
N LEU A 2 -19.03 2.58 7.80
CA LEU A 2 -19.31 1.39 7.01
C LEU A 2 -18.51 1.39 5.71
N MET A 3 -17.72 0.34 5.51
CA MET A 3 -16.90 0.23 4.30
C MET A 3 -17.77 0.28 3.05
N ILE A 4 -17.42 1.19 2.14
CA ILE A 4 -18.17 1.34 0.89
C ILE A 4 -17.65 0.40 -0.19
N THR A 5 -16.32 0.35 -0.33
CA THR A 5 -15.69 -0.51 -1.31
C THR A 5 -14.17 -0.47 -1.20
N SER A 6 -13.50 -1.17 -2.09
CA SER A 6 -12.04 -1.22 -2.09
C SER A 6 -11.48 -1.05 -3.50
N PHE A 7 -10.50 -0.17 -3.65
CA PHE A 7 -9.88 0.09 -4.95
C PHE A 7 -8.38 -0.18 -4.90
N ALA A 8 -7.75 -0.16 -6.07
CA ALA A 8 -6.31 -0.40 -6.16
C ALA A 8 -5.61 0.74 -6.90
N ASN A 9 -5.97 1.97 -6.55
CA ASN A 9 -5.38 3.15 -7.18
C ASN A 9 -5.89 4.43 -6.53
N PRO A 10 -4.99 5.41 -6.39
CA PRO A 10 -5.32 6.70 -5.77
C PRO A 10 -6.25 7.54 -6.66
N ARG A 11 -5.93 7.61 -7.94
CA ARG A 11 -6.72 8.39 -8.89
C ARG A 11 -8.20 8.01 -8.78
N VAL A 12 -8.49 6.72 -8.87
CA VAL A 12 -9.86 6.23 -8.78
C VAL A 12 -10.47 6.57 -7.43
N ALA A 13 -9.79 6.18 -6.36
CA ALA A 13 -10.27 6.45 -5.01
C ALA A 13 -10.68 7.91 -4.85
N GLN A 14 -9.71 8.81 -5.01
CA GLN A 14 -9.96 10.24 -4.89
C GLN A 14 -11.14 10.66 -5.76
N ALA A 15 -11.13 10.23 -7.02
CA ALA A 15 -12.19 10.57 -7.96
C ALA A 15 -13.56 10.24 -7.37
N PHE A 16 -13.77 8.97 -7.03
CA PHE A 16 -15.03 8.53 -6.46
C PHE A 16 -15.45 9.42 -5.30
N VAL A 17 -14.55 9.58 -4.33
CA VAL A 17 -14.83 10.42 -3.16
C VAL A 17 -15.08 11.86 -3.57
N ASP A 18 -14.56 12.24 -4.73
CA ASP A 18 -14.73 13.60 -5.24
C ASP A 18 -16.18 13.85 -5.64
N TYR A 19 -16.68 13.06 -6.59
CA TYR A 19 -18.06 13.20 -7.05
C TYR A 19 -19.05 12.91 -5.93
N MET A 20 -18.61 12.13 -4.94
CA MET A 20 -19.46 11.78 -3.81
C MET A 20 -19.57 12.94 -2.83
N ALA A 21 -18.45 13.61 -2.59
CA ALA A 21 -18.42 14.75 -1.68
C ALA A 21 -19.22 15.92 -2.24
N THR A 22 -19.04 16.19 -3.52
CA THR A 22 -19.73 17.29 -4.18
C THR A 22 -21.22 17.02 -4.27
N GLN A 23 -21.62 15.78 -4.00
CA GLN A 23 -23.02 15.40 -4.05
C GLN A 23 -23.65 15.48 -2.66
N GLY A 24 -22.85 15.82 -1.66
CA GLY A 24 -23.34 15.93 -0.31
C GLY A 24 -22.98 14.73 0.54
N VAL A 25 -22.25 13.79 -0.05
CA VAL A 25 -21.83 12.59 0.66
C VAL A 25 -20.32 12.57 0.86
N ILE A 26 -19.89 12.69 2.11
CA ILE A 26 -18.46 12.67 2.43
C ILE A 26 -17.92 11.25 2.50
N LEU A 27 -16.88 10.99 1.73
CA LEU A 27 -16.26 9.66 1.71
C LEU A 27 -14.80 9.73 2.14
N THR A 28 -14.25 8.58 2.50
CA THR A 28 -12.85 8.50 2.93
C THR A 28 -12.11 7.40 2.21
N ILE A 29 -10.81 7.58 2.02
CA ILE A 29 -9.98 6.59 1.35
C ILE A 29 -8.78 6.20 2.20
N GLN A 30 -8.38 4.93 2.11
CA GLN A 30 -7.25 4.43 2.87
C GLN A 30 -6.19 3.84 1.95
N GLN A 31 -5.10 4.57 1.76
CA GLN A 31 -4.01 4.12 0.90
C GLN A 31 -3.07 3.18 1.66
N HIS A 32 -3.20 1.88 1.38
CA HIS A 32 -2.36 0.88 2.04
C HIS A 32 -0.89 1.25 1.93
N ASN A 33 -0.08 0.72 2.84
CA ASN A 33 1.36 1.00 2.86
C ASN A 33 2.12 -0.16 3.47
N GLN A 34 3.05 -0.73 2.71
CA GLN A 34 3.87 -1.85 3.18
C GLN A 34 5.16 -1.95 2.38
N SER A 35 5.96 -2.97 2.71
CA SER A 35 7.23 -3.18 2.03
C SER A 35 7.72 -4.62 2.21
N ASP A 36 7.35 -5.47 1.26
CA ASP A 36 7.74 -6.88 1.31
C ASP A 36 9.17 -7.06 0.82
N VAL A 37 9.99 -7.75 1.60
CA VAL A 37 11.37 -7.99 1.24
C VAL A 37 11.56 -9.39 0.66
N TRP A 38 12.08 -9.45 -0.56
CA TRP A 38 12.31 -10.73 -1.22
C TRP A 38 13.73 -10.82 -1.77
N LEU A 39 14.29 -12.02 -1.75
CA LEU A 39 15.64 -12.24 -2.25
C LEU A 39 15.65 -13.21 -3.43
N ALA A 40 16.65 -13.08 -4.30
CA ALA A 40 16.76 -13.95 -5.47
C ALA A 40 17.78 -15.05 -5.22
N ASP A 41 18.80 -14.74 -4.43
CA ASP A 41 19.85 -15.71 -4.12
C ASP A 41 19.48 -16.53 -2.88
N GLU A 42 18.78 -17.64 -3.09
CA GLU A 42 18.37 -18.50 -2.00
C GLU A 42 19.55 -18.81 -1.08
N SER A 43 20.71 -19.01 -1.66
CA SER A 43 21.92 -19.32 -0.90
C SER A 43 22.19 -18.22 0.14
N GLN A 44 21.91 -16.98 -0.23
CA GLN A 44 22.12 -15.85 0.65
C GLN A 44 20.93 -15.65 1.58
N ALA A 45 19.82 -16.28 1.24
CA ALA A 45 18.60 -16.17 2.04
C ALA A 45 18.88 -16.43 3.51
N GLU A 46 19.74 -17.41 3.79
CA GLU A 46 20.10 -17.76 5.15
C GLU A 46 20.80 -16.59 5.84
N ARG A 47 21.84 -16.07 5.20
CA ARG A 47 22.59 -14.96 5.76
C ARG A 47 21.69 -13.76 6.01
N VAL A 48 21.06 -13.26 4.94
CA VAL A 48 20.16 -12.12 5.05
C VAL A 48 19.13 -12.32 6.16
N ARG A 49 18.67 -13.56 6.30
CA ARG A 49 17.68 -13.89 7.32
C ARG A 49 18.23 -13.62 8.72
N ALA A 50 19.38 -14.20 9.02
CA ALA A 50 20.02 -14.02 10.32
C ALA A 50 20.31 -12.54 10.59
N GLU A 51 21.03 -11.91 9.67
CA GLU A 51 21.37 -10.50 9.81
C GLU A 51 20.12 -9.64 9.99
N LEU A 52 19.14 -9.87 9.13
CA LEU A 52 17.88 -9.12 9.19
C LEU A 52 17.29 -9.17 10.58
N ALA A 53 17.18 -10.38 11.14
CA ALA A 53 16.62 -10.56 12.47
C ALA A 53 17.44 -9.79 13.51
N ARG A 54 18.76 -9.86 13.38
CA ARG A 54 19.64 -9.16 14.31
C ARG A 54 19.59 -7.65 14.10
N PHE A 55 19.13 -7.25 12.92
CA PHE A 55 19.03 -5.83 12.59
C PHE A 55 17.68 -5.26 13.03
N LEU A 56 16.64 -6.06 12.89
CA LEU A 56 15.29 -5.64 13.27
C LEU A 56 15.26 -5.23 14.74
N GLU A 57 16.02 -5.93 15.57
CA GLU A 57 16.07 -5.63 17.00
C GLU A 57 16.93 -4.40 17.27
N ASN A 58 17.50 -3.83 16.20
CA ASN A 58 18.34 -2.65 16.33
C ASN A 58 17.67 -1.43 15.70
N PRO A 59 16.69 -0.87 16.41
CA PRO A 59 15.95 0.31 15.93
C PRO A 59 16.80 1.57 15.94
N ALA A 60 17.63 1.72 14.91
CA ALA A 60 18.51 2.88 14.80
C ALA A 60 18.53 3.41 13.37
N ASP A 61 19.09 2.61 12.46
CA ASP A 61 19.18 3.00 11.05
C ASP A 61 17.86 2.73 10.33
N LEU A 62 17.34 1.52 10.50
CA LEU A 62 16.08 1.12 9.87
C LEU A 62 15.00 2.19 10.10
N GLU A 63 15.06 2.84 11.25
CA GLU A 63 14.10 3.88 11.58
C GLU A 63 14.63 5.26 11.23
N MET B 1 13.17 -16.97 -6.44
CA MET B 1 12.94 -15.85 -5.53
C MET B 1 12.32 -16.34 -4.23
N LEU B 2 12.99 -16.08 -3.12
CA LEU B 2 12.50 -16.48 -1.81
C LEU B 2 12.29 -15.28 -0.90
N MET B 3 11.07 -15.14 -0.38
CA MET B 3 10.74 -14.03 0.50
C MET B 3 11.66 -14.00 1.72
N ILE B 4 12.25 -12.84 1.98
CA ILE B 4 13.17 -12.68 3.11
C ILE B 4 12.41 -12.24 4.36
N THR B 5 11.50 -11.28 4.20
CA THR B 5 10.72 -10.78 5.32
C THR B 5 9.68 -9.75 4.84
N SER B 6 8.93 -9.20 5.79
CA SER B 6 7.91 -8.21 5.47
C SER B 6 8.01 -7.00 6.39
N PHE B 7 7.95 -5.82 5.81
CA PHE B 7 8.03 -4.59 6.59
C PHE B 7 6.88 -3.65 6.26
N ALA B 8 6.70 -2.62 7.08
CA ALA B 8 5.62 -1.65 6.87
C ALA B 8 6.15 -0.23 6.92
N ASN B 9 7.20 0.05 6.14
CA ASN B 9 7.81 1.37 6.10
C ASN B 9 8.90 1.43 5.03
N PRO B 10 8.96 2.58 4.33
CA PRO B 10 9.96 2.80 3.28
C PRO B 10 11.38 2.93 3.83
N ARG B 11 11.53 3.77 4.85
CA ARG B 11 12.83 3.99 5.47
C ARG B 11 13.49 2.66 5.83
N VAL B 12 12.73 1.79 6.50
CA VAL B 12 13.24 0.49 6.91
C VAL B 12 13.54 -0.39 5.69
N ALA B 13 12.54 -0.56 4.83
CA ALA B 13 12.70 -1.37 3.63
C ALA B 13 13.94 -0.96 2.84
N GLN B 14 13.95 0.28 2.38
CA GLN B 14 15.08 0.79 1.62
C GLN B 14 16.39 0.61 2.38
N ALA B 15 16.42 1.05 3.63
CA ALA B 15 17.60 0.93 4.47
C ALA B 15 18.14 -0.50 4.44
N PHE B 16 17.25 -1.46 4.68
CA PHE B 16 17.64 -2.87 4.69
C PHE B 16 18.29 -3.26 3.36
N VAL B 17 17.61 -2.94 2.26
CA VAL B 17 18.13 -3.26 0.94
C VAL B 17 19.46 -2.57 0.68
N ASP B 18 19.65 -1.41 1.30
CA ASP B 18 20.88 -0.65 1.13
C ASP B 18 22.05 -1.36 1.81
N TYR B 19 21.94 -1.57 3.11
CA TYR B 19 22.99 -2.24 3.86
C TYR B 19 23.22 -3.66 3.35
N MET B 20 22.16 -4.27 2.83
CA MET B 20 22.23 -5.62 2.30
C MET B 20 23.00 -5.65 0.99
N ALA B 21 22.71 -4.70 0.11
CA ALA B 21 23.38 -4.60 -1.18
C ALA B 21 24.86 -4.33 -1.02
N THR B 22 25.19 -3.35 -0.17
CA THR B 22 26.57 -2.98 0.08
C THR B 22 27.34 -4.14 0.70
N GLN B 23 26.61 -5.12 1.23
CA GLN B 23 27.23 -6.28 1.85
C GLN B 23 27.47 -7.39 0.84
N GLY B 24 27.04 -7.16 -0.39
CA GLY B 24 27.21 -8.15 -1.44
C GLY B 24 25.94 -8.94 -1.72
N VAL B 25 24.90 -8.66 -0.94
CA VAL B 25 23.62 -9.34 -1.10
C VAL B 25 22.55 -8.39 -1.64
N ILE B 26 22.08 -8.66 -2.86
CA ILE B 26 21.06 -7.84 -3.49
C ILE B 26 19.67 -8.21 -2.99
N LEU B 27 18.95 -7.23 -2.47
CA LEU B 27 17.60 -7.45 -1.96
C LEU B 27 16.58 -6.62 -2.73
N THR B 28 15.31 -7.00 -2.63
CA THR B 28 14.24 -6.29 -3.32
C THR B 28 13.11 -5.95 -2.36
N ILE B 29 12.41 -4.86 -2.64
CA ILE B 29 11.29 -4.42 -1.80
C ILE B 29 10.03 -4.25 -2.63
N GLN B 30 8.89 -4.59 -2.03
CA GLN B 30 7.60 -4.46 -2.71
C GLN B 30 6.67 -3.53 -1.94
N GLN B 31 6.49 -2.32 -2.46
CA GLN B 31 5.62 -1.34 -1.81
C GLN B 31 4.17 -1.55 -2.22
N HIS B 32 3.39 -2.19 -1.35
CA HIS B 32 1.99 -2.45 -1.64
C HIS B 32 1.27 -1.17 -2.04
N ASN B 33 0.09 -1.32 -2.65
CA ASN B 33 -0.69 -0.18 -3.10
C ASN B 33 -2.17 -0.53 -3.16
N GLN B 34 -3.00 0.34 -2.59
CA GLN B 34 -4.45 0.13 -2.57
C GLN B 34 -5.18 1.39 -2.13
N SER B 35 -6.50 1.30 -2.04
CA SER B 35 -7.33 2.43 -1.64
C SER B 35 -8.69 1.97 -1.15
N ASP B 36 -8.80 1.76 0.16
CA ASP B 36 -10.06 1.31 0.76
C ASP B 36 -11.01 2.49 0.96
N VAL B 37 -12.23 2.35 0.45
CA VAL B 37 -13.23 3.40 0.57
C VAL B 37 -14.20 3.09 1.70
N TRP B 38 -14.32 4.04 2.64
CA TRP B 38 -15.22 3.86 3.77
C TRP B 38 -16.10 5.09 3.96
N LEU B 39 -17.34 4.88 4.41
CA LEU B 39 -18.27 5.97 4.63
C LEU B 39 -18.66 6.07 6.11
N ALA B 40 -19.04 7.26 6.54
CA ALA B 40 -19.45 7.48 7.93
C ALA B 40 -20.96 7.57 8.04
N ASP B 41 -21.60 8.03 6.98
CA ASP B 41 -23.06 8.16 6.97
C ASP B 41 -23.72 6.90 6.45
N GLU B 42 -24.00 5.97 7.36
CA GLU B 42 -24.64 4.71 6.99
C GLU B 42 -25.85 4.95 6.10
N SER B 43 -26.62 5.98 6.42
CA SER B 43 -27.81 6.32 5.65
C SER B 43 -27.47 6.54 4.19
N GLN B 44 -26.31 7.12 3.94
CA GLN B 44 -25.86 7.40 2.57
C GLN B 44 -25.15 6.19 1.98
N ALA B 45 -24.79 5.24 2.85
CA ALA B 45 -24.11 4.03 2.41
C ALA B 45 -24.82 3.40 1.22
N GLU B 46 -26.15 3.39 1.27
CA GLU B 46 -26.95 2.81 0.18
C GLU B 46 -26.76 3.60 -1.10
N ARG B 47 -26.86 4.92 -1.01
CA ARG B 47 -26.71 5.78 -2.17
C ARG B 47 -25.32 5.63 -2.80
N VAL B 48 -24.29 5.85 -1.99
CA VAL B 48 -22.91 5.73 -2.45
C VAL B 48 -22.66 4.36 -3.09
N ARG B 49 -23.28 3.34 -2.51
CA ARG B 49 -23.12 1.97 -3.02
C ARG B 49 -23.65 1.87 -4.45
N ALA B 50 -24.90 2.26 -4.65
CA ALA B 50 -25.52 2.20 -5.97
C ALA B 50 -24.73 3.02 -6.98
N GLU B 51 -24.52 4.29 -6.66
CA GLU B 51 -23.78 5.19 -7.55
C GLU B 51 -22.40 4.62 -7.86
N LEU B 52 -21.69 4.20 -6.81
CA LEU B 52 -20.35 3.63 -6.97
C LEU B 52 -20.36 2.52 -8.02
N ALA B 53 -21.29 1.59 -7.90
CA ALA B 53 -21.40 0.48 -8.84
C ALA B 53 -21.63 0.99 -10.25
N ARG B 54 -22.53 1.96 -10.40
CA ARG B 54 -22.84 2.52 -11.71
C ARG B 54 -21.65 3.29 -12.26
N PHE B 55 -20.76 3.72 -11.37
CA PHE B 55 -19.57 4.48 -11.77
C PHE B 55 -18.42 3.54 -12.11
N LEU B 56 -18.34 2.42 -11.38
CA LEU B 56 -17.29 1.44 -11.60
C LEU B 56 -17.30 0.93 -13.04
N GLU B 57 -18.50 0.80 -13.60
CA GLU B 57 -18.65 0.33 -14.97
C GLU B 57 -18.37 1.45 -15.96
N ASN B 58 -18.04 2.63 -15.44
CA ASN B 58 -17.75 3.78 -16.29
C ASN B 58 -16.28 4.17 -16.19
N PRO B 59 -15.42 3.38 -16.84
CA PRO B 59 -13.97 3.62 -16.85
C PRO B 59 -13.59 4.86 -17.63
N ALA B 60 -13.78 6.03 -17.02
CA ALA B 60 -13.45 7.29 -17.67
C ALA B 60 -12.76 8.25 -16.71
N ASP B 61 -13.48 8.67 -15.68
CA ASP B 61 -12.93 9.58 -14.68
C ASP B 61 -12.09 8.82 -13.67
N LEU B 62 -12.63 7.72 -13.15
CA LEU B 62 -11.92 6.91 -12.17
C LEU B 62 -10.50 6.61 -12.64
N GLU B 63 -10.38 6.16 -13.87
CA GLU B 63 -9.07 5.84 -14.44
C GLU B 63 -8.26 7.10 -14.71
N MET A 1 -18.89 3.99 11.11
CA MET A 1 -18.18 3.93 9.85
C MET A 1 -18.40 2.59 9.15
N LEU A 2 -18.93 2.64 7.94
CA LEU A 2 -19.20 1.44 7.16
C LEU A 2 -18.42 1.44 5.85
N MET A 3 -17.60 0.41 5.65
CA MET A 3 -16.81 0.29 4.43
C MET A 3 -17.69 0.31 3.19
N ILE A 4 -17.41 1.22 2.28
CA ILE A 4 -18.18 1.34 1.05
C ILE A 4 -17.67 0.37 -0.02
N THR A 5 -16.35 0.35 -0.21
CA THR A 5 -15.74 -0.53 -1.20
C THR A 5 -14.22 -0.48 -1.11
N SER A 6 -13.56 -1.27 -1.96
CA SER A 6 -12.10 -1.31 -1.97
C SER A 6 -11.57 -1.16 -3.39
N PHE A 7 -10.64 -0.21 -3.57
CA PHE A 7 -10.06 0.03 -4.88
C PHE A 7 -8.55 -0.22 -4.86
N ALA A 8 -7.93 -0.14 -6.04
CA ALA A 8 -6.49 -0.36 -6.16
C ALA A 8 -5.83 0.75 -6.96
N ASN A 9 -6.15 2.00 -6.62
CA ASN A 9 -5.58 3.14 -7.31
C ASN A 9 -6.03 4.44 -6.66
N PRO A 10 -5.12 5.42 -6.57
CA PRO A 10 -5.40 6.73 -5.97
C PRO A 10 -6.33 7.57 -6.83
N ARG A 11 -6.13 7.52 -8.15
CA ARG A 11 -6.96 8.27 -9.07
C ARG A 11 -8.43 7.92 -8.90
N VAL A 12 -8.73 6.63 -8.89
CA VAL A 12 -10.10 6.16 -8.73
C VAL A 12 -10.64 6.51 -7.35
N ALA A 13 -9.90 6.13 -6.32
CA ALA A 13 -10.31 6.40 -4.94
C ALA A 13 -10.69 7.86 -4.77
N GLN A 14 -9.73 8.76 -4.98
CA GLN A 14 -9.97 10.19 -4.84
C GLN A 14 -11.13 10.63 -5.72
N ALA A 15 -11.10 10.22 -6.99
CA ALA A 15 -12.15 10.57 -7.92
C ALA A 15 -13.53 10.24 -7.36
N PHE A 16 -13.74 8.97 -7.04
CA PHE A 16 -15.01 8.52 -6.49
C PHE A 16 -15.44 9.40 -5.32
N VAL A 17 -14.54 9.59 -4.37
CA VAL A 17 -14.82 10.41 -3.20
C VAL A 17 -15.06 11.87 -3.59
N ASP A 18 -14.55 12.25 -4.75
CA ASP A 18 -14.71 13.61 -5.25
C ASP A 18 -16.16 13.87 -5.66
N TYR A 19 -16.64 13.10 -6.62
CA TYR A 19 -18.00 13.25 -7.11
C TYR A 19 -19.01 12.99 -6.00
N MET A 20 -18.66 12.10 -5.08
CA MET A 20 -19.52 11.77 -3.96
C MET A 20 -19.58 12.91 -2.95
N ALA A 21 -18.43 13.52 -2.70
CA ALA A 21 -18.35 14.63 -1.75
C ALA A 21 -19.14 15.83 -2.24
N THR A 22 -19.03 16.12 -3.53
CA THR A 22 -19.74 17.24 -4.13
C THR A 22 -21.23 16.96 -4.24
N GLN A 23 -21.61 15.71 -4.03
CA GLN A 23 -23.01 15.31 -4.11
C GLN A 23 -23.67 15.39 -2.73
N GLY A 24 -22.89 15.78 -1.72
CA GLY A 24 -23.41 15.89 -0.37
C GLY A 24 -23.02 14.71 0.50
N VAL A 25 -22.34 13.73 -0.09
CA VAL A 25 -21.91 12.55 0.63
C VAL A 25 -20.40 12.51 0.78
N ILE A 26 -19.94 12.67 2.02
CA ILE A 26 -18.50 12.66 2.30
C ILE A 26 -17.97 11.23 2.38
N LEU A 27 -16.86 10.99 1.70
CA LEU A 27 -16.23 9.66 1.71
C LEU A 27 -14.77 9.74 2.14
N THR A 28 -14.21 8.59 2.51
CA THR A 28 -12.82 8.54 2.95
C THR A 28 -12.07 7.42 2.24
N ILE A 29 -10.77 7.61 2.07
CA ILE A 29 -9.93 6.62 1.41
C ILE A 29 -8.74 6.21 2.28
N GLN A 30 -8.38 4.94 2.22
CA GLN A 30 -7.26 4.43 3.00
C GLN A 30 -6.18 3.84 2.10
N GLN A 31 -5.09 4.57 1.92
CA GLN A 31 -3.99 4.13 1.08
C GLN A 31 -3.05 3.22 1.86
N HIS A 32 -2.95 1.97 1.43
CA HIS A 32 -2.09 1.00 2.09
C HIS A 32 -0.62 1.35 1.87
N ASN A 33 0.27 0.51 2.40
CA ASN A 33 1.71 0.73 2.28
C ASN A 33 2.50 -0.45 2.82
N GLN A 34 3.48 -0.90 2.05
CA GLN A 34 4.31 -2.03 2.46
C GLN A 34 5.58 -2.10 1.63
N SER A 35 6.42 -3.10 1.91
CA SER A 35 7.67 -3.27 1.18
C SER A 35 8.23 -4.67 1.39
N ASP A 36 8.02 -5.54 0.41
CA ASP A 36 8.50 -6.91 0.49
C ASP A 36 9.93 -7.02 -0.05
N VAL A 37 10.82 -7.61 0.74
CA VAL A 37 12.20 -7.78 0.34
C VAL A 37 12.46 -9.19 -0.18
N TRP A 38 12.91 -9.27 -1.43
CA TRP A 38 13.19 -10.57 -2.05
C TRP A 38 14.59 -10.58 -2.65
N LEU A 39 15.26 -11.73 -2.54
CA LEU A 39 16.61 -11.87 -3.08
C LEU A 39 16.64 -12.89 -4.21
N ALA A 40 17.60 -12.73 -5.13
CA ALA A 40 17.74 -13.63 -6.26
C ALA A 40 18.86 -14.64 -6.02
N ASP A 41 19.86 -14.24 -5.24
CA ASP A 41 20.99 -15.10 -4.93
C ASP A 41 20.70 -15.95 -3.69
N GLU A 42 20.07 -17.09 -3.89
CA GLU A 42 19.74 -17.99 -2.78
C GLU A 42 20.96 -18.23 -1.90
N SER A 43 22.11 -18.46 -2.52
CA SER A 43 23.35 -18.71 -1.80
C SER A 43 23.64 -17.57 -0.82
N GLN A 44 23.28 -16.36 -1.21
CA GLN A 44 23.50 -15.19 -0.36
C GLN A 44 22.34 -14.97 0.59
N ALA A 45 21.23 -15.66 0.32
CA ALA A 45 20.04 -15.55 1.16
C ALA A 45 20.38 -15.76 2.63
N GLU A 46 21.31 -16.68 2.89
CA GLU A 46 21.73 -16.97 4.25
C GLU A 46 22.45 -15.78 4.88
N ARG A 47 23.42 -15.23 4.15
CA ARG A 47 24.18 -14.09 4.64
C ARG A 47 23.26 -12.91 4.96
N VAL A 48 22.43 -12.54 3.99
CA VAL A 48 21.50 -11.43 4.16
C VAL A 48 20.55 -11.69 5.32
N ARG A 49 20.12 -12.94 5.46
CA ARG A 49 19.21 -13.32 6.54
C ARG A 49 19.82 -13.02 7.90
N ALA A 50 21.06 -13.43 8.10
CA ALA A 50 21.75 -13.20 9.36
C ALA A 50 21.92 -11.71 9.63
N GLU A 51 22.57 -11.02 8.70
CA GLU A 51 22.79 -9.58 8.84
C GLU A 51 21.47 -8.84 9.06
N LEU A 52 20.49 -9.14 8.23
CA LEU A 52 19.18 -8.52 8.33
C LEU A 52 18.62 -8.64 9.75
N ALA A 53 18.58 -9.87 10.26
CA ALA A 53 18.07 -10.12 11.61
C ALA A 53 18.84 -9.30 12.63
N ARG A 54 20.15 -9.18 12.44
CA ARG A 54 21.00 -8.43 13.35
C ARG A 54 20.76 -6.93 13.21
N PHE A 55 20.27 -6.52 12.05
CA PHE A 55 19.98 -5.11 11.79
C PHE A 55 18.61 -4.72 12.30
N LEU A 56 17.66 -5.66 12.21
CA LEU A 56 16.29 -5.41 12.66
C LEU A 56 16.27 -5.01 14.13
N GLU A 57 17.13 -5.64 14.92
CA GLU A 57 17.21 -5.34 16.35
C GLU A 57 17.99 -4.06 16.59
N ASN A 58 18.50 -3.47 15.52
CA ASN A 58 19.27 -2.23 15.61
C ASN A 58 18.52 -1.07 14.95
N PRO A 59 17.46 -0.60 15.60
CA PRO A 59 16.64 0.51 15.09
C PRO A 59 17.37 1.84 15.13
N ALA A 60 18.15 2.11 14.09
CA ALA A 60 18.91 3.36 14.01
C ALA A 60 18.89 3.92 12.58
N ASP A 61 19.44 3.14 11.65
CA ASP A 61 19.49 3.56 10.25
C ASP A 61 18.21 3.18 9.52
N LEU A 62 17.85 1.90 9.59
CA LEU A 62 16.64 1.41 8.95
C LEU A 62 15.44 2.28 9.29
N GLU A 63 15.38 2.74 10.53
CA GLU A 63 14.28 3.59 10.98
C GLU A 63 14.53 5.05 10.59
N MET B 1 14.42 -17.02 -6.86
CA MET B 1 14.09 -15.87 -6.02
C MET B 1 13.56 -16.31 -4.67
N LEU B 2 14.26 -15.92 -3.61
CA LEU B 2 13.85 -16.27 -2.25
C LEU B 2 13.56 -15.02 -1.42
N MET B 3 12.33 -14.91 -0.94
CA MET B 3 11.92 -13.77 -0.13
C MET B 3 12.82 -13.64 1.10
N ILE B 4 13.50 -12.51 1.22
CA ILE B 4 14.39 -12.26 2.35
C ILE B 4 13.60 -11.89 3.59
N THR B 5 12.65 -10.97 3.43
CA THR B 5 11.82 -10.52 4.55
C THR B 5 10.73 -9.57 4.07
N SER B 6 9.85 -9.17 5.00
CA SER B 6 8.76 -8.26 4.67
C SER B 6 8.76 -7.06 5.61
N PHE B 7 8.75 -5.86 5.03
CA PHE B 7 8.74 -4.63 5.81
C PHE B 7 7.51 -3.79 5.49
N ALA B 8 7.30 -2.74 6.28
CA ALA B 8 6.15 -1.86 6.08
C ALA B 8 6.58 -0.40 6.10
N ASN B 9 7.63 -0.08 5.36
CA ASN B 9 8.14 1.30 5.30
C ASN B 9 9.26 1.41 4.27
N PRO B 10 9.29 2.54 3.56
CA PRO B 10 10.29 2.80 2.53
C PRO B 10 11.69 3.04 3.13
N ARG B 11 11.74 3.85 4.18
CA ARG B 11 13.01 4.16 4.84
C ARG B 11 13.74 2.88 5.22
N VAL B 12 13.03 1.96 5.87
CA VAL B 12 13.63 0.69 6.29
C VAL B 12 13.96 -0.18 5.07
N ALA B 13 12.96 -0.46 4.25
CA ALA B 13 13.15 -1.29 3.07
C ALA B 13 14.37 -0.82 2.27
N GLN B 14 14.35 0.45 1.86
CA GLN B 14 15.44 1.01 1.09
C GLN B 14 16.76 0.92 1.86
N ALA B 15 16.72 1.27 3.14
CA ALA B 15 17.90 1.22 3.99
C ALA B 15 18.51 -0.18 4.00
N PHE B 16 17.66 -1.20 4.15
CA PHE B 16 18.12 -2.58 4.18
C PHE B 16 18.82 -2.94 2.88
N VAL B 17 18.12 -2.81 1.77
CA VAL B 17 18.67 -3.12 0.46
C VAL B 17 19.85 -2.22 0.13
N ASP B 18 19.91 -1.07 0.80
CA ASP B 18 20.99 -0.11 0.58
C ASP B 18 22.32 -0.65 1.12
N TYR B 19 22.34 -0.92 2.42
CA TYR B 19 23.54 -1.43 3.07
C TYR B 19 23.93 -2.80 2.50
N MET B 20 22.92 -3.56 2.10
CA MET B 20 23.15 -4.89 1.53
C MET B 20 23.70 -4.79 0.11
N ALA B 21 23.20 -3.81 -0.64
CA ALA B 21 23.65 -3.61 -2.01
C ALA B 21 25.11 -3.18 -2.07
N THR B 22 25.50 -2.30 -1.14
CA THR B 22 26.86 -1.81 -1.07
C THR B 22 27.80 -2.87 -0.52
N GLN B 23 27.22 -3.92 0.05
CA GLN B 23 28.01 -5.01 0.62
C GLN B 23 28.28 -6.09 -0.42
N GLY B 24 27.76 -5.89 -1.63
CA GLY B 24 27.96 -6.86 -2.69
C GLY B 24 26.74 -7.74 -2.91
N VAL B 25 25.74 -7.57 -2.06
CA VAL B 25 24.50 -8.35 -2.16
C VAL B 25 23.35 -7.50 -2.67
N ILE B 26 22.88 -7.79 -3.88
CA ILE B 26 21.78 -7.06 -4.47
C ILE B 26 20.43 -7.56 -3.94
N LEU B 27 19.57 -6.63 -3.56
CA LEU B 27 18.25 -6.98 -3.04
C LEU B 27 17.15 -6.24 -3.81
N THR B 28 15.92 -6.73 -3.68
CA THR B 28 14.79 -6.12 -4.36
C THR B 28 13.66 -5.80 -3.38
N ILE B 29 12.92 -4.75 -3.65
CA ILE B 29 11.81 -4.34 -2.79
C ILE B 29 10.52 -4.21 -3.58
N GLN B 30 9.40 -4.57 -2.96
CA GLN B 30 8.10 -4.49 -3.60
C GLN B 30 7.14 -3.64 -2.78
N GLN B 31 6.90 -2.42 -3.24
CA GLN B 31 5.99 -1.50 -2.55
C GLN B 31 4.55 -1.75 -2.96
N HIS B 32 3.72 -2.13 -2.00
CA HIS B 32 2.32 -2.41 -2.25
C HIS B 32 1.57 -1.11 -2.59
N ASN B 33 0.26 -1.23 -2.80
CA ASN B 33 -0.57 -0.08 -3.13
C ASN B 33 -2.05 -0.46 -3.15
N GLN B 34 -2.88 0.38 -2.54
CA GLN B 34 -4.31 0.13 -2.49
C GLN B 34 -5.06 1.37 -2.01
N SER B 35 -6.38 1.27 -1.95
CA SER B 35 -7.22 2.38 -1.51
C SER B 35 -8.60 1.89 -1.07
N ASP B 36 -8.79 1.80 0.24
CA ASP B 36 -10.07 1.35 0.79
C ASP B 36 -11.02 2.52 0.99
N VAL B 37 -12.24 2.38 0.48
CA VAL B 37 -13.25 3.43 0.60
C VAL B 37 -14.21 3.14 1.74
N TRP B 38 -14.30 4.07 2.69
CA TRP B 38 -15.19 3.90 3.83
C TRP B 38 -16.07 5.14 4.03
N LEU B 39 -17.31 4.91 4.45
CA LEU B 39 -18.25 6.01 4.67
C LEU B 39 -18.64 6.10 6.13
N ALA B 40 -19.02 7.30 6.56
CA ALA B 40 -19.42 7.52 7.94
C ALA B 40 -20.94 7.57 8.07
N ASP B 41 -21.60 8.03 7.02
CA ASP B 41 -23.06 8.13 7.01
C ASP B 41 -23.68 6.85 6.47
N GLU B 42 -23.94 5.89 7.36
CA GLU B 42 -24.54 4.62 6.97
C GLU B 42 -25.76 4.84 6.09
N SER B 43 -26.58 5.80 6.47
CA SER B 43 -27.79 6.11 5.72
C SER B 43 -27.47 6.41 4.26
N GLN B 44 -26.31 7.01 4.02
CA GLN B 44 -25.88 7.34 2.67
C GLN B 44 -25.12 6.18 2.04
N ALA B 45 -24.73 5.22 2.86
CA ALA B 45 -24.00 4.05 2.38
C ALA B 45 -24.70 3.42 1.18
N GLU B 46 -26.03 3.39 1.23
CA GLU B 46 -26.82 2.81 0.15
C GLU B 46 -26.67 3.63 -1.13
N ARG B 47 -26.77 4.95 -0.99
CA ARG B 47 -26.65 5.84 -2.14
C ARG B 47 -25.29 5.70 -2.80
N VAL B 48 -24.22 5.84 -2.00
CA VAL B 48 -22.87 5.73 -2.52
C VAL B 48 -22.64 4.37 -3.17
N ARG B 49 -23.21 3.33 -2.57
CA ARG B 49 -23.06 1.98 -3.10
C ARG B 49 -23.61 1.89 -4.53
N ALA B 50 -24.84 2.34 -4.71
CA ALA B 50 -25.47 2.31 -6.03
C ALA B 50 -24.67 3.12 -7.04
N GLU B 51 -24.46 4.39 -6.74
CA GLU B 51 -23.71 5.27 -7.62
C GLU B 51 -22.33 4.70 -7.92
N LEU B 52 -21.66 4.21 -6.87
CA LEU B 52 -20.32 3.64 -7.02
C LEU B 52 -20.32 2.54 -8.08
N ALA B 53 -21.26 1.60 -7.94
CA ALA B 53 -21.36 0.50 -8.90
C ALA B 53 -21.59 1.01 -10.31
N ARG B 54 -22.47 2.00 -10.45
CA ARG B 54 -22.78 2.57 -11.76
C ARG B 54 -21.60 3.39 -12.28
N PHE B 55 -20.71 3.80 -11.37
CA PHE B 55 -19.54 4.58 -11.74
C PHE B 55 -18.38 3.67 -12.13
N LEU B 56 -18.26 2.55 -11.43
CA LEU B 56 -17.18 1.60 -11.69
C LEU B 56 -17.24 1.10 -13.13
N GLU B 57 -18.45 0.96 -13.66
CA GLU B 57 -18.64 0.49 -15.02
C GLU B 57 -18.39 1.61 -16.02
N ASN B 58 -18.07 2.79 -15.50
CA ASN B 58 -17.80 3.95 -16.35
C ASN B 58 -16.33 4.36 -16.27
N PRO B 59 -15.47 3.58 -16.93
CA PRO B 59 -14.02 3.84 -16.95
C PRO B 59 -13.66 5.08 -17.75
N ALA B 60 -13.87 6.25 -17.14
CA ALA B 60 -13.56 7.52 -17.79
C ALA B 60 -12.93 8.50 -16.82
N ASP B 61 -13.70 8.89 -15.80
CA ASP B 61 -13.22 9.84 -14.80
C ASP B 61 -12.33 9.13 -13.78
N LEU B 62 -12.80 7.99 -13.28
CA LEU B 62 -12.04 7.23 -12.29
C LEU B 62 -10.60 7.02 -12.75
N GLU B 63 -10.44 6.49 -13.96
CA GLU B 63 -9.12 6.23 -14.52
C GLU B 63 -8.37 7.55 -14.76
N MET A 1 -19.05 3.65 10.95
CA MET A 1 -18.29 3.61 9.72
C MET A 1 -18.53 2.30 8.98
N LEU A 2 -19.02 2.40 7.74
CA LEU A 2 -19.29 1.22 6.93
C LEU A 2 -18.48 1.25 5.64
N MET A 3 -17.67 0.22 5.43
CA MET A 3 -16.85 0.12 4.23
C MET A 3 -17.70 0.19 2.97
N ILE A 4 -17.41 1.16 2.12
CA ILE A 4 -18.15 1.33 0.87
C ILE A 4 -17.61 0.41 -0.22
N THR A 5 -16.30 0.36 -0.35
CA THR A 5 -15.65 -0.48 -1.35
C THR A 5 -14.14 -0.44 -1.23
N SER A 6 -13.45 -1.16 -2.11
CA SER A 6 -12.00 -1.20 -2.10
C SER A 6 -11.44 -1.03 -3.51
N PHE A 7 -10.42 -0.19 -3.63
CA PHE A 7 -9.79 0.07 -4.93
C PHE A 7 -8.28 -0.13 -4.84
N ALA A 8 -7.62 -0.12 -6.00
CA ALA A 8 -6.18 -0.30 -6.05
C ALA A 8 -5.51 0.82 -6.85
N ASN A 9 -5.99 2.05 -6.63
CA ASN A 9 -5.45 3.22 -7.33
C ASN A 9 -5.92 4.50 -6.66
N PRO A 10 -5.01 5.49 -6.58
CA PRO A 10 -5.30 6.79 -5.98
C PRO A 10 -6.27 7.62 -6.82
N ARG A 11 -6.05 7.61 -8.13
CA ARG A 11 -6.90 8.37 -9.05
C ARG A 11 -8.36 7.99 -8.86
N VAL A 12 -8.64 6.69 -8.88
CA VAL A 12 -10.00 6.21 -8.71
C VAL A 12 -10.56 6.55 -7.33
N ALA A 13 -9.83 6.14 -6.29
CA ALA A 13 -10.24 6.41 -4.92
C ALA A 13 -10.60 7.88 -4.73
N GLN A 14 -9.62 8.76 -4.93
CA GLN A 14 -9.85 10.19 -4.79
C GLN A 14 -11.01 10.65 -5.66
N ALA A 15 -11.06 10.16 -6.90
CA ALA A 15 -12.12 10.52 -7.83
C ALA A 15 -13.48 10.22 -7.24
N PHE A 16 -13.70 8.96 -6.88
CA PHE A 16 -14.98 8.54 -6.31
C PHE A 16 -15.38 9.45 -5.15
N VAL A 17 -14.43 9.69 -4.25
CA VAL A 17 -14.69 10.55 -3.08
C VAL A 17 -14.92 11.99 -3.51
N ASP A 18 -14.35 12.37 -4.64
CA ASP A 18 -14.50 13.73 -5.16
C ASP A 18 -15.94 13.98 -5.61
N TYR A 19 -16.41 13.20 -6.58
CA TYR A 19 -17.76 13.35 -7.09
C TYR A 19 -18.79 13.03 -6.01
N MET A 20 -18.40 12.19 -5.06
CA MET A 20 -19.28 11.81 -3.97
C MET A 20 -19.46 12.95 -2.98
N ALA A 21 -18.36 13.62 -2.67
CA ALA A 21 -18.39 14.75 -1.73
C ALA A 21 -19.19 15.91 -2.29
N THR A 22 -18.98 16.20 -3.58
CA THR A 22 -19.68 17.29 -4.23
C THR A 22 -21.15 16.96 -4.44
N GLN A 23 -21.50 15.69 -4.25
CA GLN A 23 -22.87 15.24 -4.41
C GLN A 23 -23.63 15.29 -3.09
N GLY A 24 -22.91 15.63 -2.02
CA GLY A 24 -23.52 15.70 -0.71
C GLY A 24 -23.21 14.50 0.15
N VAL A 25 -22.24 13.70 -0.28
CA VAL A 25 -21.84 12.51 0.45
C VAL A 25 -20.33 12.48 0.68
N ILE A 26 -19.93 12.60 1.94
CA ILE A 26 -18.52 12.60 2.30
C ILE A 26 -17.98 11.18 2.36
N LEU A 27 -16.86 10.95 1.67
CA LEU A 27 -16.24 9.62 1.65
C LEU A 27 -14.79 9.70 2.11
N THR A 28 -14.24 8.56 2.50
CA THR A 28 -12.85 8.49 2.97
C THR A 28 -12.08 7.40 2.26
N ILE A 29 -10.77 7.59 2.12
CA ILE A 29 -9.92 6.61 1.45
C ILE A 29 -8.76 6.21 2.34
N GLN A 30 -8.35 4.95 2.24
CA GLN A 30 -7.24 4.44 3.03
C GLN A 30 -6.15 3.85 2.14
N GLN A 31 -5.05 4.60 1.99
CA GLN A 31 -3.94 4.16 1.15
C GLN A 31 -2.99 3.26 1.95
N HIS A 32 -3.18 1.95 1.82
CA HIS A 32 -2.34 0.99 2.53
C HIS A 32 -0.87 1.28 2.28
N ASN A 33 -0.01 0.61 3.05
CA ASN A 33 1.43 0.80 2.92
C ASN A 33 2.20 -0.29 3.68
N GLN A 34 2.89 -1.15 2.93
CA GLN A 34 3.66 -2.23 3.52
C GLN A 34 4.77 -2.68 2.60
N SER A 35 6.01 -2.45 3.01
CA SER A 35 7.17 -2.85 2.21
C SER A 35 7.65 -4.24 2.58
N ASP A 36 7.32 -5.22 1.74
CA ASP A 36 7.71 -6.60 1.97
C ASP A 36 9.10 -6.88 1.39
N VAL A 37 9.99 -7.39 2.22
CA VAL A 37 11.34 -7.70 1.80
C VAL A 37 11.50 -9.19 1.50
N TRP A 38 11.87 -9.50 0.26
CA TRP A 38 12.05 -10.89 -0.15
C TRP A 38 13.40 -11.08 -0.83
N LEU A 39 14.00 -12.26 -0.63
CA LEU A 39 15.30 -12.56 -1.23
C LEU A 39 15.20 -13.76 -2.16
N ALA A 40 16.08 -13.81 -3.15
CA ALA A 40 16.10 -14.89 -4.11
C ALA A 40 17.22 -15.88 -3.81
N ASP A 41 18.29 -15.38 -3.20
CA ASP A 41 19.44 -16.20 -2.87
C ASP A 41 19.27 -16.82 -1.48
N GLU A 42 18.64 -18.00 -1.44
CA GLU A 42 18.41 -18.70 -0.19
C GLU A 42 19.70 -18.79 0.63
N SER A 43 20.80 -19.11 -0.05
CA SER A 43 22.09 -19.24 0.61
C SER A 43 22.42 -17.98 1.40
N GLN A 44 22.01 -16.83 0.88
CA GLN A 44 22.27 -15.55 1.52
C GLN A 44 21.15 -15.21 2.51
N ALA A 45 20.04 -15.93 2.40
CA ALA A 45 18.89 -15.71 3.28
C ALA A 45 19.31 -15.75 4.75
N GLU A 46 20.39 -16.48 5.02
CA GLU A 46 20.89 -16.61 6.39
C GLU A 46 21.67 -15.38 6.80
N ARG A 47 22.68 -15.03 6.00
CA ARG A 47 23.51 -13.86 6.28
C ARG A 47 22.66 -12.60 6.40
N VAL A 48 21.61 -12.52 5.60
CA VAL A 48 20.71 -11.37 5.62
C VAL A 48 19.82 -11.39 6.85
N ARG A 49 19.32 -12.58 7.19
CA ARG A 49 18.44 -12.74 8.35
C ARG A 49 19.14 -12.26 9.62
N ALA A 50 20.42 -12.60 9.76
CA ALA A 50 21.20 -12.20 10.93
C ALA A 50 21.47 -10.72 10.92
N GLU A 51 22.11 -10.24 9.85
CA GLU A 51 22.44 -8.82 9.72
C GLU A 51 21.19 -7.96 9.86
N LEU A 52 20.11 -8.38 9.21
CA LEU A 52 18.85 -7.63 9.26
C LEU A 52 18.33 -7.56 10.69
N ALA A 53 18.25 -8.71 11.35
CA ALA A 53 17.77 -8.77 12.72
C ALA A 53 18.61 -7.87 13.64
N ARG A 54 19.89 -7.74 13.32
CA ARG A 54 20.80 -6.92 14.11
C ARG A 54 20.64 -5.45 13.77
N PHE A 55 20.19 -5.17 12.55
CA PHE A 55 19.99 -3.80 12.10
C PHE A 55 18.65 -3.26 12.56
N LEU A 56 17.63 -4.11 12.53
CA LEU A 56 16.29 -3.73 12.96
C LEU A 56 16.31 -3.19 14.38
N GLU A 57 17.09 -3.84 15.24
CA GLU A 57 17.18 -3.43 16.64
C GLU A 57 18.07 -2.20 16.77
N ASN A 58 18.64 -1.75 15.66
CA ASN A 58 19.52 -0.59 15.66
C ASN A 58 18.89 0.56 14.87
N PRO A 59 17.86 1.19 15.46
CA PRO A 59 17.15 2.31 14.84
C PRO A 59 18.00 3.57 14.77
N ALA A 60 18.67 3.77 13.63
CA ALA A 60 19.52 4.94 13.44
C ALA A 60 19.53 5.37 11.99
N ASP A 61 19.94 4.47 11.10
CA ASP A 61 20.00 4.77 9.67
C ASP A 61 18.72 4.35 8.98
N LEU A 62 18.33 3.09 9.17
CA LEU A 62 17.12 2.56 8.56
C LEU A 62 15.93 3.48 8.82
N GLU A 63 15.95 4.17 9.96
CA GLU A 63 14.88 5.09 10.31
C GLU A 63 14.94 6.35 9.46
N MET B 1 12.59 -18.13 -3.88
CA MET B 1 12.38 -16.84 -3.23
C MET B 1 11.94 -17.03 -1.78
N LEU B 2 12.73 -16.50 -0.85
CA LEU B 2 12.42 -16.61 0.58
C LEU B 2 12.24 -15.22 1.20
N MET B 3 11.07 -14.99 1.78
CA MET B 3 10.78 -13.71 2.42
C MET B 3 11.79 -13.41 3.52
N ILE B 4 12.49 -12.29 3.38
CA ILE B 4 13.49 -11.89 4.36
C ILE B 4 12.83 -11.26 5.58
N THR B 5 11.91 -10.34 5.34
CA THR B 5 11.20 -9.66 6.42
C THR B 5 10.12 -8.73 5.87
N SER B 6 9.37 -8.11 6.77
CA SER B 6 8.30 -7.20 6.39
C SER B 6 8.43 -5.86 7.10
N PHE B 7 8.35 -4.78 6.33
CA PHE B 7 8.48 -3.44 6.89
C PHE B 7 7.26 -2.59 6.53
N ALA B 8 7.12 -1.45 7.20
CA ALA B 8 6.00 -0.55 6.95
C ALA B 8 6.48 0.87 6.69
N ASN B 9 7.62 0.99 6.01
CA ASN B 9 8.20 2.29 5.70
C ASN B 9 9.19 2.18 4.55
N PRO B 10 9.18 3.20 3.67
CA PRO B 10 10.08 3.24 2.50
C PRO B 10 11.53 3.47 2.91
N ARG B 11 11.75 4.45 3.77
CA ARG B 11 13.11 4.77 4.23
C ARG B 11 13.81 3.52 4.75
N VAL B 12 13.12 2.78 5.61
CA VAL B 12 13.68 1.56 6.18
C VAL B 12 13.89 0.49 5.12
N ALA B 13 12.82 0.16 4.40
CA ALA B 13 12.89 -0.84 3.34
C ALA B 13 14.05 -0.57 2.40
N GLN B 14 14.04 0.60 1.77
CA GLN B 14 15.11 0.97 0.84
C GLN B 14 16.47 0.93 1.52
N ALA B 15 16.53 1.46 2.75
CA ALA B 15 17.77 1.48 3.51
C ALA B 15 18.32 0.08 3.70
N PHE B 16 17.45 -0.86 4.07
CA PHE B 16 17.85 -2.24 4.28
C PHE B 16 18.42 -2.85 3.01
N VAL B 17 17.62 -2.87 1.95
CA VAL B 17 18.04 -3.43 0.67
C VAL B 17 19.25 -2.67 0.13
N ASP B 18 19.40 -1.42 0.56
CA ASP B 18 20.52 -0.59 0.12
C ASP B 18 21.84 -1.10 0.68
N TYR B 19 21.95 -1.13 1.99
CA TYR B 19 23.15 -1.60 2.66
C TYR B 19 23.40 -3.07 2.36
N MET B 20 22.33 -3.79 2.03
CA MET B 20 22.43 -5.21 1.72
C MET B 20 23.00 -5.43 0.32
N ALA B 21 22.56 -4.59 -0.63
CA ALA B 21 23.03 -4.69 -2.01
C ALA B 21 24.50 -4.32 -2.11
N THR B 22 24.89 -3.27 -1.39
CA THR B 22 26.28 -2.81 -1.41
C THR B 22 27.18 -3.76 -0.64
N GLN B 23 26.58 -4.67 0.10
CA GLN B 23 27.34 -5.65 0.89
C GLN B 23 27.54 -6.94 0.09
N GLY B 24 26.93 -7.01 -1.09
CA GLY B 24 27.06 -8.19 -1.92
C GLY B 24 25.82 -9.07 -1.86
N VAL B 25 24.73 -8.52 -1.32
CA VAL B 25 23.48 -9.26 -1.21
C VAL B 25 22.32 -8.47 -1.81
N ILE B 26 21.76 -8.97 -2.90
CA ILE B 26 20.65 -8.32 -3.57
C ILE B 26 19.33 -8.65 -2.89
N LEU B 27 18.52 -7.62 -2.65
CA LEU B 27 17.22 -7.80 -2.00
C LEU B 27 16.11 -7.14 -2.81
N THR B 28 14.88 -7.53 -2.53
CA THR B 28 13.72 -6.98 -3.23
C THR B 28 12.68 -6.43 -2.25
N ILE B 29 12.00 -5.37 -2.65
CA ILE B 29 10.97 -4.76 -1.81
C ILE B 29 9.64 -4.67 -2.54
N GLN B 30 8.55 -4.85 -1.80
CA GLN B 30 7.22 -4.79 -2.37
C GLN B 30 6.36 -3.76 -1.66
N GLN B 31 6.18 -2.60 -2.29
CA GLN B 31 5.38 -1.54 -1.72
C GLN B 31 3.89 -1.73 -2.01
N HIS B 32 3.18 -2.37 -1.09
CA HIS B 32 1.76 -2.62 -1.26
C HIS B 32 1.02 -1.34 -1.63
N ASN B 33 -0.23 -1.48 -2.05
CA ASN B 33 -1.04 -0.34 -2.44
C ASN B 33 -2.50 -0.75 -2.61
N GLN B 34 -3.38 -0.17 -1.79
CA GLN B 34 -4.80 -0.46 -1.85
C GLN B 34 -5.62 0.66 -1.22
N SER B 35 -6.36 1.38 -2.06
CA SER B 35 -7.19 2.48 -1.58
C SER B 35 -8.56 1.99 -1.13
N ASP B 36 -8.73 1.83 0.17
CA ASP B 36 -9.99 1.36 0.74
C ASP B 36 -10.95 2.52 0.95
N VAL B 37 -12.16 2.38 0.42
CA VAL B 37 -13.18 3.42 0.56
C VAL B 37 -14.15 3.10 1.68
N TRP B 38 -14.26 4.01 2.65
CA TRP B 38 -15.16 3.81 3.77
C TRP B 38 -16.05 5.04 3.98
N LEU B 39 -17.27 4.80 4.43
CA LEU B 39 -18.23 5.89 4.66
C LEU B 39 -18.63 5.94 6.13
N ALA B 40 -19.02 7.13 6.59
CA ALA B 40 -19.43 7.32 7.97
C ALA B 40 -20.96 7.43 8.08
N ASP B 41 -21.59 7.91 7.02
CA ASP B 41 -23.04 8.07 6.98
C ASP B 41 -23.71 6.81 6.45
N GLU B 42 -24.03 5.89 7.37
CA GLU B 42 -24.68 4.63 6.99
C GLU B 42 -25.88 4.90 6.10
N SER B 43 -26.69 5.88 6.47
CA SER B 43 -27.87 6.23 5.70
C SER B 43 -27.53 6.49 4.23
N GLN B 44 -26.33 7.01 4.00
CA GLN B 44 -25.86 7.31 2.66
C GLN B 44 -25.14 6.11 2.05
N ALA B 45 -24.78 5.15 2.90
CA ALA B 45 -24.09 3.96 2.45
C ALA B 45 -24.82 3.30 1.29
N GLU B 46 -26.14 3.48 1.24
CA GLU B 46 -26.95 2.91 0.18
C GLU B 46 -26.83 3.72 -1.11
N ARG B 47 -27.02 5.03 -0.99
CA ARG B 47 -26.93 5.92 -2.14
C ARG B 47 -25.55 5.84 -2.78
N VAL B 48 -24.53 5.68 -1.95
CA VAL B 48 -23.16 5.59 -2.44
C VAL B 48 -22.89 4.22 -3.09
N ARG B 49 -23.44 3.18 -2.49
CA ARG B 49 -23.26 1.83 -3.01
C ARG B 49 -23.79 1.72 -4.43
N ALA B 50 -24.98 2.26 -4.67
CA ALA B 50 -25.59 2.23 -5.99
C ALA B 50 -24.85 3.13 -6.96
N GLU B 51 -24.67 4.39 -6.59
CA GLU B 51 -23.98 5.35 -7.43
C GLU B 51 -22.58 4.85 -7.79
N LEU B 52 -21.87 4.36 -6.79
CA LEU B 52 -20.51 3.85 -6.99
C LEU B 52 -20.51 2.70 -7.99
N ALA B 53 -21.39 1.73 -7.76
CA ALA B 53 -21.51 0.58 -8.64
C ALA B 53 -21.79 1.00 -10.09
N ARG B 54 -22.54 2.08 -10.24
CA ARG B 54 -22.89 2.60 -11.56
C ARG B 54 -21.69 3.30 -12.20
N PHE B 55 -20.85 3.90 -11.36
CA PHE B 55 -19.67 4.61 -11.85
C PHE B 55 -18.54 3.63 -12.15
N LEU B 56 -18.47 2.55 -11.38
CA LEU B 56 -17.44 1.54 -11.57
C LEU B 56 -17.44 1.01 -12.99
N GLU B 57 -18.64 0.76 -13.53
CA GLU B 57 -18.78 0.24 -14.89
C GLU B 57 -18.60 1.37 -15.91
N ASN B 58 -18.39 2.59 -15.41
CA ASN B 58 -18.21 3.75 -16.28
C ASN B 58 -16.79 4.29 -16.15
N PRO B 59 -15.83 3.56 -16.74
CA PRO B 59 -14.41 3.97 -16.70
C PRO B 59 -14.14 5.20 -17.56
N ALA B 60 -14.19 6.37 -16.93
CA ALA B 60 -13.94 7.62 -17.64
C ALA B 60 -13.16 8.59 -16.77
N ASP B 61 -13.80 9.05 -15.69
CA ASP B 61 -13.16 9.98 -14.77
C ASP B 61 -12.36 9.25 -13.71
N LEU B 62 -13.01 8.28 -13.05
CA LEU B 62 -12.36 7.50 -12.01
C LEU B 62 -10.99 6.99 -12.48
N GLU B 63 -10.89 6.71 -13.77
CA GLU B 63 -9.63 6.21 -14.33
C GLU B 63 -8.77 7.37 -14.83
N MET A 1 -18.80 4.09 11.01
CA MET A 1 -18.13 4.03 9.71
C MET A 1 -18.37 2.67 9.05
N LEU A 2 -18.90 2.71 7.83
CA LEU A 2 -19.19 1.49 7.08
C LEU A 2 -18.42 1.46 5.77
N MET A 3 -17.63 0.39 5.58
CA MET A 3 -16.84 0.25 4.37
C MET A 3 -17.73 0.28 3.12
N ILE A 4 -17.34 1.10 2.16
CA ILE A 4 -18.11 1.23 0.92
C ILE A 4 -17.58 0.27 -0.15
N THR A 5 -16.26 0.23 -0.30
CA THR A 5 -15.64 -0.64 -1.29
C THR A 5 -14.12 -0.59 -1.18
N SER A 6 -13.43 -1.26 -2.10
CA SER A 6 -11.98 -1.29 -2.11
C SER A 6 -11.43 -1.05 -3.52
N PHE A 7 -10.53 -0.09 -3.64
CA PHE A 7 -9.93 0.23 -4.93
C PHE A 7 -8.43 -0.06 -4.92
N ALA A 8 -7.86 -0.15 -6.12
CA ALA A 8 -6.42 -0.44 -6.25
C ALA A 8 -5.71 0.68 -7.00
N ASN A 9 -6.11 1.93 -6.72
CA ASN A 9 -5.51 3.08 -7.36
C ASN A 9 -5.90 4.37 -6.63
N PRO A 10 -4.94 5.30 -6.52
CA PRO A 10 -5.15 6.59 -5.85
C PRO A 10 -6.08 7.50 -6.63
N ARG A 11 -5.80 7.64 -7.93
CA ARG A 11 -6.62 8.50 -8.79
C ARG A 11 -8.10 8.14 -8.67
N VAL A 12 -8.41 6.85 -8.81
CA VAL A 12 -9.78 6.38 -8.71
C VAL A 12 -10.38 6.72 -7.34
N ALA A 13 -9.67 6.35 -6.28
CA ALA A 13 -10.13 6.62 -4.92
C ALA A 13 -10.56 8.07 -4.77
N GLN A 14 -9.62 8.99 -4.95
CA GLN A 14 -9.91 10.41 -4.82
C GLN A 14 -11.08 10.81 -5.70
N ALA A 15 -11.06 10.37 -6.96
CA ALA A 15 -12.13 10.68 -7.89
C ALA A 15 -13.49 10.32 -7.31
N PHE A 16 -13.67 9.05 -6.97
CA PHE A 16 -14.92 8.57 -6.41
C PHE A 16 -15.38 9.46 -5.25
N VAL A 17 -14.47 9.67 -4.30
CA VAL A 17 -14.77 10.50 -3.13
C VAL A 17 -15.08 11.94 -3.55
N ASP A 18 -14.55 12.34 -4.71
CA ASP A 18 -14.77 13.69 -5.22
C ASP A 18 -16.22 13.89 -5.63
N TYR A 19 -16.68 13.07 -6.58
CA TYR A 19 -18.05 13.16 -7.06
C TYR A 19 -19.05 12.85 -5.95
N MET A 20 -18.59 12.07 -4.97
CA MET A 20 -19.44 11.70 -3.84
C MET A 20 -19.60 12.86 -2.88
N ALA A 21 -18.51 13.57 -2.62
CA ALA A 21 -18.53 14.70 -1.71
C ALA A 21 -19.35 15.85 -2.28
N THR A 22 -19.18 16.11 -3.58
CA THR A 22 -19.91 17.18 -4.24
C THR A 22 -21.40 16.87 -4.34
N GLN A 23 -21.75 15.62 -4.05
CA GLN A 23 -23.14 15.18 -4.11
C GLN A 23 -23.79 15.27 -2.73
N GLY A 24 -22.99 15.64 -1.73
CA GLY A 24 -23.51 15.76 -0.38
C GLY A 24 -23.13 14.57 0.49
N VAL A 25 -22.29 13.69 -0.04
CA VAL A 25 -21.86 12.51 0.69
C VAL A 25 -20.34 12.48 0.84
N ILE A 26 -19.87 12.62 2.08
CA ILE A 26 -18.45 12.61 2.36
C ILE A 26 -17.91 11.19 2.41
N LEU A 27 -16.83 10.94 1.67
CA LEU A 27 -16.22 9.62 1.63
C LEU A 27 -14.77 9.69 2.10
N THR A 28 -14.21 8.53 2.45
CA THR A 28 -12.82 8.46 2.90
C THR A 28 -12.07 7.34 2.18
N ILE A 29 -10.77 7.53 2.03
CA ILE A 29 -9.93 6.54 1.36
C ILE A 29 -8.76 6.12 2.25
N GLN A 30 -8.41 4.84 2.18
CA GLN A 30 -7.31 4.30 2.98
C GLN A 30 -6.23 3.70 2.08
N GLN A 31 -5.14 4.44 1.92
CA GLN A 31 -4.03 3.98 1.08
C GLN A 31 -3.03 3.17 1.91
N HIS A 32 -3.04 1.85 1.71
CA HIS A 32 -2.12 0.96 2.43
C HIS A 32 -0.67 1.32 2.12
N ASN A 33 0.25 0.70 2.87
CA ASN A 33 1.67 0.95 2.68
C ASN A 33 2.50 -0.18 3.29
N GLN A 34 2.98 -1.08 2.43
CA GLN A 34 3.79 -2.21 2.89
C GLN A 34 4.93 -2.48 1.92
N SER A 35 6.15 -2.20 2.35
CA SER A 35 7.33 -2.41 1.52
C SER A 35 7.97 -3.77 1.81
N ASP A 36 7.66 -4.75 0.96
CA ASP A 36 8.20 -6.09 1.12
C ASP A 36 9.62 -6.19 0.56
N VAL A 37 10.55 -6.65 1.39
CA VAL A 37 11.94 -6.79 0.97
C VAL A 37 12.26 -8.22 0.58
N TRP A 38 12.66 -8.41 -0.67
CA TRP A 38 13.00 -9.74 -1.17
C TRP A 38 14.38 -9.75 -1.81
N LEU A 39 15.11 -10.85 -1.64
CA LEU A 39 16.44 -10.98 -2.20
C LEU A 39 16.49 -12.11 -3.23
N ALA A 40 17.40 -11.98 -4.19
CA ALA A 40 17.55 -12.99 -5.23
C ALA A 40 18.75 -13.90 -4.95
N ASP A 41 19.75 -13.35 -4.27
CA ASP A 41 20.96 -14.10 -3.93
C ASP A 41 20.78 -14.83 -2.61
N GLU A 42 20.21 -16.04 -2.66
CA GLU A 42 19.99 -16.84 -1.47
C GLU A 42 21.25 -16.93 -0.63
N SER A 43 22.38 -17.17 -1.29
CA SER A 43 23.65 -17.29 -0.60
C SER A 43 23.93 -16.04 0.25
N GLN A 44 23.49 -14.89 -0.25
CA GLN A 44 23.69 -13.64 0.47
C GLN A 44 22.56 -13.38 1.46
N ALA A 45 21.49 -14.16 1.33
CA ALA A 45 20.34 -14.02 2.22
C ALA A 45 20.77 -14.07 3.69
N GLU A 46 21.79 -14.88 3.97
CA GLU A 46 22.29 -15.02 5.33
C GLU A 46 22.94 -13.72 5.80
N ARG A 47 23.81 -13.16 4.97
CA ARG A 47 24.49 -11.92 5.30
C ARG A 47 23.49 -10.79 5.56
N VAL A 48 22.61 -10.57 4.59
CA VAL A 48 21.59 -9.52 4.72
C VAL A 48 20.75 -9.73 5.97
N ARG A 49 20.43 -10.98 6.26
CA ARG A 49 19.62 -11.30 7.43
C ARG A 49 20.28 -10.82 8.71
N ALA A 50 21.56 -11.19 8.89
CA ALA A 50 22.31 -10.78 10.07
C ALA A 50 22.38 -9.26 10.18
N GLU A 51 22.91 -8.62 9.14
CA GLU A 51 23.04 -7.16 9.13
C GLU A 51 21.69 -6.50 9.36
N LEU A 52 20.67 -6.95 8.63
CA LEU A 52 19.33 -6.40 8.76
C LEU A 52 18.90 -6.36 10.22
N ALA A 53 19.00 -7.50 10.90
CA ALA A 53 18.62 -7.60 12.30
C ALA A 53 19.44 -6.65 13.16
N ARG A 54 20.72 -6.51 12.83
CA ARG A 54 21.61 -5.63 13.57
C ARG A 54 21.23 -4.17 13.35
N PHE A 55 20.58 -3.89 12.22
CA PHE A 55 20.17 -2.53 11.89
C PHE A 55 18.80 -2.22 12.50
N LEU A 56 17.89 -3.19 12.41
CA LEU A 56 16.54 -3.02 12.94
C LEU A 56 16.58 -2.78 14.44
N GLU A 57 17.55 -3.39 15.12
CA GLU A 57 17.69 -3.24 16.56
C GLU A 57 18.32 -1.89 16.91
N ASN A 58 18.66 -1.13 15.88
CA ASN A 58 19.28 0.18 16.07
C ASN A 58 18.34 1.29 15.62
N PRO A 59 17.31 1.57 16.44
CA PRO A 59 16.32 2.61 16.15
C PRO A 59 16.91 4.02 16.26
N ALA A 60 17.52 4.49 15.17
CA ALA A 60 18.12 5.81 15.14
C ALA A 60 18.55 6.19 13.73
N ASP A 61 19.04 5.21 12.98
CA ASP A 61 19.49 5.44 11.61
C ASP A 61 18.34 5.27 10.63
N LEU A 62 17.91 4.02 10.45
CA LEU A 62 16.81 3.73 9.53
C LEU A 62 15.60 4.60 9.84
N GLU A 63 15.38 5.62 9.03
CA GLU A 63 14.26 6.52 9.21
C GLU A 63 13.83 7.16 7.89
N MET B 1 14.38 -16.57 -5.35
CA MET B 1 14.04 -15.37 -4.62
C MET B 1 13.56 -15.70 -3.21
N LEU B 2 14.26 -15.15 -2.21
CA LEU B 2 13.91 -15.38 -0.82
C LEU B 2 13.58 -14.08 -0.11
N MET B 3 12.36 -13.98 0.40
CA MET B 3 11.92 -12.78 1.11
C MET B 3 12.82 -12.50 2.30
N ILE B 4 13.49 -11.34 2.28
CA ILE B 4 14.39 -10.95 3.35
C ILE B 4 13.60 -10.48 4.57
N THR B 5 12.63 -9.61 4.35
CA THR B 5 11.81 -9.09 5.43
C THR B 5 10.71 -8.17 4.91
N SER B 6 9.96 -7.56 5.81
CA SER B 6 8.87 -6.66 5.44
C SER B 6 8.90 -5.40 6.28
N PHE B 7 8.61 -4.27 5.64
CA PHE B 7 8.60 -2.98 6.33
C PHE B 7 7.32 -2.20 6.03
N ALA B 8 7.02 -1.22 6.86
CA ALA B 8 5.82 -0.40 6.68
C ALA B 8 6.19 1.06 6.49
N ASN B 9 7.31 1.31 5.83
CA ASN B 9 7.77 2.67 5.58
C ASN B 9 8.72 2.71 4.38
N PRO B 10 8.57 3.74 3.54
CA PRO B 10 9.42 3.92 2.35
C PRO B 10 10.86 4.29 2.70
N ARG B 11 11.01 5.27 3.58
CA ARG B 11 12.32 5.72 4.02
C ARG B 11 13.17 4.55 4.50
N VAL B 12 12.56 3.70 5.34
CA VAL B 12 13.26 2.55 5.89
C VAL B 12 13.58 1.53 4.79
N ALA B 13 12.56 1.15 4.03
CA ALA B 13 12.74 0.19 2.94
C ALA B 13 13.90 0.60 2.04
N GLN B 14 13.79 1.77 1.42
CA GLN B 14 14.82 2.27 0.53
C GLN B 14 16.16 2.34 1.24
N ALA B 15 16.15 2.86 2.47
CA ALA B 15 17.38 2.98 3.26
C ALA B 15 18.06 1.63 3.42
N PHE B 16 17.28 0.61 3.78
CA PHE B 16 17.83 -0.73 3.97
C PHE B 16 18.48 -1.25 2.70
N VAL B 17 17.71 -1.30 1.62
CA VAL B 17 18.21 -1.76 0.33
C VAL B 17 19.37 -0.89 -0.15
N ASP B 18 19.41 0.35 0.31
CA ASP B 18 20.46 1.28 -0.07
C ASP B 18 21.80 0.84 0.50
N TYR B 19 21.88 0.74 1.82
CA TYR B 19 23.11 0.34 2.49
C TYR B 19 23.48 -1.10 2.12
N MET B 20 22.47 -1.88 1.73
CA MET B 20 22.70 -3.27 1.34
C MET B 20 23.33 -3.36 -0.05
N ALA B 21 22.86 -2.50 -0.96
CA ALA B 21 23.39 -2.48 -2.31
C ALA B 21 24.82 -1.98 -2.34
N THR B 22 25.10 -0.95 -1.55
CA THR B 22 26.44 -0.37 -1.49
C THR B 22 27.41 -1.32 -0.81
N GLN B 23 26.88 -2.34 -0.15
CA GLN B 23 27.70 -3.32 0.55
C GLN B 23 28.00 -4.52 -0.35
N GLY B 24 27.43 -4.52 -1.54
CA GLY B 24 27.66 -5.61 -2.48
C GLY B 24 26.50 -6.58 -2.53
N VAL B 25 25.38 -6.19 -1.94
CA VAL B 25 24.20 -7.03 -1.91
C VAL B 25 22.97 -6.29 -2.45
N ILE B 26 22.48 -6.73 -3.60
CA ILE B 26 21.32 -6.11 -4.22
C ILE B 26 20.02 -6.59 -3.58
N LEU B 27 19.14 -5.66 -3.26
CA LEU B 27 17.86 -5.99 -2.65
C LEU B 27 16.70 -5.41 -3.44
N THR B 28 15.50 -5.94 -3.22
CA THR B 28 14.31 -5.47 -3.92
C THR B 28 13.20 -5.11 -2.94
N ILE B 29 12.42 -4.09 -3.29
CA ILE B 29 11.32 -3.65 -2.43
C ILE B 29 10.00 -3.65 -3.19
N GLN B 30 8.92 -4.01 -2.51
CA GLN B 30 7.60 -4.04 -3.12
C GLN B 30 6.63 -3.15 -2.35
N GLN B 31 6.34 -1.97 -2.90
CA GLN B 31 5.43 -1.04 -2.27
C GLN B 31 3.99 -1.33 -2.67
N HIS B 32 3.24 -1.95 -1.77
CA HIS B 32 1.85 -2.29 -2.02
C HIS B 32 1.05 -1.05 -2.40
N ASN B 33 -0.22 -1.25 -2.77
CA ASN B 33 -1.09 -0.15 -3.16
C ASN B 33 -2.55 -0.57 -3.11
N GLN B 34 -3.28 -0.06 -2.12
CA GLN B 34 -4.69 -0.38 -1.96
C GLN B 34 -5.44 0.79 -1.33
N SER B 35 -6.43 1.30 -2.05
CA SER B 35 -7.23 2.42 -1.55
C SER B 35 -8.63 1.96 -1.16
N ASP B 36 -8.83 1.69 0.12
CA ASP B 36 -10.12 1.25 0.63
C ASP B 36 -11.05 2.44 0.86
N VAL B 37 -12.27 2.34 0.34
CA VAL B 37 -13.26 3.40 0.50
C VAL B 37 -14.23 3.09 1.63
N TRP B 38 -14.37 4.03 2.55
CA TRP B 38 -15.28 3.86 3.68
C TRP B 38 -16.13 5.10 3.90
N LEU B 39 -17.40 4.90 4.24
CA LEU B 39 -18.31 6.00 4.48
C LEU B 39 -18.65 6.13 5.96
N ALA B 40 -19.01 7.34 6.39
CA ALA B 40 -19.36 7.59 7.78
C ALA B 40 -20.87 7.63 7.96
N ASP B 41 -21.57 8.11 6.94
CA ASP B 41 -23.02 8.22 6.99
C ASP B 41 -23.67 6.94 6.45
N GLU B 42 -23.92 5.99 7.34
CA GLU B 42 -24.53 4.72 6.95
C GLU B 42 -25.79 4.97 6.11
N SER B 43 -26.57 5.97 6.49
CA SER B 43 -27.80 6.30 5.78
C SER B 43 -27.51 6.53 4.30
N GLN B 44 -26.34 7.08 4.00
CA GLN B 44 -25.95 7.34 2.62
C GLN B 44 -25.23 6.14 2.01
N ALA B 45 -24.83 5.21 2.86
CA ALA B 45 -24.13 4.01 2.41
C ALA B 45 -24.85 3.39 1.21
N GLU B 46 -26.17 3.42 1.23
CA GLU B 46 -26.96 2.87 0.14
C GLU B 46 -26.78 3.69 -1.14
N ARG B 47 -26.86 5.00 -1.01
CA ARG B 47 -26.72 5.90 -2.14
C ARG B 47 -25.33 5.75 -2.78
N VAL B 48 -24.29 5.86 -1.96
CA VAL B 48 -22.92 5.73 -2.43
C VAL B 48 -22.70 4.39 -3.11
N ARG B 49 -23.29 3.35 -2.55
CA ARG B 49 -23.15 2.00 -3.10
C ARG B 49 -23.69 1.94 -4.52
N ALA B 50 -24.93 2.41 -4.71
CA ALA B 50 -25.56 2.40 -6.02
C ALA B 50 -24.73 3.21 -7.02
N GLU B 51 -24.49 4.48 -6.70
CA GLU B 51 -23.72 5.35 -7.58
C GLU B 51 -22.35 4.76 -7.87
N LEU B 52 -21.66 4.32 -6.82
CA LEU B 52 -20.33 3.73 -6.96
C LEU B 52 -20.34 2.63 -8.02
N ALA B 53 -21.29 1.70 -7.90
CA ALA B 53 -21.40 0.60 -8.85
C ALA B 53 -21.66 1.12 -10.26
N ARG B 54 -22.50 2.14 -10.36
CA ARG B 54 -22.83 2.73 -11.65
C ARG B 54 -21.61 3.41 -12.27
N PHE B 55 -20.68 3.83 -11.43
CA PHE B 55 -19.47 4.50 -11.90
C PHE B 55 -18.38 3.49 -12.22
N LEU B 56 -18.22 2.50 -11.36
CA LEU B 56 -17.22 1.46 -11.56
C LEU B 56 -17.44 0.73 -12.88
N GLU B 57 -18.69 0.60 -13.26
CA GLU B 57 -19.04 -0.08 -14.51
C GLU B 57 -18.80 0.84 -15.71
N ASN B 58 -18.36 2.07 -15.44
CA ASN B 58 -18.10 3.04 -16.49
C ASN B 58 -16.61 3.35 -16.57
N PRO B 59 -15.84 2.39 -17.12
CA PRO B 59 -14.38 2.55 -17.28
C PRO B 59 -14.02 3.59 -18.33
N ALA B 60 -13.93 4.85 -17.90
CA ALA B 60 -13.58 5.94 -18.80
C ALA B 60 -13.36 7.24 -18.04
N ASP B 61 -14.16 7.45 -17.00
CA ASP B 61 -14.05 8.66 -16.19
C ASP B 61 -13.08 8.44 -15.03
N LEU B 62 -13.45 7.58 -14.09
CA LEU B 62 -12.62 7.30 -12.94
C LEU B 62 -11.22 6.87 -13.37
N GLU B 63 -10.27 7.78 -13.27
CA GLU B 63 -8.89 7.50 -13.65
C GLU B 63 -7.91 8.34 -12.84
N MET A 1 -19.18 3.69 10.98
CA MET A 1 -18.40 3.68 9.75
C MET A 1 -18.59 2.37 8.99
N LEU A 2 -19.05 2.47 7.75
CA LEU A 2 -19.28 1.29 6.92
C LEU A 2 -18.44 1.36 5.64
N MET A 3 -17.56 0.37 5.48
CA MET A 3 -16.70 0.31 4.31
C MET A 3 -17.53 0.26 3.02
N ILE A 4 -17.35 1.28 2.18
CA ILE A 4 -18.08 1.36 0.93
C ILE A 4 -17.51 0.40 -0.10
N THR A 5 -16.19 0.44 -0.28
CA THR A 5 -15.52 -0.45 -1.23
C THR A 5 -14.01 -0.26 -1.17
N SER A 6 -13.28 -1.10 -1.91
CA SER A 6 -11.83 -1.04 -1.94
C SER A 6 -11.33 -0.83 -3.37
N PHE A 7 -10.26 -0.06 -3.51
CA PHE A 7 -9.68 0.21 -4.82
C PHE A 7 -8.15 0.05 -4.78
N ALA A 8 -7.58 -0.30 -5.93
CA ALA A 8 -6.14 -0.48 -6.03
C ALA A 8 -5.50 0.63 -6.86
N ASN A 9 -6.12 1.81 -6.84
CA ASN A 9 -5.61 2.94 -7.59
C ASN A 9 -6.02 4.26 -6.92
N PRO A 10 -5.09 5.22 -6.88
CA PRO A 10 -5.34 6.53 -6.27
C PRO A 10 -6.30 7.38 -7.09
N ARG A 11 -6.06 7.45 -8.40
CA ARG A 11 -6.92 8.22 -9.29
C ARG A 11 -8.38 7.84 -9.12
N VAL A 12 -8.65 6.54 -9.13
CA VAL A 12 -10.01 6.04 -8.97
C VAL A 12 -10.57 6.38 -7.59
N ALA A 13 -9.80 6.05 -6.56
CA ALA A 13 -10.20 6.33 -5.18
C ALA A 13 -10.54 7.80 -5.00
N GLN A 14 -9.56 8.66 -5.19
CA GLN A 14 -9.75 10.10 -5.04
C GLN A 14 -10.92 10.58 -5.89
N ALA A 15 -11.00 10.09 -7.13
CA ALA A 15 -12.06 10.47 -8.04
C ALA A 15 -13.43 10.09 -7.46
N PHE A 16 -13.52 8.90 -6.89
CA PHE A 16 -14.76 8.41 -6.31
C PHE A 16 -15.18 9.28 -5.12
N VAL A 17 -14.34 9.28 -4.08
CA VAL A 17 -14.62 10.07 -2.88
C VAL A 17 -14.84 11.53 -3.22
N ASP A 18 -14.25 11.97 -4.32
CA ASP A 18 -14.38 13.35 -4.76
C ASP A 18 -15.78 13.63 -5.27
N TYR A 19 -16.19 12.90 -6.31
CA TYR A 19 -17.51 13.07 -6.90
C TYR A 19 -18.61 12.86 -5.84
N MET A 20 -18.32 11.98 -4.89
CA MET A 20 -19.29 11.67 -3.83
C MET A 20 -19.34 12.81 -2.81
N ALA A 21 -18.17 13.39 -2.50
CA ALA A 21 -18.09 14.48 -1.55
C ALA A 21 -18.84 15.70 -2.04
N THR A 22 -18.74 15.98 -3.34
CA THR A 22 -19.41 17.11 -3.94
C THR A 22 -20.89 16.83 -4.15
N GLN A 23 -21.27 15.57 -4.02
CA GLN A 23 -22.67 15.17 -4.20
C GLN A 23 -23.43 15.23 -2.88
N GLY A 24 -22.73 15.64 -1.82
CA GLY A 24 -23.36 15.73 -0.51
C GLY A 24 -23.01 14.56 0.38
N VAL A 25 -22.30 13.59 -0.17
CA VAL A 25 -21.91 12.41 0.59
C VAL A 25 -20.41 12.42 0.89
N ILE A 26 -20.06 12.56 2.16
CA ILE A 26 -18.67 12.58 2.57
C ILE A 26 -18.09 11.17 2.65
N LEU A 27 -16.94 10.97 2.01
CA LEU A 27 -16.28 9.67 2.00
C LEU A 27 -14.83 9.79 2.46
N THR A 28 -14.24 8.67 2.85
CA THR A 28 -12.86 8.64 3.31
C THR A 28 -12.04 7.60 2.55
N ILE A 29 -10.79 7.92 2.29
CA ILE A 29 -9.90 7.00 1.58
C ILE A 29 -8.72 6.58 2.45
N GLN A 30 -8.32 5.31 2.33
CA GLN A 30 -7.20 4.79 3.11
C GLN A 30 -6.10 4.28 2.19
N GLN A 31 -5.04 5.07 2.06
CA GLN A 31 -3.91 4.70 1.22
C GLN A 31 -2.88 3.88 2.00
N HIS A 32 -2.82 2.58 1.72
CA HIS A 32 -1.88 1.71 2.40
C HIS A 32 -0.46 2.25 2.32
N ASN A 33 0.46 1.62 3.04
CA ASN A 33 1.85 2.05 3.06
C ASN A 33 2.74 0.97 3.65
N GLN A 34 3.71 0.51 2.86
CA GLN A 34 4.64 -0.53 3.30
C GLN A 34 5.87 -0.58 2.40
N SER A 35 6.79 -1.48 2.72
CA SER A 35 8.02 -1.63 1.96
C SER A 35 8.66 -2.98 2.22
N ASP A 36 8.50 -3.90 1.28
CA ASP A 36 9.07 -5.24 1.41
C ASP A 36 10.48 -5.28 0.84
N VAL A 37 11.42 -5.76 1.65
CA VAL A 37 12.81 -5.86 1.23
C VAL A 37 13.16 -7.27 0.78
N TRP A 38 13.58 -7.41 -0.47
CA TRP A 38 13.93 -8.71 -1.01
C TRP A 38 15.33 -8.67 -1.66
N LEU A 39 16.08 -9.76 -1.51
CA LEU A 39 17.42 -9.84 -2.07
C LEU A 39 17.49 -10.93 -3.13
N ALA A 40 18.38 -10.74 -4.10
CA ALA A 40 18.56 -11.71 -5.17
C ALA A 40 19.78 -12.60 -4.92
N ASP A 41 20.78 -12.04 -4.25
CA ASP A 41 22.00 -12.78 -3.95
C ASP A 41 21.85 -13.55 -2.64
N GLU A 42 21.37 -14.79 -2.75
CA GLU A 42 21.18 -15.64 -1.58
C GLU A 42 22.42 -15.65 -0.71
N SER A 43 23.59 -15.76 -1.34
CA SER A 43 24.86 -15.78 -0.61
C SER A 43 25.00 -14.53 0.25
N GLN A 44 24.48 -13.42 -0.23
CA GLN A 44 24.55 -12.16 0.50
C GLN A 44 23.42 -12.05 1.52
N ALA A 45 22.41 -12.91 1.38
CA ALA A 45 21.28 -12.90 2.28
C ALA A 45 21.73 -13.00 3.73
N GLU A 46 22.78 -13.79 3.98
CA GLU A 46 23.31 -13.95 5.32
C GLU A 46 23.89 -12.65 5.86
N ARG A 47 24.74 -12.02 5.06
CA ARG A 47 25.37 -10.76 5.45
C ARG A 47 24.30 -9.70 5.76
N VAL A 48 23.44 -9.44 4.78
CA VAL A 48 22.39 -8.45 4.94
C VAL A 48 21.53 -8.76 6.17
N ARG A 49 21.29 -10.04 6.41
CA ARG A 49 20.50 -10.47 7.55
C ARG A 49 21.11 -9.99 8.87
N ALA A 50 22.39 -10.30 9.06
CA ALA A 50 23.11 -9.90 10.26
C ALA A 50 23.11 -8.39 10.43
N GLU A 51 23.61 -7.69 9.42
CA GLU A 51 23.66 -6.23 9.45
C GLU A 51 22.28 -5.64 9.69
N LEU A 52 21.30 -6.11 8.93
CA LEU A 52 19.93 -5.62 9.06
C LEU A 52 19.47 -5.67 10.51
N ALA A 53 19.65 -6.82 11.14
CA ALA A 53 19.27 -7.01 12.54
C ALA A 53 20.00 -6.02 13.44
N ARG A 54 21.30 -5.86 13.22
CA ARG A 54 22.11 -4.95 14.01
C ARG A 54 21.72 -3.49 13.74
N PHE A 55 21.06 -3.27 12.60
CA PHE A 55 20.64 -1.93 12.22
C PHE A 55 19.25 -1.62 12.78
N LEU A 56 18.35 -2.59 12.68
CA LEU A 56 16.99 -2.43 13.17
C LEU A 56 16.98 -2.06 14.65
N GLU A 57 17.96 -2.58 15.39
CA GLU A 57 18.07 -2.31 16.82
C GLU A 57 18.64 -0.92 17.07
N ASN A 58 18.97 -0.22 15.99
CA ASN A 58 19.53 1.13 16.08
C ASN A 58 18.58 2.15 15.47
N PRO A 59 17.44 2.38 16.15
CA PRO A 59 16.43 3.33 15.70
C PRO A 59 16.90 4.77 15.83
N ALA A 60 17.73 5.22 14.90
CA ALA A 60 18.25 6.58 14.91
C ALA A 60 18.45 7.10 13.49
N ASP A 61 19.20 6.36 12.69
CA ASP A 61 19.48 6.75 11.31
C ASP A 61 18.42 6.19 10.37
N LEU A 62 18.11 4.91 10.54
CA LEU A 62 17.11 4.25 9.71
C LEU A 62 15.82 5.06 9.65
N GLU A 63 15.57 5.84 10.69
CA GLU A 63 14.37 6.68 10.75
C GLU A 63 14.21 7.49 9.47
N MET B 1 15.46 -15.37 -5.47
CA MET B 1 15.08 -14.20 -4.69
C MET B 1 14.62 -14.60 -3.29
N LEU B 2 15.29 -14.07 -2.28
CA LEU B 2 14.95 -14.37 -0.90
C LEU B 2 14.59 -13.10 -0.14
N MET B 3 13.36 -13.05 0.37
CA MET B 3 12.89 -11.89 1.12
C MET B 3 13.79 -11.63 2.32
N ILE B 4 14.41 -10.45 2.34
CA ILE B 4 15.30 -10.07 3.44
C ILE B 4 14.50 -9.69 4.68
N THR B 5 13.50 -8.83 4.50
CA THR B 5 12.67 -8.39 5.61
C THR B 5 11.52 -7.50 5.12
N SER B 6 10.64 -7.12 6.03
CA SER B 6 9.51 -6.27 5.69
C SER B 6 9.48 -5.02 6.56
N PHE B 7 9.29 -3.87 5.94
CA PHE B 7 9.25 -2.61 6.65
C PHE B 7 7.96 -1.84 6.33
N ALA B 8 7.64 -0.88 7.19
CA ALA B 8 6.43 -0.07 7.00
C ALA B 8 6.77 1.41 6.90
N ASN B 9 7.91 1.71 6.27
CA ASN B 9 8.35 3.09 6.11
C ASN B 9 9.37 3.21 4.98
N PRO B 10 9.25 4.27 4.18
CA PRO B 10 10.15 4.53 3.05
C PRO B 10 11.56 4.90 3.50
N ARG B 11 11.64 5.82 4.46
CA ARG B 11 12.92 6.26 4.99
C ARG B 11 13.78 5.07 5.41
N VAL B 12 13.19 4.17 6.19
CA VAL B 12 13.90 2.99 6.66
C VAL B 12 14.26 2.06 5.50
N ALA B 13 13.26 1.70 4.70
CA ALA B 13 13.47 0.82 3.56
C ALA B 13 14.61 1.33 2.68
N GLN B 14 14.47 2.56 2.21
CA GLN B 14 15.49 3.17 1.35
C GLN B 14 16.84 3.23 2.07
N ALA B 15 16.83 3.76 3.28
CA ALA B 15 18.05 3.88 4.07
C ALA B 15 18.78 2.54 4.16
N PHE B 16 18.03 1.49 4.48
CA PHE B 16 18.60 0.16 4.60
C PHE B 16 19.26 -0.27 3.29
N VAL B 17 18.47 -0.35 2.23
CA VAL B 17 18.99 -0.74 0.92
C VAL B 17 20.10 0.19 0.47
N ASP B 18 20.13 1.39 1.03
CA ASP B 18 21.15 2.37 0.69
C ASP B 18 22.51 1.96 1.23
N TYR B 19 22.60 1.82 2.55
CA TYR B 19 23.85 1.42 3.19
C TYR B 19 24.31 0.06 2.70
N MET B 20 23.35 -0.80 2.36
CA MET B 20 23.66 -2.13 1.88
C MET B 20 24.13 -2.10 0.42
N ALA B 21 23.53 -1.21 -0.36
CA ALA B 21 23.89 -1.07 -1.77
C ALA B 21 25.31 -0.57 -1.93
N THR B 22 25.70 0.36 -1.05
CA THR B 22 27.04 0.94 -1.09
C THR B 22 28.07 -0.02 -0.51
N GLN B 23 27.59 -1.06 0.16
CA GLN B 23 28.46 -2.05 0.77
C GLN B 23 28.76 -3.18 -0.20
N GLY B 24 28.19 -3.10 -1.40
CA GLY B 24 28.41 -4.13 -2.40
C GLY B 24 27.25 -5.09 -2.52
N VAL B 25 26.26 -4.92 -1.64
CA VAL B 25 25.08 -5.78 -1.64
C VAL B 25 23.85 -5.03 -2.16
N ILE B 26 23.37 -5.43 -3.32
CA ILE B 26 22.19 -4.80 -3.92
C ILE B 26 20.90 -5.35 -3.31
N LEU B 27 19.99 -4.45 -2.97
CA LEU B 27 18.72 -4.84 -2.38
C LEU B 27 17.55 -4.23 -3.14
N THR B 28 16.36 -4.79 -2.96
CA THR B 28 15.16 -4.32 -3.63
C THR B 28 14.05 -4.01 -2.64
N ILE B 29 13.24 -3.00 -2.94
CA ILE B 29 12.13 -2.63 -2.08
C ILE B 29 10.82 -2.61 -2.84
N GLN B 30 9.74 -3.02 -2.17
CA GLN B 30 8.42 -3.06 -2.78
C GLN B 30 7.43 -2.21 -2.00
N GLN B 31 7.14 -1.03 -2.51
CA GLN B 31 6.20 -0.12 -1.85
C GLN B 31 4.76 -0.44 -2.23
N HIS B 32 4.00 -0.93 -1.26
CA HIS B 32 2.60 -1.29 -1.50
C HIS B 32 1.81 -0.09 -2.02
N ASN B 33 0.55 -0.31 -2.34
CA ASN B 33 -0.32 0.75 -2.85
C ASN B 33 -1.77 0.29 -2.91
N GLN B 34 -2.66 1.07 -2.30
CA GLN B 34 -4.08 0.73 -2.29
C GLN B 34 -4.91 1.95 -1.87
N SER B 35 -6.22 1.76 -1.81
CA SER B 35 -7.13 2.84 -1.44
C SER B 35 -8.48 2.28 -0.99
N ASP B 36 -8.70 2.26 0.32
CA ASP B 36 -9.96 1.75 0.88
C ASP B 36 -10.96 2.89 1.08
N VAL B 37 -12.16 2.71 0.56
CA VAL B 37 -13.20 3.72 0.68
C VAL B 37 -14.20 3.34 1.78
N TRP B 38 -14.30 4.19 2.79
CA TRP B 38 -15.21 3.95 3.91
C TRP B 38 -16.12 5.15 4.13
N LEU B 39 -17.39 4.88 4.41
CA LEU B 39 -18.36 5.94 4.64
C LEU B 39 -18.76 6.00 6.11
N ALA B 40 -19.16 7.18 6.57
CA ALA B 40 -19.57 7.37 7.96
C ALA B 40 -21.09 7.44 8.08
N ASP B 41 -21.74 7.92 7.03
CA ASP B 41 -23.19 8.04 7.02
C ASP B 41 -23.83 6.78 6.47
N GLU B 42 -24.17 5.85 7.37
CA GLU B 42 -24.79 4.59 6.97
C GLU B 42 -25.96 4.84 6.02
N SER B 43 -26.78 5.83 6.35
CA SER B 43 -27.93 6.17 5.53
C SER B 43 -27.52 6.48 4.10
N GLN B 44 -26.33 7.07 3.94
CA GLN B 44 -25.82 7.42 2.63
C GLN B 44 -25.12 6.22 1.98
N ALA B 45 -24.83 5.20 2.78
CA ALA B 45 -24.18 4.00 2.29
C ALA B 45 -24.93 3.42 1.10
N GLU B 46 -26.26 3.46 1.16
CA GLU B 46 -27.10 2.92 0.10
C GLU B 46 -26.90 3.72 -1.19
N ARG B 47 -26.94 5.05 -1.07
CA ARG B 47 -26.76 5.92 -2.22
C ARG B 47 -25.41 5.69 -2.89
N VAL B 48 -24.34 5.84 -2.11
CA VAL B 48 -22.99 5.64 -2.63
C VAL B 48 -22.84 4.26 -3.26
N ARG B 49 -23.42 3.26 -2.62
CA ARG B 49 -23.35 1.89 -3.14
C ARG B 49 -23.90 1.80 -4.55
N ALA B 50 -25.15 2.22 -4.73
CA ALA B 50 -25.80 2.20 -6.03
C ALA B 50 -25.00 3.00 -7.06
N GLU B 51 -24.85 4.30 -6.80
CA GLU B 51 -24.12 5.18 -7.69
C GLU B 51 -22.75 4.59 -8.03
N LEU B 52 -22.04 4.13 -7.01
CA LEU B 52 -20.72 3.54 -7.20
C LEU B 52 -20.76 2.42 -8.25
N ALA B 53 -21.70 1.50 -8.08
CA ALA B 53 -21.85 0.38 -9.01
C ALA B 53 -22.07 0.89 -10.43
N ARG B 54 -22.84 1.97 -10.57
CA ARG B 54 -23.12 2.55 -11.87
C ARG B 54 -21.94 3.39 -12.37
N PHE B 55 -21.07 3.76 -11.44
CA PHE B 55 -19.91 4.57 -11.77
C PHE B 55 -18.73 3.68 -12.19
N LEU B 56 -18.60 2.54 -11.53
CA LEU B 56 -17.53 1.60 -11.83
C LEU B 56 -17.57 1.17 -13.30
N GLU B 57 -18.77 1.02 -13.83
CA GLU B 57 -18.96 0.62 -15.23
C GLU B 57 -18.72 1.80 -16.16
N ASN B 58 -18.41 2.95 -15.58
CA ASN B 58 -18.16 4.16 -16.38
C ASN B 58 -16.71 4.58 -16.28
N PRO B 59 -15.83 3.84 -17.00
CA PRO B 59 -14.39 4.12 -17.02
C PRO B 59 -14.06 5.42 -17.75
N ALA B 60 -14.28 6.54 -17.09
CA ALA B 60 -14.00 7.85 -17.68
C ALA B 60 -13.35 8.78 -16.65
N ASP B 61 -14.05 9.03 -15.56
CA ASP B 61 -13.54 9.91 -14.51
C ASP B 61 -12.64 9.15 -13.56
N LEU B 62 -13.12 7.98 -13.10
CA LEU B 62 -12.36 7.16 -12.18
C LEU B 62 -10.93 6.95 -12.68
N GLU B 63 -10.80 6.46 -13.91
CA GLU B 63 -9.48 6.23 -14.50
C GLU B 63 -8.61 7.47 -14.40
N MET A 1 -19.12 3.48 11.17
CA MET A 1 -18.37 3.48 9.92
C MET A 1 -18.61 2.19 9.14
N LEU A 2 -19.09 2.33 7.91
CA LEU A 2 -19.36 1.17 7.07
C LEU A 2 -18.54 1.23 5.79
N MET A 3 -17.72 0.20 5.55
CA MET A 3 -16.89 0.14 4.37
C MET A 3 -17.74 0.21 3.10
N ILE A 4 -17.39 1.15 2.22
CA ILE A 4 -18.12 1.32 0.97
C ILE A 4 -17.59 0.39 -0.11
N THR A 5 -16.27 0.36 -0.27
CA THR A 5 -15.64 -0.48 -1.27
C THR A 5 -14.11 -0.39 -1.19
N SER A 6 -13.43 -1.03 -2.13
CA SER A 6 -11.97 -1.02 -2.17
C SER A 6 -11.46 -0.77 -3.58
N PHE A 7 -10.30 -0.14 -3.68
CA PHE A 7 -9.71 0.16 -4.98
C PHE A 7 -8.21 -0.13 -4.97
N ALA A 8 -7.59 -0.10 -6.15
CA ALA A 8 -6.16 -0.37 -6.27
C ALA A 8 -5.46 0.79 -6.98
N ASN A 9 -6.12 1.94 -7.04
CA ASN A 9 -5.55 3.11 -7.68
C ASN A 9 -5.99 4.39 -6.98
N PRO A 10 -5.06 5.36 -6.86
CA PRO A 10 -5.33 6.63 -6.21
C PRO A 10 -6.27 7.51 -7.02
N ARG A 11 -6.01 7.61 -8.33
CA ARG A 11 -6.85 8.42 -9.20
C ARG A 11 -8.32 8.06 -9.05
N VAL A 12 -8.61 6.76 -9.05
CA VAL A 12 -9.98 6.28 -8.90
C VAL A 12 -10.54 6.61 -7.52
N ALA A 13 -9.83 6.17 -6.49
CA ALA A 13 -10.24 6.42 -5.11
C ALA A 13 -10.62 7.89 -4.91
N GLN A 14 -9.65 8.78 -5.12
CA GLN A 14 -9.86 10.20 -4.95
C GLN A 14 -11.03 10.67 -5.83
N ALA A 15 -11.00 10.30 -7.10
CA ALA A 15 -12.04 10.68 -8.03
C ALA A 15 -13.43 10.32 -7.49
N PHE A 16 -13.54 9.10 -6.97
CA PHE A 16 -14.82 8.64 -6.42
C PHE A 16 -15.28 9.53 -5.27
N VAL A 17 -14.48 9.57 -4.21
CA VAL A 17 -14.80 10.40 -3.04
C VAL A 17 -14.99 11.85 -3.44
N ASP A 18 -14.39 12.25 -4.56
CA ASP A 18 -14.49 13.62 -5.04
C ASP A 18 -15.90 13.92 -5.55
N TYR A 19 -16.33 13.15 -6.55
CA TYR A 19 -17.66 13.34 -7.12
C TYR A 19 -18.75 13.10 -6.07
N MET A 20 -18.43 12.31 -5.06
CA MET A 20 -19.37 12.00 -3.99
C MET A 20 -19.50 13.17 -3.03
N ALA A 21 -18.35 13.73 -2.63
CA ALA A 21 -18.34 14.87 -1.72
C ALA A 21 -19.05 16.07 -2.32
N THR A 22 -18.80 16.33 -3.59
CA THR A 22 -19.42 17.45 -4.29
C THR A 22 -20.90 17.21 -4.52
N GLN A 23 -21.34 15.96 -4.31
CA GLN A 23 -22.73 15.59 -4.50
C GLN A 23 -23.48 15.62 -3.18
N GLY A 24 -22.76 15.88 -2.10
CA GLY A 24 -23.37 15.92 -0.78
C GLY A 24 -23.11 14.65 0.03
N VAL A 25 -22.12 13.88 -0.41
CA VAL A 25 -21.77 12.64 0.27
C VAL A 25 -20.29 12.58 0.60
N ILE A 26 -19.97 12.63 1.89
CA ILE A 26 -18.58 12.59 2.34
C ILE A 26 -18.07 11.16 2.41
N LEU A 27 -16.88 10.94 1.87
CA LEU A 27 -16.28 9.60 1.88
C LEU A 27 -14.83 9.66 2.36
N THR A 28 -14.29 8.51 2.76
CA THR A 28 -12.92 8.43 3.23
C THR A 28 -12.14 7.36 2.49
N ILE A 29 -10.85 7.60 2.30
CA ILE A 29 -9.98 6.65 1.60
C ILE A 29 -8.79 6.26 2.46
N GLN A 30 -8.36 5.00 2.35
CA GLN A 30 -7.23 4.52 3.11
C GLN A 30 -6.16 3.93 2.18
N GLN A 31 -5.08 4.70 1.99
CA GLN A 31 -3.99 4.26 1.12
C GLN A 31 -3.01 3.38 1.89
N HIS A 32 -3.14 2.07 1.72
CA HIS A 32 -2.27 1.12 2.40
C HIS A 32 -0.81 1.48 2.19
N ASN A 33 0.05 1.02 3.09
CA ASN A 33 1.48 1.30 3.00
C ASN A 33 2.30 0.13 3.53
N GLN A 34 1.86 -1.09 3.21
CA GLN A 34 2.56 -2.29 3.66
C GLN A 34 3.71 -2.63 2.71
N SER A 35 4.89 -2.80 3.28
CA SER A 35 6.08 -3.14 2.49
C SER A 35 6.43 -4.61 2.62
N ASP A 36 6.05 -5.39 1.61
CA ASP A 36 6.32 -6.82 1.60
C ASP A 36 7.75 -7.10 1.14
N VAL A 37 8.48 -7.89 1.92
CA VAL A 37 9.85 -8.24 1.59
C VAL A 37 9.92 -9.62 0.95
N TRP A 38 10.49 -9.68 -0.24
CA TRP A 38 10.63 -10.95 -0.96
C TRP A 38 12.06 -11.14 -1.47
N LEU A 39 12.52 -12.38 -1.48
CA LEU A 39 13.86 -12.69 -1.95
C LEU A 39 13.82 -13.58 -3.19
N ALA A 40 14.87 -13.51 -3.99
CA ALA A 40 14.96 -14.31 -5.21
C ALA A 40 15.90 -15.50 -5.02
N ASP A 41 16.91 -15.32 -4.18
CA ASP A 41 17.87 -16.37 -3.91
C ASP A 41 17.44 -17.23 -2.72
N GLU A 42 16.70 -18.31 -3.01
CA GLU A 42 16.22 -19.20 -1.97
C GLU A 42 17.34 -19.58 -1.02
N SER A 43 18.51 -19.86 -1.58
CA SER A 43 19.67 -20.25 -0.78
C SER A 43 19.95 -19.24 0.31
N GLN A 44 19.74 -17.96 -0.01
CA GLN A 44 19.97 -16.88 0.96
C GLN A 44 18.73 -16.65 1.82
N ALA A 45 17.60 -17.22 1.38
CA ALA A 45 16.35 -17.07 2.12
C ALA A 45 16.52 -17.48 3.58
N GLU A 46 17.47 -18.37 3.84
CA GLU A 46 17.73 -18.84 5.19
C GLU A 46 18.55 -17.81 5.98
N ARG A 47 19.67 -17.39 5.40
CA ARG A 47 20.54 -16.41 6.05
C ARG A 47 19.78 -15.11 6.32
N VAL A 48 18.89 -14.75 5.41
CA VAL A 48 18.10 -13.53 5.54
C VAL A 48 17.03 -13.69 6.61
N ARG A 49 16.39 -14.86 6.63
CA ARG A 49 15.35 -15.13 7.61
C ARG A 49 15.87 -15.02 9.03
N ALA A 50 17.07 -15.56 9.26
CA ALA A 50 17.69 -15.52 10.58
C ALA A 50 18.09 -14.10 10.94
N GLU A 51 18.92 -13.49 10.10
CA GLU A 51 19.38 -12.13 10.34
C GLU A 51 18.21 -11.17 10.50
N LEU A 52 17.18 -11.37 9.68
CA LEU A 52 15.98 -10.53 9.72
C LEU A 52 15.29 -10.64 11.09
N ALA A 53 15.03 -11.87 11.51
CA ALA A 53 14.37 -12.10 12.79
C ALA A 53 15.18 -11.52 13.94
N ARG A 54 16.50 -11.49 13.77
CA ARG A 54 17.39 -10.96 14.80
C ARG A 54 17.39 -9.43 14.78
N PHE A 55 17.15 -8.86 13.61
CA PHE A 55 17.13 -7.42 13.45
C PHE A 55 15.78 -6.85 13.85
N LEU A 56 14.71 -7.56 13.49
CA LEU A 56 13.36 -7.12 13.82
C LEU A 56 13.20 -6.91 15.31
N GLU A 57 13.80 -7.80 16.10
CA GLU A 57 13.72 -7.71 17.55
C GLU A 57 14.67 -6.64 18.08
N ASN A 58 15.43 -6.03 17.17
CA ASN A 58 16.38 -4.99 17.55
C ASN A 58 15.96 -3.64 16.98
N PRO A 59 14.90 -3.06 17.55
CA PRO A 59 14.38 -1.76 17.12
C PRO A 59 15.33 -0.61 17.47
N ALA A 60 16.17 -0.22 16.51
CA ALA A 60 17.11 0.86 16.71
C ALA A 60 17.42 1.57 15.40
N ASP A 61 17.83 0.81 14.39
CA ASP A 61 18.16 1.37 13.09
C ASP A 61 16.97 1.25 12.13
N LEU A 62 16.46 0.03 12.00
CA LEU A 62 15.33 -0.21 11.11
C LEU A 62 14.19 0.76 11.40
N GLU A 63 14.10 1.21 12.64
CA GLU A 63 13.05 2.15 13.05
C GLU A 63 13.48 3.58 12.75
N MET B 1 11.26 -17.06 -6.37
CA MET B 1 11.05 -15.98 -5.42
C MET B 1 10.37 -16.48 -4.15
N LEU B 2 11.03 -16.27 -3.02
CA LEU B 2 10.49 -16.70 -1.73
C LEU B 2 10.28 -15.52 -0.79
N MET B 3 9.04 -15.31 -0.37
CA MET B 3 8.72 -14.22 0.55
C MET B 3 9.54 -14.30 1.82
N ILE B 4 10.28 -13.23 2.11
CA ILE B 4 11.11 -13.20 3.31
C ILE B 4 10.30 -12.76 4.53
N THR B 5 9.50 -11.71 4.36
CA THR B 5 8.67 -11.21 5.44
C THR B 5 7.77 -10.06 4.97
N SER B 6 7.02 -9.49 5.90
CA SER B 6 6.11 -8.39 5.56
C SER B 6 6.23 -7.27 6.59
N PHE B 7 6.44 -6.05 6.10
CA PHE B 7 6.56 -4.89 6.97
C PHE B 7 5.46 -3.88 6.70
N ALA B 8 5.35 -2.87 7.56
CA ALA B 8 4.33 -1.84 7.42
C ALA B 8 4.93 -0.45 7.53
N ASN B 9 6.16 -0.31 7.04
CA ASN B 9 6.86 0.98 7.09
C ASN B 9 8.01 1.01 6.08
N PRO B 10 8.19 2.17 5.44
CA PRO B 10 9.25 2.36 4.44
C PRO B 10 10.64 2.37 5.07
N ARG B 11 10.80 3.14 6.14
CA ARG B 11 12.07 3.24 6.84
C ARG B 11 12.62 1.86 7.17
N VAL B 12 11.75 1.01 7.71
CA VAL B 12 12.15 -0.35 8.08
C VAL B 12 12.46 -1.18 6.84
N ALA B 13 11.49 -1.26 5.93
CA ALA B 13 11.67 -2.02 4.69
C ALA B 13 12.99 -1.67 4.00
N GLN B 14 13.14 -0.40 3.66
CA GLN B 14 14.35 0.07 3.00
C GLN B 14 15.59 -0.26 3.83
N ALA B 15 15.52 0.06 5.12
CA ALA B 15 16.64 -0.19 6.03
C ALA B 15 17.07 -1.66 5.97
N PHE B 16 16.09 -2.56 6.02
CA PHE B 16 16.37 -3.99 5.98
C PHE B 16 17.11 -4.36 4.70
N VAL B 17 16.48 -4.09 3.56
CA VAL B 17 17.08 -4.40 2.26
C VAL B 17 18.40 -3.67 2.09
N ASP B 18 18.57 -2.57 2.81
CA ASP B 18 19.80 -1.78 2.74
C ASP B 18 20.97 -2.54 3.36
N TYR B 19 20.84 -2.88 4.64
CA TYR B 19 21.89 -3.60 5.35
C TYR B 19 22.10 -4.97 4.74
N MET B 20 21.07 -5.51 4.11
CA MET B 20 21.15 -6.83 3.49
C MET B 20 21.94 -6.76 2.19
N ALA B 21 21.66 -5.75 1.38
CA ALA B 21 22.34 -5.58 0.10
C ALA B 21 23.83 -5.31 0.32
N THR B 22 24.14 -4.47 1.30
CA THR B 22 25.52 -4.12 1.60
C THR B 22 26.26 -5.31 2.20
N GLN B 23 25.51 -6.34 2.59
CA GLN B 23 26.10 -7.53 3.18
C GLN B 23 26.25 -8.64 2.14
N GLY B 24 25.78 -8.37 0.93
CA GLY B 24 25.89 -9.34 -0.14
C GLY B 24 24.58 -10.07 -0.39
N VAL B 25 23.48 -9.50 0.12
CA VAL B 25 22.17 -10.11 -0.05
C VAL B 25 21.17 -9.10 -0.63
N ILE B 26 20.75 -9.35 -1.87
CA ILE B 26 19.79 -8.47 -2.53
C ILE B 26 18.35 -8.82 -2.15
N LEU B 27 17.61 -7.83 -1.70
CA LEU B 27 16.22 -8.02 -1.30
C LEU B 27 15.30 -7.10 -2.08
N THR B 28 14.00 -7.41 -2.07
CA THR B 28 13.02 -6.60 -2.77
C THR B 28 11.87 -6.22 -1.84
N ILE B 29 11.29 -5.04 -2.08
CA ILE B 29 10.18 -4.55 -1.26
C ILE B 29 8.98 -4.22 -2.12
N GLN B 30 7.78 -4.43 -1.58
CA GLN B 30 6.55 -4.16 -2.30
C GLN B 30 5.65 -3.22 -1.50
N GLN B 31 5.62 -1.96 -1.90
CA GLN B 31 4.80 -0.96 -1.22
C GLN B 31 3.36 -0.99 -1.72
N HIS B 32 2.49 -1.63 -0.95
CA HIS B 32 1.08 -1.74 -1.32
C HIS B 32 0.51 -0.36 -1.66
N ASN B 33 -0.59 -0.36 -2.40
CA ASN B 33 -1.25 0.89 -2.80
C ASN B 33 -2.75 0.70 -2.94
N GLN B 34 -3.34 -0.03 -1.99
CA GLN B 34 -4.78 -0.29 -2.01
C GLN B 34 -5.54 0.84 -1.33
N SER B 35 -6.51 1.41 -2.03
CA SER B 35 -7.32 2.50 -1.50
C SER B 35 -8.66 1.99 -0.99
N ASP B 36 -8.79 1.86 0.32
CA ASP B 36 -10.02 1.38 0.93
C ASP B 36 -11.00 2.54 1.14
N VAL B 37 -12.21 2.39 0.62
CA VAL B 37 -13.24 3.41 0.76
C VAL B 37 -14.21 3.07 1.88
N TRP B 38 -14.35 3.97 2.84
CA TRP B 38 -15.25 3.76 3.97
C TRP B 38 -16.14 4.98 4.19
N LEU B 39 -17.38 4.74 4.60
CA LEU B 39 -18.33 5.81 4.84
C LEU B 39 -18.73 5.85 6.32
N ALA B 40 -19.13 7.04 6.78
CA ALA B 40 -19.54 7.22 8.16
C ALA B 40 -21.06 7.27 8.29
N ASP B 41 -21.71 7.78 7.25
CA ASP B 41 -23.16 7.89 7.23
C ASP B 41 -23.80 6.66 6.60
N GLU B 42 -24.10 5.66 7.43
CA GLU B 42 -24.71 4.42 6.96
C GLU B 42 -25.91 4.72 6.07
N SER B 43 -26.70 5.72 6.45
CA SER B 43 -27.89 6.09 5.70
C SER B 43 -27.54 6.36 4.23
N GLN B 44 -26.37 6.95 4.01
CA GLN B 44 -25.91 7.25 2.67
C GLN B 44 -25.17 6.06 2.05
N ALA B 45 -24.80 5.11 2.89
CA ALA B 45 -24.10 3.92 2.43
C ALA B 45 -24.83 3.26 1.27
N GLU B 46 -26.15 3.45 1.22
CA GLU B 46 -26.96 2.87 0.16
C GLU B 46 -26.84 3.68 -1.13
N ARG B 47 -27.09 4.98 -1.03
CA ARG B 47 -27.00 5.86 -2.19
C ARG B 47 -25.61 5.80 -2.82
N VAL B 48 -24.58 5.65 -1.98
CA VAL B 48 -23.21 5.58 -2.45
C VAL B 48 -22.93 4.24 -3.11
N ARG B 49 -23.44 3.17 -2.51
CA ARG B 49 -23.24 1.82 -3.03
C ARG B 49 -23.78 1.71 -4.45
N ALA B 50 -24.96 2.28 -4.68
CA ALA B 50 -25.58 2.25 -6.00
C ALA B 50 -24.80 3.09 -7.00
N GLU B 51 -24.63 4.38 -6.67
CA GLU B 51 -23.90 5.28 -7.54
C GLU B 51 -22.49 4.77 -7.82
N LEU B 52 -21.87 4.20 -6.81
CA LEU B 52 -20.52 3.66 -6.94
C LEU B 52 -20.48 2.53 -7.96
N ALA B 53 -21.36 1.54 -7.77
CA ALA B 53 -21.43 0.40 -8.68
C ALA B 53 -21.75 0.84 -10.10
N ARG B 54 -22.48 1.94 -10.22
CA ARG B 54 -22.86 2.48 -11.53
C ARG B 54 -21.70 3.25 -12.15
N PHE B 55 -20.84 3.81 -11.31
CA PHE B 55 -19.69 4.57 -11.78
C PHE B 55 -18.54 3.64 -12.14
N LEU B 56 -18.37 2.59 -11.35
CA LEU B 56 -17.30 1.62 -11.58
C LEU B 56 -17.38 1.05 -12.99
N GLU B 57 -18.60 0.78 -13.45
CA GLU B 57 -18.81 0.23 -14.78
C GLU B 57 -18.68 1.32 -15.85
N ASN B 58 -18.47 2.55 -15.40
CA ASN B 58 -18.33 3.69 -16.31
C ASN B 58 -16.92 4.26 -16.26
N PRO B 59 -15.96 3.51 -16.82
CA PRO B 59 -14.55 3.93 -16.86
C PRO B 59 -14.32 5.11 -17.79
N ALA B 60 -14.30 6.32 -17.21
CA ALA B 60 -14.09 7.53 -18.00
C ALA B 60 -13.39 8.60 -17.17
N ASP B 61 -14.01 8.95 -16.04
CA ASP B 61 -13.44 9.97 -15.16
C ASP B 61 -12.61 9.32 -14.04
N LEU B 62 -13.22 8.38 -13.34
CA LEU B 62 -12.53 7.68 -12.25
C LEU B 62 -11.17 7.18 -12.70
N GLU B 63 -11.06 6.86 -13.99
CA GLU B 63 -9.80 6.37 -14.54
C GLU B 63 -8.96 7.52 -15.10
#